data_4KW0
# 
_entry.id   4KW0 
# 
_audit_conform.dict_name       mmcif_pdbx.dic 
_audit_conform.dict_version    5.379 
_audit_conform.dict_location   http://mmcif.pdb.org/dictionaries/ascii/mmcif_pdbx.dic 
# 
loop_
_database_2.database_id 
_database_2.database_code 
_database_2.pdbx_database_accession 
_database_2.pdbx_DOI 
PDB   4KW0         pdb_00004kw0 10.2210/pdb4kw0/pdb 
NDB   NA2479       ?            ?                   
RCSB  RCSB079864   ?            ?                   
WWPDB D_1000079864 ?            ?                   
# 
_pdbx_database_status.status_code                     REL 
_pdbx_database_status.entry_id                        4KW0 
_pdbx_database_status.recvd_initial_deposition_date   2013-05-23 
_pdbx_database_status.deposit_site                    RCSB 
_pdbx_database_status.process_site                    RCSB 
_pdbx_database_status.status_code_sf                  REL 
_pdbx_database_status.status_code_mr                  ? 
_pdbx_database_status.SG_entry                        ? 
_pdbx_database_status.status_code_cs                  ? 
_pdbx_database_status.methods_development_category    ? 
_pdbx_database_status.pdb_format_compatible           Y 
_pdbx_database_status.status_code_nmr_data            ? 
# 
loop_
_audit_author.name 
_audit_author.pdbx_ordinal 
'Jiang, S.' 1 
'Gan, J.'   2 
'Sheng, J.' 3 
'Sun, H.'   4 
'Huang, Z.' 5 
# 
_citation.id                        primary 
_citation.title                     
;Structure of Dickerson-Drew Dodecamer with 2'-MeSe-ara-G modification
;
_citation.journal_abbrev            'TO BE PUBLISHED' 
_citation.journal_volume            ? 
_citation.page_first                ? 
_citation.page_last                 ? 
_citation.year                      ? 
_citation.journal_id_ASTM           ? 
_citation.country                   ? 
_citation.journal_id_ISSN           ? 
_citation.journal_id_CSD            0353 
_citation.book_publisher            ? 
_citation.pdbx_database_id_PubMed   ? 
_citation.pdbx_database_id_DOI      ? 
# 
loop_
_citation_author.citation_id 
_citation_author.name 
_citation_author.ordinal 
_citation_author.identifier_ORCID 
primary 'Jiang, S.' 1 ? 
primary 'Gan, J.'   2 ? 
primary 'Sheng, J.' 3 ? 
primary 'Sun, H.'   4 ? 
primary 'Huang, Z.' 5 ? 
# 
_cell.entry_id           4KW0 
_cell.length_a           25.780 
_cell.length_b           39.893 
_cell.length_c           65.690 
_cell.angle_alpha        90.00 
_cell.angle_beta         90.00 
_cell.angle_gamma        90.00 
_cell.Z_PDB              8 
_cell.pdbx_unique_axis   ? 
_cell.length_a_esd       ? 
_cell.length_b_esd       ? 
_cell.length_c_esd       ? 
_cell.angle_alpha_esd    ? 
_cell.angle_beta_esd     ? 
_cell.angle_gamma_esd    ? 
# 
_symmetry.entry_id                         4KW0 
_symmetry.space_group_name_H-M             'P 21 21 21' 
_symmetry.pdbx_full_space_group_name_H-M   ? 
_symmetry.cell_setting                     ? 
_symmetry.Int_Tables_number                19 
_symmetry.space_group_name_Hall            ? 
# 
loop_
_entity.id 
_entity.type 
_entity.src_method 
_entity.pdbx_description 
_entity.formula_weight 
_entity.pdbx_number_of_molecules 
_entity.pdbx_ec 
_entity.pdbx_mutation 
_entity.pdbx_fragment 
_entity.details 
1 polymer     syn 
;DNA (5'-D(*CP*GP*CP*GP*AP*AP*TP*TP*CP*(1TW)P*CP*G)-3')
;
3756.379 2  ? ? ? ? 
2 non-polymer syn 'MAGNESIUM ION'                                          24.305   1  ? ? ? ? 
3 water       nat water                                                    18.015   89 ? ? ? ? 
# 
_entity_poly.entity_id                      1 
_entity_poly.type                           polydeoxyribonucleotide 
_entity_poly.nstd_linkage                   no 
_entity_poly.nstd_monomer                   yes 
_entity_poly.pdbx_seq_one_letter_code       '(DC)(DG)(DC)(DG)(DA)(DA)(DT)(DT)(DC)(1TW)(DC)(DG)' 
_entity_poly.pdbx_seq_one_letter_code_can   CGCGAATTCXCG 
_entity_poly.pdbx_strand_id                 A,B 
_entity_poly.pdbx_target_identifier         ? 
# 
loop_
_entity_poly_seq.entity_id 
_entity_poly_seq.num 
_entity_poly_seq.mon_id 
_entity_poly_seq.hetero 
1 1  DC  n 
1 2  DG  n 
1 3  DC  n 
1 4  DG  n 
1 5  DA  n 
1 6  DA  n 
1 7  DT  n 
1 8  DT  n 
1 9  DC  n 
1 10 1TW n 
1 11 DC  n 
1 12 DG  n 
# 
_struct_ref.id                         1 
_struct_ref.db_name                    PDB 
_struct_ref.db_code                    4KW0 
_struct_ref.pdbx_db_accession          4KW0 
_struct_ref.entity_id                  1 
_struct_ref.pdbx_align_begin           ? 
_struct_ref.pdbx_seq_one_letter_code   ? 
_struct_ref.pdbx_db_isoform            ? 
# 
loop_
_struct_ref_seq.align_id 
_struct_ref_seq.ref_id 
_struct_ref_seq.pdbx_PDB_id_code 
_struct_ref_seq.pdbx_strand_id 
_struct_ref_seq.seq_align_beg 
_struct_ref_seq.pdbx_seq_align_beg_ins_code 
_struct_ref_seq.seq_align_end 
_struct_ref_seq.pdbx_seq_align_end_ins_code 
_struct_ref_seq.pdbx_db_accession 
_struct_ref_seq.db_align_beg 
_struct_ref_seq.pdbx_db_align_beg_ins_code 
_struct_ref_seq.db_align_end 
_struct_ref_seq.pdbx_db_align_end_ins_code 
_struct_ref_seq.pdbx_auth_seq_align_beg 
_struct_ref_seq.pdbx_auth_seq_align_end 
1 1 4KW0 A 1 ? 12 ? 4KW0 1  ? 12 ? 1  12 
2 1 4KW0 B 1 ? 12 ? 4KW0 13 ? 24 ? 13 24 
# 
loop_
_chem_comp.id 
_chem_comp.type 
_chem_comp.mon_nstd_flag 
_chem_comp.name 
_chem_comp.pdbx_synonyms 
_chem_comp.formula 
_chem_comp.formula_weight 
1TW 'DNA linking' . '2-amino-9-(2-Se-methyl-5-O-phosphono-2-seleno-beta-D-arabinofuranosyl)-1,9-dihydro-6H-purin-6-one' ? 
'C11 H16 N5 O7 P Se' 440.208 
DA  'DNA linking' y "2'-DEOXYADENOSINE-5'-MONOPHOSPHATE"                                                                ? 
'C10 H14 N5 O6 P'    331.222 
DC  'DNA linking' y "2'-DEOXYCYTIDINE-5'-MONOPHOSPHATE"                                                                 ? 
'C9 H14 N3 O7 P'     307.197 
DG  'DNA linking' y "2'-DEOXYGUANOSINE-5'-MONOPHOSPHATE"                                                                ? 
'C10 H14 N5 O7 P'    347.221 
DT  'DNA linking' y "THYMIDINE-5'-MONOPHOSPHATE"                                                                        ? 
'C10 H15 N2 O8 P'    322.208 
HOH non-polymer   . WATER                                                                                               ? 'H2 O' 
18.015  
MG  non-polymer   . 'MAGNESIUM ION'                                                                                     ? 'Mg 2' 
24.305  
# 
_exptl.entry_id          4KW0 
_exptl.method            'X-RAY DIFFRACTION' 
_exptl.crystals_number   2 
# 
_exptl_crystal.id                    1 
_exptl_crystal.density_meas          ? 
_exptl_crystal.density_Matthews      2.25 
_exptl_crystal.density_percent_sol   45.29 
_exptl_crystal.description           ? 
_exptl_crystal.F_000                 ? 
_exptl_crystal.preparation           ? 
# 
_exptl_crystal_grow.crystal_id      1 
_exptl_crystal_grow.method          'VAPOR DIFFUSION, HANGING DROP' 
_exptl_crystal_grow.temp            298 
_exptl_crystal_grow.temp_details    ? 
_exptl_crystal_grow.pH              7.0 
_exptl_crystal_grow.pdbx_details    
;10% v/v MPD, 40 mM Sodium Cacodylate, 12 mM Spermine tetra-HCl, 80 mM Sodium Chloride, 20 mM Magnesium Chloride, pH 7.0, VAPOR DIFFUSION, HANGING DROP, temperature 298K
;
_exptl_crystal_grow.pdbx_pH_range   ? 
# 
_diffrn.id                     1 
_diffrn.ambient_temp           100 
_diffrn.ambient_temp_details   ? 
_diffrn.crystal_id             1 
# 
_diffrn_detector.diffrn_id              1 
_diffrn_detector.detector               CCD 
_diffrn_detector.type                   'ADSC QUANTUM 315r' 
_diffrn_detector.pdbx_collection_date   2011-09-02 
_diffrn_detector.details                ? 
# 
_diffrn_radiation.diffrn_id                        1 
_diffrn_radiation.wavelength_id                    1 
_diffrn_radiation.pdbx_monochromatic_or_laue_m_l   M 
_diffrn_radiation.monochromator                    'Double crystal, Si(111)' 
_diffrn_radiation.pdbx_diffrn_protocol             'SINGLE WAVELENGTH' 
_diffrn_radiation.pdbx_scattering_type             x-ray 
# 
_diffrn_radiation_wavelength.id           1 
_diffrn_radiation_wavelength.wavelength   0.969 
_diffrn_radiation_wavelength.wt           1.0 
# 
_diffrn_source.diffrn_id                   1 
_diffrn_source.source                      SYNCHROTRON 
_diffrn_source.type                        'ALS BEAMLINE 8.2.2' 
_diffrn_source.pdbx_synchrotron_site       ALS 
_diffrn_source.pdbx_synchrotron_beamline   8.2.2 
_diffrn_source.pdbx_wavelength             ? 
_diffrn_source.pdbx_wavelength_list        0.969 
# 
_reflns.entry_id                     4KW0 
_reflns.observed_criterion_sigma_I   2.0 
_reflns.observed_criterion_sigma_F   2.0 
_reflns.d_resolution_low             15.00 
_reflns.d_resolution_high            1.49 
_reflns.number_obs                   10484 
_reflns.number_all                   11577 
_reflns.percent_possible_obs         0.9056 
_reflns.pdbx_Rmerge_I_obs            ? 
_reflns.pdbx_Rsym_value              0.075 
_reflns.pdbx_netI_over_sigmaI        14.75 
_reflns.B_iso_Wilson_estimate        ? 
_reflns.pdbx_redundancy              5.1 
_reflns.R_free_details               ? 
_reflns.limit_h_max                  ? 
_reflns.limit_h_min                  ? 
_reflns.limit_k_max                  ? 
_reflns.limit_k_min                  ? 
_reflns.limit_l_max                  ? 
_reflns.limit_l_min                  ? 
_reflns.observed_criterion_F_max     ? 
_reflns.observed_criterion_F_min     ? 
_reflns.pdbx_chi_squared             ? 
_reflns.pdbx_scaling_rejects         ? 
_reflns.pdbx_ordinal                 1 
_reflns.pdbx_diffrn_id               1 
# 
_reflns_shell.d_res_high             1.49 
_reflns_shell.d_res_low              1.54 
_reflns_shell.percent_possible_all   0.892 
_reflns_shell.Rmerge_I_obs           ? 
_reflns_shell.pdbx_Rsym_value        0.620 
_reflns_shell.meanI_over_sigI_obs    2.93 
_reflns_shell.pdbx_redundancy        3.8 
_reflns_shell.percent_possible_obs   ? 
_reflns_shell.number_unique_all      1003 
_reflns_shell.number_measured_all    ? 
_reflns_shell.number_measured_obs    ? 
_reflns_shell.number_unique_obs      ? 
_reflns_shell.pdbx_chi_squared       ? 
_reflns_shell.pdbx_ordinal           1 
_reflns_shell.pdbx_diffrn_id         1 
# 
_refine.entry_id                                 4KW0 
_refine.ls_number_reflns_obs                     9973 
_refine.ls_number_reflns_all                     ? 
_refine.pdbx_ls_sigma_I                          ? 
_refine.pdbx_ls_sigma_F                          ? 
_refine.pdbx_data_cutoff_high_absF               ? 
_refine.pdbx_data_cutoff_low_absF                ? 
_refine.pdbx_data_cutoff_high_rms_absF           ? 
_refine.ls_d_res_low                             15.00 
_refine.ls_d_res_high                            1.49 
_refine.ls_percent_reflns_obs                    90.42 
_refine.ls_R_factor_obs                          0.20473 
_refine.ls_R_factor_all                          ? 
_refine.ls_R_factor_R_work                       0.20279 
_refine.ls_R_factor_R_free                       0.24420 
_refine.ls_R_factor_R_free_error                 ? 
_refine.ls_R_factor_R_free_error_details         ? 
_refine.ls_percent_reflns_R_free                 4.9 
_refine.ls_number_reflns_R_free                  511 
_refine.ls_number_parameters                     ? 
_refine.ls_number_restraints                     ? 
_refine.occupancy_min                            ? 
_refine.occupancy_max                            ? 
_refine.correlation_coeff_Fo_to_Fc               0.939 
_refine.correlation_coeff_Fo_to_Fc_free          0.916 
_refine.B_iso_mean                               26.054 
_refine.aniso_B[1][1]                            1.27 
_refine.aniso_B[2][2]                            -0.57 
_refine.aniso_B[3][3]                            -0.69 
_refine.aniso_B[1][2]                            0.00 
_refine.aniso_B[1][3]                            0.00 
_refine.aniso_B[2][3]                            0.00 
_refine.solvent_model_details                    MASK 
_refine.solvent_model_param_ksol                 ? 
_refine.solvent_model_param_bsol                 ? 
_refine.pdbx_solvent_vdw_probe_radii             1.40 
_refine.pdbx_solvent_ion_probe_radii             0.80 
_refine.pdbx_solvent_shrinkage_radii             0.80 
_refine.pdbx_ls_cross_valid_method               THROUGHOUT 
_refine.details                                  'HYDROGENS HAVE BEEN ADDED IN THE RIDING POSITIONS' 
_refine.pdbx_starting_model                      1BNA 
_refine.pdbx_method_to_determine_struct          'MOLECULAR REPLACEMENT' 
_refine.pdbx_isotropic_thermal_model             ? 
_refine.pdbx_stereochemistry_target_values       'MAXIMUM LIKELIHOOD' 
_refine.pdbx_stereochem_target_val_spec_case     ? 
_refine.pdbx_R_Free_selection_details            RANDOM 
_refine.pdbx_overall_ESU_R                       0.112 
_refine.pdbx_overall_ESU_R_Free                  0.093 
_refine.overall_SU_ML                            0.053 
_refine.pdbx_overall_phase_error                 ? 
_refine.overall_SU_B                             3.172 
_refine.overall_SU_R_Cruickshank_DPI             ? 
_refine.ls_redundancy_reflns_obs                 ? 
_refine.B_iso_min                                ? 
_refine.B_iso_max                                ? 
_refine.overall_SU_R_free                        ? 
_refine.ls_wR_factor_R_free                      ? 
_refine.ls_wR_factor_R_work                      ? 
_refine.overall_FOM_free_R_set                   ? 
_refine.overall_FOM_work_R_set                   ? 
_refine.pdbx_diffrn_id                           1 
_refine.pdbx_refine_id                           'X-RAY DIFFRACTION' 
_refine.pdbx_TLS_residual_ADP_flag               ? 
_refine.pdbx_overall_SU_R_free_Cruickshank_DPI   ? 
_refine.pdbx_overall_SU_R_Blow_DPI               ? 
_refine.pdbx_overall_SU_R_free_Blow_DPI          ? 
# 
_refine_hist.pdbx_refine_id                   'X-RAY DIFFRACTION' 
_refine_hist.cycle_id                         LAST 
_refine_hist.pdbx_number_atoms_protein        0 
_refine_hist.pdbx_number_atoms_nucleic_acid   490 
_refine_hist.pdbx_number_atoms_ligand         1 
_refine_hist.number_atoms_solvent             89 
_refine_hist.number_atoms_total               580 
_refine_hist.d_res_high                       1.49 
_refine_hist.d_res_low                        15.00 
# 
loop_
_refine_ls_restr.type 
_refine_ls_restr.dev_ideal 
_refine_ls_restr.dev_ideal_target 
_refine_ls_restr.weight 
_refine_ls_restr.number 
_refine_ls_restr.pdbx_restraint_function 
_refine_ls_restr.pdbx_refine_id 
r_bond_refined_d             0.007 0.021 ? 548 ? 'X-RAY DIFFRACTION' 
r_bond_other_d               ?     ?     ? ?   ? 'X-RAY DIFFRACTION' 
r_angle_refined_deg          1.924 3.000 ? 842 ? 'X-RAY DIFFRACTION' 
r_angle_other_deg            ?     ?     ? ?   ? 'X-RAY DIFFRACTION' 
r_dihedral_angle_1_deg       ?     ?     ? ?   ? 'X-RAY DIFFRACTION' 
r_dihedral_angle_2_deg       ?     ?     ? ?   ? 'X-RAY DIFFRACTION' 
r_dihedral_angle_3_deg       ?     ?     ? ?   ? 'X-RAY DIFFRACTION' 
r_dihedral_angle_4_deg       ?     ?     ? ?   ? 'X-RAY DIFFRACTION' 
r_chiral_restr               0.064 0.200 ? 94  ? 'X-RAY DIFFRACTION' 
r_gen_planes_refined         0.012 0.020 ? 252 ? 'X-RAY DIFFRACTION' 
r_gen_planes_other           ?     ?     ? ?   ? 'X-RAY DIFFRACTION' 
r_nbd_refined                ?     ?     ? ?   ? 'X-RAY DIFFRACTION' 
r_nbd_other                  ?     ?     ? ?   ? 'X-RAY DIFFRACTION' 
r_nbtor_refined              ?     ?     ? ?   ? 'X-RAY DIFFRACTION' 
r_nbtor_other                ?     ?     ? ?   ? 'X-RAY DIFFRACTION' 
r_xyhbond_nbd_refined        ?     ?     ? ?   ? 'X-RAY DIFFRACTION' 
r_xyhbond_nbd_other          ?     ?     ? ?   ? 'X-RAY DIFFRACTION' 
r_metal_ion_refined          ?     ?     ? ?   ? 'X-RAY DIFFRACTION' 
r_metal_ion_other            ?     ?     ? ?   ? 'X-RAY DIFFRACTION' 
r_symmetry_vdw_refined       ?     ?     ? ?   ? 'X-RAY DIFFRACTION' 
r_symmetry_vdw_other         ?     ?     ? ?   ? 'X-RAY DIFFRACTION' 
r_symmetry_hbond_refined     ?     ?     ? ?   ? 'X-RAY DIFFRACTION' 
r_symmetry_hbond_other       ?     ?     ? ?   ? 'X-RAY DIFFRACTION' 
r_symmetry_metal_ion_refined ?     ?     ? ?   ? 'X-RAY DIFFRACTION' 
r_symmetry_metal_ion_other   ?     ?     ? ?   ? 'X-RAY DIFFRACTION' 
r_mcbond_it                  ?     ?     ? ?   ? 'X-RAY DIFFRACTION' 
r_mcbond_other               ?     ?     ? ?   ? 'X-RAY DIFFRACTION' 
r_mcangle_it                 ?     ?     ? ?   ? 'X-RAY DIFFRACTION' 
r_scbond_it                  2.044 3.000 ? 548 ? 'X-RAY DIFFRACTION' 
r_scangle_it                 2.999 4.500 ? 842 ? 'X-RAY DIFFRACTION' 
r_rigid_bond_restr           1.208 3.000 ? 548 ? 'X-RAY DIFFRACTION' 
r_sphericity_free            ?     ?     ? ?   ? 'X-RAY DIFFRACTION' 
r_sphericity_bonded          ?     ?     ? ?   ? 'X-RAY DIFFRACTION' 
# 
_refine_ls_shell.pdbx_total_number_of_bins_used   20 
_refine_ls_shell.d_res_high                       1.491 
_refine_ls_shell.d_res_low                        1.530 
_refine_ls_shell.number_reflns_R_work             688 
_refine_ls_shell.R_factor_R_work                  0.256 
_refine_ls_shell.percent_reflns_obs               85.60 
_refine_ls_shell.R_factor_R_free                  0.309 
_refine_ls_shell.R_factor_R_free_error            ? 
_refine_ls_shell.percent_reflns_R_free            ? 
_refine_ls_shell.number_reflns_R_free             43 
_refine_ls_shell.number_reflns_all                ? 
_refine_ls_shell.R_factor_all                     ? 
_refine_ls_shell.number_reflns_obs                ? 
_refine_ls_shell.redundancy_reflns_obs            ? 
_refine_ls_shell.pdbx_refine_id                   'X-RAY DIFFRACTION' 
# 
_struct.entry_id                  4KW0 
_struct.title                     
;Structure of Dickerson-Drew Dodecamer with 2'-MeSe-ara-G modification
;
_struct.pdbx_model_details        ? 
_struct.pdbx_CASP_flag            ? 
_struct.pdbx_model_type_details   ? 
# 
_struct_keywords.entry_id        4KW0 
_struct_keywords.pdbx_keywords   DNA 
_struct_keywords.text            
;B-DNA, 2'-MeSe-arabinosyl-deoxyguanosine, DNA
;
# 
loop_
_struct_asym.id 
_struct_asym.pdbx_blank_PDB_chainid_flag 
_struct_asym.pdbx_modified 
_struct_asym.entity_id 
_struct_asym.details 
A N N 1 ? 
B N N 1 ? 
C N N 2 ? 
D N N 3 ? 
E N N 3 ? 
# 
_struct_biol.id        1 
_struct_biol.details   ? 
# 
loop_
_struct_conn.id 
_struct_conn.conn_type_id 
_struct_conn.pdbx_leaving_atom_flag 
_struct_conn.pdbx_PDB_id 
_struct_conn.ptnr1_label_asym_id 
_struct_conn.ptnr1_label_comp_id 
_struct_conn.ptnr1_label_seq_id 
_struct_conn.ptnr1_label_atom_id 
_struct_conn.pdbx_ptnr1_label_alt_id 
_struct_conn.pdbx_ptnr1_PDB_ins_code 
_struct_conn.pdbx_ptnr1_standard_comp_id 
_struct_conn.ptnr1_symmetry 
_struct_conn.ptnr2_label_asym_id 
_struct_conn.ptnr2_label_comp_id 
_struct_conn.ptnr2_label_seq_id 
_struct_conn.ptnr2_label_atom_id 
_struct_conn.pdbx_ptnr2_label_alt_id 
_struct_conn.pdbx_ptnr2_PDB_ins_code 
_struct_conn.ptnr1_auth_asym_id 
_struct_conn.ptnr1_auth_comp_id 
_struct_conn.ptnr1_auth_seq_id 
_struct_conn.ptnr2_auth_asym_id 
_struct_conn.ptnr2_auth_comp_id 
_struct_conn.ptnr2_auth_seq_id 
_struct_conn.ptnr2_symmetry 
_struct_conn.pdbx_ptnr3_label_atom_id 
_struct_conn.pdbx_ptnr3_label_seq_id 
_struct_conn.pdbx_ptnr3_label_comp_id 
_struct_conn.pdbx_ptnr3_label_asym_id 
_struct_conn.pdbx_ptnr3_label_alt_id 
_struct_conn.pdbx_ptnr3_PDB_ins_code 
_struct_conn.details 
_struct_conn.pdbx_dist_value 
_struct_conn.pdbx_value_order 
_struct_conn.pdbx_role 
covale1  covale both ? A DC  9  "O3'" ? ? ? 1_555 A 1TW 10 P  ? ? A DC  9   A 1TW 10  1_555 ? ? ? ? ? ? ?            1.600 ? ? 
covale2  covale one  ? A 1TW 10 "O3'" ? ? ? 1_555 A DC  11 P  ? ? A 1TW 10  A DC  11  1_555 ? ? ? ? ? ? ?            1.596 ? ? 
covale3  covale both ? B DC  9  "O3'" ? ? ? 1_555 B 1TW 10 P  ? ? B DC  21  B 1TW 22  1_555 ? ? ? ? ? ? ?            1.595 ? ? 
covale4  covale one  ? B 1TW 10 "O3'" ? ? ? 1_555 B DC  11 P  ? ? B 1TW 22  B DC  23  1_555 ? ? ? ? ? ? ?            1.595 ? ? 
metalc1  metalc ?    ? C MG  .  MG    ? ? ? 1_555 D HOH .  O  ? ? A MG  101 A HOH 228 1_555 ? ? ? ? ? ? ?            2.096 ? ? 
metalc2  metalc ?    ? C MG  .  MG    ? ? ? 1_555 D HOH .  O  ? ? A MG  101 A HOH 229 1_555 ? ? ? ? ? ? ?            2.036 ? ? 
metalc3  metalc ?    ? C MG  .  MG    ? ? ? 1_555 E HOH .  O  ? ? A MG  101 B HOH 102 1_555 ? ? ? ? ? ? ?            2.008 ? ? 
metalc4  metalc ?    ? C MG  .  MG    ? ? ? 1_555 E HOH .  O  ? ? A MG  101 B HOH 116 1_555 ? ? ? ? ? ? ?            2.060 ? ? 
hydrog1  hydrog ?    ? A DC  1  N3    ? ? ? 1_555 B DG  12 N1 ? ? A DC  1   B DG  24  1_555 ? ? ? ? ? ? WATSON-CRICK ?     ? ? 
hydrog2  hydrog ?    ? A DC  1  N4    ? ? ? 1_555 B DG  12 O6 ? ? A DC  1   B DG  24  1_555 ? ? ? ? ? ? WATSON-CRICK ?     ? ? 
hydrog3  hydrog ?    ? A DC  1  O2    ? ? ? 1_555 B DG  12 N2 ? ? A DC  1   B DG  24  1_555 ? ? ? ? ? ? WATSON-CRICK ?     ? ? 
hydrog4  hydrog ?    ? A DG  2  N1    ? ? ? 1_555 B DC  11 N3 ? ? A DG  2   B DC  23  1_555 ? ? ? ? ? ? WATSON-CRICK ?     ? ? 
hydrog5  hydrog ?    ? A DG  2  N2    ? ? ? 1_555 B DC  11 O2 ? ? A DG  2   B DC  23  1_555 ? ? ? ? ? ? WATSON-CRICK ?     ? ? 
hydrog6  hydrog ?    ? A DG  2  O6    ? ? ? 1_555 B DC  11 N4 ? ? A DG  2   B DC  23  1_555 ? ? ? ? ? ? WATSON-CRICK ?     ? ? 
hydrog7  hydrog ?    ? A DC  3  N3    ? ? ? 1_555 B 1TW 10 N1 ? ? A DC  3   B 1TW 22  1_555 ? ? ? ? ? ? WATSON-CRICK ?     ? ? 
hydrog8  hydrog ?    ? A DC  3  N4    ? ? ? 1_555 B 1TW 10 O6 ? ? A DC  3   B 1TW 22  1_555 ? ? ? ? ? ? WATSON-CRICK ?     ? ? 
hydrog9  hydrog ?    ? A DC  3  O2    ? ? ? 1_555 B 1TW 10 N2 ? ? A DC  3   B 1TW 22  1_555 ? ? ? ? ? ? WATSON-CRICK ?     ? ? 
hydrog10 hydrog ?    ? A DG  4  N1    ? ? ? 1_555 B DC  9  N3 ? ? A DG  4   B DC  21  1_555 ? ? ? ? ? ? WATSON-CRICK ?     ? ? 
hydrog11 hydrog ?    ? A DG  4  N2    ? ? ? 1_555 B DC  9  O2 ? ? A DG  4   B DC  21  1_555 ? ? ? ? ? ? WATSON-CRICK ?     ? ? 
hydrog12 hydrog ?    ? A DG  4  O6    ? ? ? 1_555 B DC  9  N4 ? ? A DG  4   B DC  21  1_555 ? ? ? ? ? ? WATSON-CRICK ?     ? ? 
hydrog13 hydrog ?    ? A DA  5  N1    ? ? ? 1_555 B DT  8  N3 ? ? A DA  5   B DT  20  1_555 ? ? ? ? ? ? WATSON-CRICK ?     ? ? 
hydrog14 hydrog ?    ? A DA  5  N6    ? ? ? 1_555 B DT  8  O4 ? ? A DA  5   B DT  20  1_555 ? ? ? ? ? ? WATSON-CRICK ?     ? ? 
hydrog15 hydrog ?    ? A DA  6  N1    ? ? ? 1_555 B DT  7  N3 ? ? A DA  6   B DT  19  1_555 ? ? ? ? ? ? WATSON-CRICK ?     ? ? 
hydrog16 hydrog ?    ? A DA  6  N6    ? ? ? 1_555 B DT  7  O4 ? ? A DA  6   B DT  19  1_555 ? ? ? ? ? ? WATSON-CRICK ?     ? ? 
hydrog17 hydrog ?    ? A DT  7  N3    ? ? ? 1_555 B DA  6  N1 ? ? A DT  7   B DA  18  1_555 ? ? ? ? ? ? WATSON-CRICK ?     ? ? 
hydrog18 hydrog ?    ? A DT  7  O4    ? ? ? 1_555 B DA  6  N6 ? ? A DT  7   B DA  18  1_555 ? ? ? ? ? ? WATSON-CRICK ?     ? ? 
hydrog19 hydrog ?    ? A DT  8  N3    ? ? ? 1_555 B DA  5  N1 ? ? A DT  8   B DA  17  1_555 ? ? ? ? ? ? WATSON-CRICK ?     ? ? 
hydrog20 hydrog ?    ? A DT  8  O4    ? ? ? 1_555 B DA  5  N6 ? ? A DT  8   B DA  17  1_555 ? ? ? ? ? ? WATSON-CRICK ?     ? ? 
hydrog21 hydrog ?    ? A DC  9  N3    ? ? ? 1_555 B DG  4  N1 ? ? A DC  9   B DG  16  1_555 ? ? ? ? ? ? WATSON-CRICK ?     ? ? 
hydrog22 hydrog ?    ? A DC  9  N4    ? ? ? 1_555 B DG  4  O6 ? ? A DC  9   B DG  16  1_555 ? ? ? ? ? ? WATSON-CRICK ?     ? ? 
hydrog23 hydrog ?    ? A DC  9  O2    ? ? ? 1_555 B DG  4  N2 ? ? A DC  9   B DG  16  1_555 ? ? ? ? ? ? WATSON-CRICK ?     ? ? 
hydrog24 hydrog ?    ? A 1TW 10 N1    ? ? ? 1_555 B DC  3  N3 ? ? A 1TW 10  B DC  15  1_555 ? ? ? ? ? ? WATSON-CRICK ?     ? ? 
hydrog25 hydrog ?    ? A 1TW 10 N2    ? ? ? 1_555 B DC  3  O2 ? ? A 1TW 10  B DC  15  1_555 ? ? ? ? ? ? WATSON-CRICK ?     ? ? 
hydrog26 hydrog ?    ? A 1TW 10 O6    ? ? ? 1_555 B DC  3  N4 ? ? A 1TW 10  B DC  15  1_555 ? ? ? ? ? ? WATSON-CRICK ?     ? ? 
hydrog27 hydrog ?    ? A DC  11 N3    ? ? ? 1_555 B DG  2  N1 ? ? A DC  11  B DG  14  1_555 ? ? ? ? ? ? WATSON-CRICK ?     ? ? 
hydrog28 hydrog ?    ? A DC  11 N4    ? ? ? 1_555 B DG  2  O6 ? ? A DC  11  B DG  14  1_555 ? ? ? ? ? ? WATSON-CRICK ?     ? ? 
hydrog29 hydrog ?    ? A DC  11 O2    ? ? ? 1_555 B DG  2  N2 ? ? A DC  11  B DG  14  1_555 ? ? ? ? ? ? WATSON-CRICK ?     ? ? 
hydrog30 hydrog ?    ? A DG  12 N1    ? ? ? 1_555 B DC  1  N3 ? ? A DG  12  B DC  13  1_555 ? ? ? ? ? ? WATSON-CRICK ?     ? ? 
hydrog31 hydrog ?    ? A DG  12 N2    ? ? ? 1_555 B DC  1  O2 ? ? A DG  12  B DC  13  1_555 ? ? ? ? ? ? WATSON-CRICK ?     ? ? 
hydrog32 hydrog ?    ? A DG  12 O6    ? ? ? 1_555 B DC  1  N4 ? ? A DG  12  B DC  13  1_555 ? ? ? ? ? ? WATSON-CRICK ?     ? ? 
# 
loop_
_struct_conn_type.id 
_struct_conn_type.criteria 
_struct_conn_type.reference 
covale ? ? 
metalc ? ? 
hydrog ? ? 
# 
loop_
_struct_site.id 
_struct_site.pdbx_evidence_code 
_struct_site.pdbx_auth_asym_id 
_struct_site.pdbx_auth_comp_id 
_struct_site.pdbx_auth_seq_id 
_struct_site.pdbx_auth_ins_code 
_struct_site.pdbx_num_residues 
_struct_site.details 
AC1 Software A 1TW 10  ? 13 'BINDING SITE FOR RESIDUE 1TW A 10' 
AC2 Software B 1TW 22  ? 12 'BINDING SITE FOR RESIDUE 1TW B 22' 
AC3 Software A MG  101 ? 6  'BINDING SITE FOR RESIDUE MG A 101' 
# 
loop_
_struct_site_gen.id 
_struct_site_gen.site_id 
_struct_site_gen.pdbx_num_res 
_struct_site_gen.label_comp_id 
_struct_site_gen.label_asym_id 
_struct_site_gen.label_seq_id 
_struct_site_gen.pdbx_auth_ins_code 
_struct_site_gen.auth_comp_id 
_struct_site_gen.auth_asym_id 
_struct_site_gen.auth_seq_id 
_struct_site_gen.label_atom_id 
_struct_site_gen.label_alt_id 
_struct_site_gen.symmetry 
_struct_site_gen.details 
1  AC1 13 DC  A 9  ? DC  A 9   . ? 1_555 ? 
2  AC1 13 DC  A 11 ? DC  A 11  . ? 1_555 ? 
3  AC1 13 HOH D .  ? HOH A 211 . ? 1_555 ? 
4  AC1 13 HOH D .  ? HOH A 217 . ? 1_555 ? 
5  AC1 13 HOH D .  ? HOH A 223 . ? 1_555 ? 
6  AC1 13 HOH D .  ? HOH A 224 . ? 1_555 ? 
7  AC1 13 HOH D .  ? HOH A 239 . ? 1_555 ? 
8  AC1 13 HOH D .  ? HOH A 242 . ? 1_555 ? 
9  AC1 13 HOH D .  ? HOH A 243 . ? 1_555 ? 
10 AC1 13 DG  B 2  ? DG  B 14  . ? 1_555 ? 
11 AC1 13 DC  B 3  ? DC  B 15  . ? 1_555 ? 
12 AC1 13 DG  B 4  ? DG  B 16  . ? 1_555 ? 
13 AC1 13 DG  B 12 ? DG  B 24  . ? 2_664 ? 
14 AC2 12 DG  A 2  ? DG  A 2   . ? 1_555 ? 
15 AC2 12 DC  A 3  ? DC  A 3   . ? 1_555 ? 
16 AC2 12 DG  A 4  ? DG  A 4   . ? 1_555 ? 
17 AC2 12 DG  A 12 ? DG  A 12  . ? 2_665 ? 
18 AC2 12 DC  B 9  ? DC  B 21  . ? 1_555 ? 
19 AC2 12 DC  B 11 ? DC  B 23  . ? 1_555 ? 
20 AC2 12 HOH E .  ? HOH B 102 . ? 1_555 ? 
21 AC2 12 HOH E .  ? HOH B 103 . ? 1_555 ? 
22 AC2 12 HOH E .  ? HOH B 104 . ? 1_555 ? 
23 AC2 12 HOH E .  ? HOH B 120 . ? 1_555 ? 
24 AC2 12 HOH E .  ? HOH B 129 . ? 1_555 ? 
25 AC2 12 HOH E .  ? HOH B 133 . ? 1_555 ? 
26 AC3 6  HOH D .  ? HOH A 201 . ? 3_655 ? 
27 AC3 6  HOH D .  ? HOH A 206 . ? 3_655 ? 
28 AC3 6  HOH D .  ? HOH A 228 . ? 1_555 ? 
29 AC3 6  HOH D .  ? HOH A 229 . ? 1_555 ? 
30 AC3 6  HOH E .  ? HOH B 102 . ? 1_555 ? 
31 AC3 6  HOH E .  ? HOH B 116 . ? 1_555 ? 
# 
_atom_sites.entry_id                    4KW0 
_atom_sites.fract_transf_matrix[1][1]   0.01206066 
_atom_sites.fract_transf_matrix[1][2]   0.02776868 
_atom_sites.fract_transf_matrix[1][3]   0.02425087 
_atom_sites.fract_transf_matrix[2][1]   0.01002347 
_atom_sites.fract_transf_matrix[2][2]   -0.01742821 
_atom_sites.fract_transf_matrix[2][3]   0.01497137 
_atom_sites.fract_transf_matrix[3][1]   0.01312567 
_atom_sites.fract_transf_matrix[3][2]   0.00097870 
_atom_sites.fract_transf_matrix[3][3]   -0.00764844 
_atom_sites.fract_transf_vector[1]      0.577071 
_atom_sites.fract_transf_vector[2]      0.523344 
_atom_sites.fract_transf_vector[3]      0.134663 
# 
loop_
_atom_type.symbol 
C  
MG 
N  
O  
P  
SE 
# 
loop_
_atom_site.group_PDB 
_atom_site.id 
_atom_site.type_symbol 
_atom_site.label_atom_id 
_atom_site.label_alt_id 
_atom_site.label_comp_id 
_atom_site.label_asym_id 
_atom_site.label_entity_id 
_atom_site.label_seq_id 
_atom_site.pdbx_PDB_ins_code 
_atom_site.Cartn_x 
_atom_site.Cartn_y 
_atom_site.Cartn_z 
_atom_site.occupancy 
_atom_site.B_iso_or_equiv 
_atom_site.pdbx_formal_charge 
_atom_site.auth_seq_id 
_atom_site.auth_comp_id 
_atom_site.auth_asym_id 
_atom_site.auth_atom_id 
_atom_site.pdbx_PDB_model_num 
ATOM   1   O  "O5'" . DC  A 1 1  ? 20.036  -4.380  4.685   1.00 29.04 ? 1   DC  A "O5'" 1 
ATOM   2   C  "C5'" . DC  A 1 1  ? 19.635  -4.030  3.367   1.00 25.64 ? 1   DC  A "C5'" 1 
ATOM   3   C  "C4'" . DC  A 1 1  ? 19.341  -2.545  3.295   1.00 25.29 ? 1   DC  A "C4'" 1 
ATOM   4   O  "O4'" . DC  A 1 1  ? 19.178  -2.164  1.916   1.00 23.27 ? 1   DC  A "O4'" 1 
ATOM   5   C  "C3'" . DC  A 1 1  ? 18.076  -2.095  4.016   1.00 25.46 ? 1   DC  A "C3'" 1 
ATOM   6   O  "O3'" . DC  A 1 1  ? 18.373  -0.863  4.657   1.00 27.69 ? 1   DC  A "O3'" 1 
ATOM   7   C  "C2'" . DC  A 1 1  ? 17.049  -1.953  2.893   1.00 24.28 ? 1   DC  A "C2'" 1 
ATOM   8   C  "C1'" . DC  A 1 1  ? 17.930  -1.525  1.729   1.00 22.03 ? 1   DC  A "C1'" 1 
ATOM   9   N  N1    . DC  A 1 1  ? 17.509  -1.935  0.357   1.00 20.47 ? 1   DC  A N1    1 
ATOM   10  C  C2    . DC  A 1 1  ? 17.655  -1.014  -0.702  1.00 19.89 ? 1   DC  A C2    1 
ATOM   11  O  O2    . DC  A 1 1  ? 18.091  0.116   -0.452  1.00 21.97 ? 1   DC  A O2    1 
ATOM   12  N  N3    . DC  A 1 1  ? 17.308  -1.389  -1.962  1.00 19.73 ? 1   DC  A N3    1 
ATOM   13  C  C4    . DC  A 1 1  ? 16.827  -2.624  -2.181  1.00 20.43 ? 1   DC  A C4    1 
ATOM   14  N  N4    . DC  A 1 1  ? 16.482  -2.972  -3.425  1.00 22.14 ? 1   DC  A N4    1 
ATOM   15  C  C5    . DC  A 1 1  ? 16.686  -3.570  -1.122  1.00 20.49 ? 1   DC  A C5    1 
ATOM   16  C  C6    . DC  A 1 1  ? 17.038  -3.196  0.108   1.00 20.13 ? 1   DC  A C6    1 
ATOM   17  P  P     . DG  A 1 2  ? 17.359  -0.132  5.644   1.00 29.71 ? 2   DG  A P     1 
ATOM   18  O  OP1   . DG  A 1 2  ? 18.182  0.567   6.659   1.00 31.51 ? 2   DG  A OP1   1 
ATOM   19  O  OP2   . DG  A 1 2  ? 16.294  -1.072  6.050   1.00 29.86 ? 2   DG  A OP2   1 
ATOM   20  O  "O5'" . DG  A 1 2  ? 16.660  0.935   4.699   1.00 30.23 ? 2   DG  A "O5'" 1 
ATOM   21  C  "C5'" . DG  A 1 2  ? 17.385  2.060   4.250   1.00 29.11 ? 2   DG  A "C5'" 1 
ATOM   22  C  "C4'" . DG  A 1 2  ? 16.471  2.854   3.349   1.00 27.11 ? 2   DG  A "C4'" 1 
ATOM   23  O  "O4'" . DG  A 1 2  ? 16.195  2.096   2.151   1.00 26.95 ? 2   DG  A "O4'" 1 
ATOM   24  C  "C3'" . DG  A 1 2  ? 15.126  3.183   3.981   1.00 26.23 ? 2   DG  A "C3'" 1 
ATOM   25  O  "O3'" . DG  A 1 2  ? 15.069  4.587   3.905   1.00 28.51 ? 2   DG  A "O3'" 1 
ATOM   26  C  "C2'" . DG  A 1 2  ? 14.102  2.451   3.113   1.00 25.93 ? 2   DG  A "C2'" 1 
ATOM   27  C  "C1'" . DG  A 1 2  ? 14.846  2.300   1.793   1.00 24.79 ? 2   DG  A "C1'" 1 
ATOM   28  N  N9    . DG  A 1 2  ? 14.510  1.149   0.955   1.00 21.98 ? 2   DG  A N9    1 
ATOM   29  C  C8    . DG  A 1 2  ? 14.305  -0.150  1.354   1.00 21.48 ? 2   DG  A C8    1 
ATOM   30  N  N7    . DG  A 1 2  ? 14.057  -0.949  0.357   1.00 20.35 ? 2   DG  A N7    1 
ATOM   31  C  C5    . DG  A 1 2  ? 14.120  -0.138  -0.772  1.00 19.17 ? 2   DG  A C5    1 
ATOM   32  C  C6    . DG  A 1 2  ? 13.931  -0.444  -2.149  1.00 19.46 ? 2   DG  A C6    1 
ATOM   33  O  O6    . DG  A 1 2  ? 13.675  -1.541  -2.668  1.00 20.73 ? 2   DG  A O6    1 
ATOM   34  N  N1    . DG  A 1 2  ? 14.083  0.682   -2.963  1.00 18.97 ? 2   DG  A N1    1 
ATOM   35  C  C2    . DG  A 1 2  ? 14.373  1.951   -2.507  1.00 19.41 ? 2   DG  A C2    1 
ATOM   36  N  N2    . DG  A 1 2  ? 14.466  2.930   -3.423  1.00 20.58 ? 2   DG  A N2    1 
ATOM   37  N  N3    . DG  A 1 2  ? 14.545  2.246   -1.224  1.00 19.63 ? 2   DG  A N3    1 
ATOM   38  C  C4    . DG  A 1 2  ? 14.405  1.161   -0.415  1.00 20.82 ? 2   DG  A C4    1 
ATOM   39  P  P     . DC  A 1 3  ? 13.908  5.479   4.544   1.00 28.56 ? 3   DC  A P     1 
ATOM   40  O  OP1   . DC  A 1 3  ? 14.595  6.655   5.119   1.00 30.83 ? 3   DC  A OP1   1 
ATOM   41  O  OP2   . DC  A 1 3  ? 12.978  4.673   5.362   1.00 31.46 ? 3   DC  A OP2   1 
ATOM   42  O  "O5'" . DC  A 1 3  ? 13.086  5.933   3.261   1.00 27.49 ? 3   DC  A "O5'" 1 
ATOM   43  C  "C5'" . DC  A 1 3  ? 13.762  6.601   2.194   1.00 24.34 ? 3   DC  A "C5'" 1 
ATOM   44  C  "C4'" . DC  A 1 3  ? 12.926  6.505   0.941   1.00 23.89 ? 3   DC  A "C4'" 1 
ATOM   45  O  "O4'" . DC  A 1 3  ? 12.928  5.131   0.528   1.00 23.01 ? 3   DC  A "O4'" 1 
ATOM   46  C  "C3'" . DC  A 1 3  ? 11.461  6.864   1.148   1.00 25.71 ? 3   DC  A "C3'" 1 
ATOM   47  O  "O3'" . DC  A 1 3  ? 11.324  8.186   0.693   1.00 28.55 ? 3   DC  A "O3'" 1 
ATOM   48  C  "C2'" . DC  A 1 3  ? 10.681  5.886   0.278   1.00 25.54 ? 3   DC  A "C2'" 1 
ATOM   49  C  "C1'" . DC  A 1 3  ? 11.759  4.954   -0.261  1.00 22.57 ? 3   DC  A "C1'" 1 
ATOM   50  N  N1    . DC  A 1 3  ? 11.428  3.524   -0.158  1.00 22.31 ? 3   DC  A N1    1 
ATOM   51  C  C2    . DC  A 1 3  ? 11.244  2.774   -1.329  1.00 20.54 ? 3   DC  A C2    1 
ATOM   52  O  O2    . DC  A 1 3  ? 11.341  3.324   -2.435  1.00 21.52 ? 3   DC  A O2    1 
ATOM   53  N  N3    . DC  A 1 3  ? 10.970  1.457   -1.202  1.00 20.83 ? 3   DC  A N3    1 
ATOM   54  C  C4    . DC  A 1 3  ? 10.874  0.875   0.000   1.00 21.03 ? 3   DC  A C4    1 
ATOM   55  N  N4    . DC  A 1 3  ? 10.602  -0.435  0.032   1.00 22.55 ? 3   DC  A N4    1 
ATOM   56  C  C5    . DC  A 1 3  ? 11.053  1.626   1.208   1.00 22.91 ? 3   DC  A C5    1 
ATOM   57  C  C6    . DC  A 1 3  ? 11.322  2.935   1.077   1.00 22.27 ? 3   DC  A C6    1 
ATOM   58  P  P     . DG  A 1 4  ? 9.970   9.008   0.860   1.00 31.28 ? 4   DG  A P     1 
ATOM   59  O  OP1   . DG  A 1 4  ? 10.331  10.434  0.708   1.00 33.19 ? 4   DG  A OP1   1 
ATOM   60  O  OP2   . DG  A 1 4  ? 9.266   8.537   2.076   1.00 33.17 ? 4   DG  A OP2   1 
ATOM   61  O  "O5'" . DG  A 1 4  ? 9.121   8.538   -0.408  1.00 28.12 ? 4   DG  A "O5'" 1 
ATOM   62  C  "C5'" . DG  A 1 4  ? 9.549   8.919   -1.713  1.00 27.48 ? 4   DG  A "C5'" 1 
ATOM   63  C  "C4'" . DG  A 1 4  ? 8.570   8.375   -2.727  1.00 27.34 ? 4   DG  A "C4'" 1 
ATOM   64  O  "O4'" . DG  A 1 4  ? 8.657   6.933   -2.685  1.00 25.96 ? 4   DG  A "O4'" 1 
ATOM   65  C  "C3'" . DG  A 1 4  ? 7.108   8.741   -2.474  1.00 28.42 ? 4   DG  A "C3'" 1 
ATOM   66  O  "O3'" . DG  A 1 4  ? 6.524   9.097   -3.732  1.00 31.58 ? 4   DG  A "O3'" 1 
ATOM   67  C  "C2'" . DG  A 1 4  ? 6.520   7.466   -1.860  1.00 26.80 ? 4   DG  A "C2'" 1 
ATOM   68  C  "C1'" . DG  A 1 4  ? 7.374   6.386   -2.524  1.00 25.24 ? 4   DG  A "C1'" 1 
ATOM   69  N  N9    . DG  A 1 4  ? 7.486   5.134   -1.774  1.00 23.59 ? 4   DG  A N9    1 
ATOM   70  C  C8    . DG  A 1 4  ? 7.594   4.958   -0.415  1.00 22.68 ? 4   DG  A C8    1 
ATOM   71  N  N7    . DG  A 1 4  ? 7.661   3.713   -0.051  1.00 22.34 ? 4   DG  A N7    1 
ATOM   72  C  C5    . DG  A 1 4  ? 7.597   3.002   -1.247  1.00 21.73 ? 4   DG  A C5    1 
ATOM   73  C  C6    . DG  A 1 4  ? 7.617   1.602   -1.498  1.00 21.61 ? 4   DG  A C6    1 
ATOM   74  O  O6    . DG  A 1 4  ? 7.704   0.680   -0.680  1.00 22.27 ? 4   DG  A O6    1 
ATOM   75  N  N1    . DG  A 1 4  ? 7.519   1.304   -2.866  1.00 21.95 ? 4   DG  A N1    1 
ATOM   76  C  C2    . DG  A 1 4  ? 7.412   2.261   -3.861  1.00 22.04 ? 4   DG  A C2    1 
ATOM   77  N  N2    . DG  A 1 4  ? 7.312   1.836   -5.132  1.00 22.44 ? 4   DG  A N2    1 
ATOM   78  N  N3    . DG  A 1 4  ? 7.389   3.572   -3.628  1.00 22.04 ? 4   DG  A N3    1 
ATOM   79  C  C4    . DG  A 1 4  ? 7.497   3.872   -2.312  1.00 22.15 ? 4   DG  A C4    1 
ATOM   80  P  P     . DA  A 1 5  ? 4.953   9.316   -3.992  1.00 32.12 ? 5   DA  A P     1 
ATOM   81  O  OP1   . DA  A 1 5  ? 4.849   10.498  -4.872  1.00 33.46 ? 5   DA  A OP1   1 
ATOM   82  O  OP2   . DA  A 1 5  ? 4.174   9.236   -2.740  1.00 33.07 ? 5   DA  A OP2   1 
ATOM   83  O  "O5'" . DA  A 1 5  ? 4.558   8.035   -4.842  1.00 30.39 ? 5   DA  A "O5'" 1 
ATOM   84  C  "C5'" . DA  A 1 5  ? 5.288   7.783   -6.033  1.00 28.31 ? 5   DA  A "C5'" 1 
ATOM   85  C  "C4'" . DA  A 1 5  ? 4.785   6.522   -6.690  1.00 26.65 ? 5   DA  A "C4'" 1 
ATOM   86  O  "O4'" . DA  A 1 5  ? 5.010   5.394   -5.821  1.00 26.16 ? 5   DA  A "O4'" 1 
ATOM   87  C  "C3'" . DA  A 1 5  ? 3.296   6.548   -6.997  1.00 25.79 ? 5   DA  A "C3'" 1 
ATOM   88  O  "O3'" . DA  A 1 5  ? 3.152   6.071   -8.325  1.00 25.51 ? 5   DA  A "O3'" 1 
ATOM   89  C  "C2'" . DA  A 1 5  ? 2.663   5.658   -5.915  1.00 25.24 ? 5   DA  A "C2'" 1 
ATOM   90  C  "C1'" . DA  A 1 5  ? 3.795   4.690   -5.587  1.00 24.06 ? 5   DA  A "C1'" 1 
ATOM   91  N  N9    . DA  A 1 5  ? 3.922   4.231   -4.205  1.00 23.35 ? 5   DA  A N9    1 
ATOM   92  C  C8    . DA  A 1 5  ? 4.062   5.001   -3.085  1.00 22.88 ? 5   DA  A C8    1 
ATOM   93  N  N7    . DA  A 1 5  ? 4.198   4.312   -1.985  1.00 21.68 ? 5   DA  A N7    1 
ATOM   94  C  C5    . DA  A 1 5  ? 4.166   2.994   -2.395  1.00 20.75 ? 5   DA  A C5    1 
ATOM   95  C  C6    . DA  A 1 5  ? 4.260   1.768   -1.695  1.00 20.20 ? 5   DA  A C6    1 
ATOM   96  N  N6    . DA  A 1 5  ? 4.424   1.656   -0.366  1.00 21.44 ? 5   DA  A N6    1 
ATOM   97  N  N1    . DA  A 1 5  ? 4.185   0.637   -2.430  1.00 21.07 ? 5   DA  A N1    1 
ATOM   98  C  C2    . DA  A 1 5  ? 4.028   0.719   -3.758  1.00 20.82 ? 5   DA  A C2    1 
ATOM   99  N  N3    . DA  A 1 5  ? 3.924   1.806   -4.518  1.00 21.08 ? 5   DA  A N3    1 
ATOM   100 C  C4    . DA  A 1 5  ? 4.001   2.926   -3.771  1.00 21.44 ? 5   DA  A C4    1 
ATOM   101 P  P     . DA  A 1 6  ? 1.733   5.862   -9.036  1.00 25.07 ? 6   DA  A P     1 
ATOM   102 O  OP1   . DA  A 1 6  ? 1.971   5.911   -10.503 1.00 24.71 ? 6   DA  A OP1   1 
ATOM   103 O  OP2   . DA  A 1 6  ? 0.753   6.779   -8.429  1.00 24.82 ? 6   DA  A OP2   1 
ATOM   104 O  "O5'" . DA  A 1 6  ? 1.305   4.381   -8.616  1.00 22.85 ? 6   DA  A "O5'" 1 
ATOM   105 C  "C5'" . DA  A 1 6  ? 2.032   3.246   -9.074  1.00 21.64 ? 6   DA  A "C5'" 1 
ATOM   106 C  "C4'" . DA  A 1 6  ? 1.335   2.001   -8.568  1.00 21.61 ? 6   DA  A "C4'" 1 
ATOM   107 O  "O4'" . DA  A 1 6  ? 1.532   1.863   -7.138  1.00 20.92 ? 6   DA  A "O4'" 1 
ATOM   108 C  "C3'" . DA  A 1 6  ? -0.173  2.027   -8.776  1.00 21.09 ? 6   DA  A "C3'" 1 
ATOM   109 O  "O3'" . DA  A 1 6  ? -0.493  0.905   -9.573  1.00 21.26 ? 6   DA  A "O3'" 1 
ATOM   110 C  "C2'" . DA  A 1 6  ? -0.769  2.012   -7.356  1.00 20.62 ? 6   DA  A "C2'" 1 
ATOM   111 C  "C1'" . DA  A 1 6  ? 0.339   1.395   -6.515  1.00 19.67 ? 6   DA  A "C1'" 1 
ATOM   112 N  N9    . DA  A 1 6  ? 0.444   1.826   -5.111  1.00 19.69 ? 6   DA  A N9    1 
ATOM   113 C  C8    . DA  A 1 6  ? 0.430   3.114   -4.643  1.00 18.99 ? 6   DA  A C8    1 
ATOM   114 N  N7    . DA  A 1 6  ? 0.577   3.230   -3.348  1.00 18.83 ? 6   DA  A N7    1 
ATOM   115 C  C5    . DA  A 1 6  ? 0.713   1.923   -2.913  1.00 18.66 ? 6   DA  A C5    1 
ATOM   116 C  C6    . DA  A 1 6  ? 0.917   1.358   -1.628  1.00 18.20 ? 6   DA  A C6    1 
ATOM   117 N  N6    . DA  A 1 6  ? 1.016   2.092   -0.507  1.00 19.43 ? 6   DA  A N6    1 
ATOM   118 N  N1    . DA  A 1 6  ? 0.994   0.012   -1.537  1.00 19.08 ? 6   DA  A N1    1 
ATOM   119 C  C2    . DA  A 1 6  ? 0.906   -0.717  -2.657  1.00 19.83 ? 6   DA  A C2    1 
ATOM   120 N  N3    . DA  A 1 6  ? 0.722   -0.306  -3.919  1.00 20.07 ? 6   DA  A N3    1 
ATOM   121 C  C4    . DA  A 1 6  ? 0.634   1.043   -3.987  1.00 18.86 ? 6   DA  A C4    1 
ATOM   122 P  P     . DT  A 1 7  ? -1.984  0.443   -9.917  1.00 22.44 ? 7   DT  A P     1 
ATOM   123 O  OP1   . DT  A 1 7  ? -1.877  -0.365  -11.146 1.00 22.22 ? 7   DT  A OP1   1 
ATOM   124 O  OP2   . DT  A 1 7  ? -2.942  1.567   -9.835  1.00 23.23 ? 7   DT  A OP2   1 
ATOM   125 O  "O5'" . DT  A 1 7  ? -2.316  -0.515  -8.698  1.00 22.26 ? 7   DT  A "O5'" 1 
ATOM   126 C  "C5'" . DT  A 1 7  ? -1.502  -1.659  -8.484  1.00 21.61 ? 7   DT  A "C5'" 1 
ATOM   127 C  "C4'" . DT  A 1 7  ? -1.925  -2.329  -7.198  1.00 21.63 ? 7   DT  A "C4'" 1 
ATOM   128 O  "O4'" . DT  A 1 7  ? -1.689  -1.438  -6.085  1.00 20.76 ? 7   DT  A "O4'" 1 
ATOM   129 C  "C3'" . DT  A 1 7  ? -3.405  -2.686  -7.168  1.00 21.98 ? 7   DT  A "C3'" 1 
ATOM   130 O  "O3'" . DT  A 1 7  ? -3.458  -4.111  -7.207  1.00 24.30 ? 7   DT  A "O3'" 1 
ATOM   131 C  "C2'" . DT  A 1 7  ? -3.949  -2.044  -5.880  1.00 20.81 ? 7   DT  A "C2'" 1 
ATOM   132 C  "C1'" . DT  A 1 7  ? -2.667  -1.774  -5.105  1.00 19.68 ? 7   DT  A "C1'" 1 
ATOM   133 N  N1    . DT  A 1 7  ? -2.670  -0.668  -4.102  1.00 18.84 ? 7   DT  A N1    1 
ATOM   134 C  C2    . DT  A 1 7  ? -2.420  -0.962  -2.765  1.00 18.08 ? 7   DT  A C2    1 
ATOM   135 O  O2    . DT  A 1 7  ? -2.218  -2.082  -2.337  1.00 19.37 ? 7   DT  A O2    1 
ATOM   136 N  N3    . DT  A 1 7  ? -2.392  0.132   -1.938  1.00 19.06 ? 7   DT  A N3    1 
ATOM   137 C  C4    . DT  A 1 7  ? -2.599  1.455   -2.288  1.00 18.44 ? 7   DT  A C4    1 
ATOM   138 O  O4    . DT  A 1 7  ? -2.537  2.348   -1.452  1.00 19.43 ? 7   DT  A O4    1 
ATOM   139 C  C5    . DT  A 1 7  ? -2.861  1.705   -3.694  1.00 18.53 ? 7   DT  A C5    1 
ATOM   140 C  C7    . DT  A 1 7  ? -3.100  3.106   -4.194  1.00 19.11 ? 7   DT  A C7    1 
ATOM   141 C  C6    . DT  A 1 7  ? -2.882  0.642   -4.523  1.00 18.50 ? 7   DT  A C6    1 
ATOM   142 P  P     . DT  A 1 8  ? -4.840  -4.899  -7.145  1.00 27.26 ? 8   DT  A P     1 
ATOM   143 O  OP1   . DT  A 1 8  ? -4.599  -6.192  -7.829  1.00 29.21 ? 8   DT  A OP1   1 
ATOM   144 O  OP2   . DT  A 1 8  ? -5.964  -4.033  -7.552  1.00 28.85 ? 8   DT  A OP2   1 
ATOM   145 O  "O5'" . DT  A 1 8  ? -5.004  -5.127  -5.579  1.00 26.19 ? 8   DT  A "O5'" 1 
ATOM   146 C  "C5'" . DT  A 1 8  ? -4.038  -5.876  -4.865  1.00 24.50 ? 8   DT  A "C5'" 1 
ATOM   147 C  "C4'" . DT  A 1 8  ? -4.453  -5.917  -3.411  1.00 23.61 ? 8   DT  A "C4'" 1 
ATOM   148 O  "O4'" . DT  A 1 8  ? -4.327  -4.582  -2.879  1.00 22.12 ? 8   DT  A "O4'" 1 
ATOM   149 C  "C3'" . DT  A 1 8  ? -5.898  -6.347  -3.155  1.00 24.30 ? 8   DT  A "C3'" 1 
ATOM   150 O  "O3'" . DT  A 1 8  ? -5.827  -7.559  -2.413  1.00 26.32 ? 8   DT  A "O3'" 1 
ATOM   151 C  "C2'" . DT  A 1 8  ? -6.535  -5.178  -2.400  1.00 23.53 ? 8   DT  A "C2'" 1 
ATOM   152 C  "C1'" . DT  A 1 8  ? -5.312  -4.445  -1.876  1.00 21.68 ? 8   DT  A "C1'" 1 
ATOM   153 N  N1    . DT  A 1 8  ? -5.446  -2.983  -1.658  1.00 19.85 ? 8   DT  A N1    1 
ATOM   154 C  C2    . DT  A 1 8  ? -5.173  -2.462  -0.403  1.00 18.60 ? 8   DT  A C2    1 
ATOM   155 O  O2    . DT  A 1 8  ? -4.865  -3.145  0.563   1.00 20.88 ? 8   DT  A O2    1 
ATOM   156 N  N3    . DT  A 1 8  ? -5.285  -1.091  -0.316  1.00 19.21 ? 8   DT  A N3    1 
ATOM   157 C  C4    . DT  A 1 8  ? -5.646  -0.206  -1.322  1.00 18.72 ? 8   DT  A C4    1 
ATOM   158 O  O4    . DT  A 1 8  ? -5.714  0.999   -1.119  1.00 19.25 ? 8   DT  A O4    1 
ATOM   159 C  C5    . DT  A 1 8  ? -5.925  -0.814  -2.612  1.00 18.70 ? 8   DT  A C5    1 
ATOM   160 C  C7    . DT  A 1 8  ? -6.319  0.051   -3.781  1.00 21.12 ? 8   DT  A C7    1 
ATOM   161 C  C6    . DT  A 1 8  ? -5.799  -2.150  -2.717  1.00 20.29 ? 8   DT  A C6    1 
ATOM   162 P  P     . DC  A 1 9  ? -7.045  -8.250  -1.630  1.00 27.35 ? 9   DC  A P     1 
ATOM   163 O  OP1   . DC  A 1 9  ? -6.694  -9.682  -1.539  1.00 29.43 ? 9   DC  A OP1   1 
ATOM   164 O  OP2   . DC  A 1 9  ? -8.352  -7.826  -2.194  1.00 28.56 ? 9   DC  A OP2   1 
ATOM   165 O  "O5'" . DC  A 1 9  ? -6.942  -7.578  -0.186  1.00 25.70 ? 9   DC  A "O5'" 1 
ATOM   166 C  "C5'" . DC  A 1 9  ? -5.714  -7.639  0.557   1.00 24.50 ? 9   DC  A "C5'" 1 
ATOM   167 C  "C4'" . DC  A 1 9  ? -5.919  -7.110  1.967   1.00 23.51 ? 9   DC  A "C4'" 1 
ATOM   168 O  "O4'" . DC  A 1 9  ? -6.151  -5.682  1.934   1.00 22.41 ? 9   DC  A "O4'" 1 
ATOM   169 C  "C3'" . DC  A 1 9  ? -7.096  -7.712  2.731   1.00 23.59 ? 9   DC  A "C3'" 1 
ATOM   170 O  "O3'" . DC  A 1 9  ? -6.604  -7.967  4.035   1.00 24.67 ? 9   DC  A "O3'" 1 
ATOM   171 C  "C2'" . DC  A 1 9  ? -8.172  -6.621  2.698   1.00 22.47 ? 9   DC  A "C2'" 1 
ATOM   172 C  "C1'" . DC  A 1 9  ? -7.313  -5.370  2.708   1.00 21.44 ? 9   DC  A "C1'" 1 
ATOM   173 N  N1    . DC  A 1 9  ? -7.791  -4.143  2.051   1.00 20.08 ? 9   DC  A N1    1 
ATOM   174 C  C2    . DC  A 1 9  ? -7.802  -2.919  2.742   1.00 19.30 ? 9   DC  A C2    1 
ATOM   175 O  O2    . DC  A 1 9  ? -7.505  -2.878  3.938   1.00 19.53 ? 9   DC  A O2    1 
ATOM   176 N  N3    . DC  A 1 9  ? -8.179  -1.795  2.081   1.00 19.66 ? 9   DC  A N3    1 
ATOM   177 C  C4    . DC  A 1 9  ? -8.512  -1.861  0.790   1.00 19.36 ? 9   DC  A C4    1 
ATOM   178 N  N4    . DC  A 1 9  ? -8.846  -0.728  0.188   1.00 20.11 ? 9   DC  A N4    1 
ATOM   179 C  C5    . DC  A 1 9  ? -8.490  -3.087  0.058   1.00 20.07 ? 9   DC  A C5    1 
ATOM   180 C  C6    . DC  A 1 9  ? -8.117  -4.186  0.721   1.00 19.99 ? 9   DC  A C6    1 
HETATM 181 O  O6    . 1TW A 1 10 ? -11.806 -1.205  1.322   1.00 20.98 ? 10  1TW A O6    1 
HETATM 182 C  C6    . 1TW A 1 10 ? -11.517 -1.605  2.455   1.00 20.21 ? 10  1TW A C6    1 
HETATM 183 C  C5    . 1TW A 1 10 ? -11.387 -2.946  2.914   1.00 21.80 ? 10  1TW A C5    1 
HETATM 184 N  N7    . 1TW A 1 10 ? -11.515 -4.169  2.254   1.00 23.22 ? 10  1TW A N7    1 
HETATM 185 C  C8    . 1TW A 1 10 ? -11.268 -5.064  3.167   1.00 24.09 ? 10  1TW A C8    1 
HETATM 186 N  N1    . 1TW A 1 10 ? -11.314 -0.668  3.473   1.00 19.83 ? 10  1TW A N1    1 
HETATM 187 C  C2    . 1TW A 1 10 ? -11.002 -0.984  4.772   1.00 19.22 ? 10  1TW A C2    1 
HETATM 188 N  N2    . 1TW A 1 10 ? -10.831 0.047   5.611   1.00 20.44 ? 10  1TW A N2    1 
HETATM 189 N  N3    . 1TW A 1 10 ? -10.867 -2.233  5.209   1.00 21.25 ? 10  1TW A N3    1 
HETATM 190 C  C4    . 1TW A 1 10 ? -11.066 -3.149  4.231   1.00 22.18 ? 10  1TW A C4    1 
HETATM 191 N  N9    . 1TW A 1 10 ? -11.005 -4.510  4.398   1.00 24.34 ? 10  1TW A N9    1 
HETATM 192 C  "C1'" . 1TW A 1 10 ? -10.672 -5.115  5.683   1.00 26.81 ? 10  1TW A "C1'" 1 
HETATM 193 O  "O4'" . 1TW A 1 10 ? -9.292  -5.373  5.714   1.00 26.86 ? 10  1TW A "O4'" 1 
HETATM 194 C  "C2'" . 1TW A 1 10 ? -11.317 -6.417  6.160   1.00 29.58 ? 10  1TW A "C2'" 1 
HETATM 195 SE SE2   . 1TW A 1 10 ? -11.290 -7.934  4.890   1.00 35.50 ? 10  1TW A SE2   1 
HETATM 196 C  "CA'" . 1TW A 1 10 ? -13.122 -8.025  4.138   1.00 35.13 ? 10  1TW A "CA'" 1 
HETATM 197 C  "C3'" . 1TW A 1 10 ? -10.390 -6.693  7.340   1.00 29.64 ? 10  1TW A "C3'" 1 
HETATM 198 O  "O3'" . 1TW A 1 10 ? -10.873 -5.961  8.431   1.00 31.65 ? 10  1TW A "O3'" 1 
HETATM 199 C  "C4'" . 1TW A 1 10 ? -9.041  -6.098  6.936   1.00 27.49 ? 10  1TW A "C4'" 1 
HETATM 200 C  "C5'" . 1TW A 1 10 ? -7.918  -7.089  6.691   1.00 26.36 ? 10  1TW A "C5'" 1 
HETATM 201 O  "O5'" . 1TW A 1 10 ? -8.365  -8.095  5.817   1.00 26.07 ? 10  1TW A "O5'" 1 
HETATM 202 P  P     . 1TW A 1 10 ? -7.299  -8.994  5.046   1.00 26.14 ? 10  1TW A P     1 
HETATM 203 O  OP1   . 1TW A 1 10 ? -8.053  -9.998  4.260   1.00 26.27 ? 10  1TW A OP1   1 
HETATM 204 O  OP2   . 1TW A 1 10 ? -6.237  -9.405  5.994   1.00 26.79 ? 10  1TW A OP2   1 
ATOM   205 P  P     . DC  A 1 11 ? -11.026 -6.635  9.870   1.00 33.37 ? 11  DC  A P     1 
ATOM   206 O  OP1   . DC  A 1 11 ? -9.850  -7.503  10.111  1.00 34.58 ? 11  DC  A OP1   1 
ATOM   207 O  OP2   . DC  A 1 11 ? -12.385 -7.217  9.974   1.00 34.54 ? 11  DC  A OP2   1 
ATOM   208 O  "O5'" . DC  A 1 11 ? -10.957 -5.333  10.797  1.00 31.20 ? 11  DC  A "O5'" 1 
ATOM   209 C  "C5'" . DC  A 1 11 ? -9.803  -4.494  10.864  1.00 29.34 ? 11  DC  A "C5'" 1 
ATOM   210 C  "C4'" . DC  A 1 11 ? -10.185 -3.020  10.987  1.00 28.20 ? 11  DC  A "C4'" 1 
ATOM   211 O  "O4'" . DC  A 1 11 ? -10.784 -2.539  9.756   1.00 27.15 ? 11  DC  A "O4'" 1 
ATOM   212 C  "C3'" . DC  A 1 11 ? -11.193 -2.661  12.082  1.00 29.31 ? 11  DC  A "C3'" 1 
ATOM   213 O  "O3'" . DC  A 1 11 ? -10.799 -1.426  12.706  1.00 32.53 ? 11  DC  A "O3'" 1 
ATOM   214 C  "C2'" . DC  A 1 11 ? -12.530 -2.574  11.332  1.00 27.52 ? 11  DC  A "C2'" 1 
ATOM   215 C  "C1'" . DC  A 1 11 ? -12.070 -1.981  10.003  1.00 25.90 ? 11  DC  A "C1'" 1 
ATOM   216 N  N1    . DC  A 1 11 ? -12.802 -2.295  8.750   1.00 24.06 ? 11  DC  A N1    1 
ATOM   217 C  C2    . DC  A 1 11 ? -13.069 -1.232  7.869   1.00 22.67 ? 11  DC  A C2    1 
ATOM   218 O  O2    . DC  A 1 11 ? -12.747 -0.075  8.173   1.00 23.64 ? 11  DC  A O2    1 
ATOM   219 N  N3    . DC  A 1 11 ? -13.690 -1.503  6.702   1.00 22.46 ? 11  DC  A N3    1 
ATOM   220 C  C4    . DC  A 1 11 ? -14.019 -2.749  6.375   1.00 23.46 ? 11  DC  A C4    1 
ATOM   221 N  N4    . DC  A 1 11 ? -14.626 -2.921  5.200   1.00 24.03 ? 11  DC  A N4    1 
ATOM   222 C  C5    . DC  A 1 11 ? -13.759 -3.853  7.250   1.00 24.06 ? 11  DC  A C5    1 
ATOM   223 C  C6    . DC  A 1 11 ? -13.148 -3.579  8.409   1.00 24.28 ? 11  DC  A C6    1 
ATOM   224 P  P     . DG  A 1 12 ? -11.416 -0.931  14.107  1.00 35.16 ? 12  DG  A P     1 
ATOM   225 O  OP1   . DG  A 1 12 ? -10.377 -0.120  14.784  1.00 37.14 ? 12  DG  A OP1   1 
ATOM   226 O  OP2   . DG  A 1 12 ? -12.033 -2.071  14.834  1.00 36.94 ? 12  DG  A OP2   1 
ATOM   227 O  "O5'" . DG  A 1 12 ? -12.603 0.016   13.621  1.00 34.12 ? 12  DG  A "O5'" 1 
ATOM   228 C  "C5'" . DG  A 1 12 ? -12.356 1.297   13.078  1.00 29.76 ? 12  DG  A "C5'" 1 
ATOM   229 C  "C4'" . DG  A 1 12 ? -13.690 1.986   12.876  1.00 26.22 ? 12  DG  A "C4'" 1 
ATOM   230 O  "O4'" . DG  A 1 12 ? -14.289 1.561   11.634  1.00 26.49 ? 12  DG  A "O4'" 1 
ATOM   231 C  "C3'" . DG  A 1 12 ? -14.710 1.651   13.948  1.00 25.24 ? 12  DG  A "C3'" 1 
ATOM   232 O  "O3'" . DG  A 1 12 ? -14.989 2.843   14.662  1.00 27.08 ? 12  DG  A "O3'" 1 
ATOM   233 C  "C2'" . DG  A 1 12 ? -15.946 1.112   13.221  1.00 24.34 ? 12  DG  A "C2'" 1 
ATOM   234 C  "C1'" . DG  A 1 12 ? -15.692 1.410   11.747  1.00 24.05 ? 12  DG  A "C1'" 1 
ATOM   235 N  N9    . DG  A 1 12 ? -15.999 0.349   10.787  1.00 22.77 ? 12  DG  A N9    1 
ATOM   236 C  C8    . DG  A 1 12 ? -15.881 -1.015  10.964  1.00 22.66 ? 12  DG  A C8    1 
ATOM   237 N  N7    . DG  A 1 12 ? -16.187 -1.705  9.901   1.00 21.93 ? 12  DG  A N7    1 
ATOM   238 C  C5    . DG  A 1 12 ? -16.512 -0.739  8.951   1.00 21.21 ? 12  DG  A C5    1 
ATOM   239 C  C6    . DG  A 1 12 ? -16.925 -0.876  7.604   1.00 20.04 ? 12  DG  A C6    1 
ATOM   240 O  O6    . DG  A 1 12 ? -17.094 -1.911  6.947   1.00 22.29 ? 12  DG  A O6    1 
ATOM   241 N  N1    . DG  A 1 12 ? -17.145 0.363   6.991   1.00 19.92 ? 12  DG  A N1    1 
ATOM   242 C  C2    . DG  A 1 12 ? -17.013 1.592   7.601   1.00 20.46 ? 12  DG  A C2    1 
ATOM   243 N  N2    . DG  A 1 12 ? -17.307 2.661   6.843   1.00 20.93 ? 12  DG  A N2    1 
ATOM   244 N  N3    . DG  A 1 12 ? -16.631 1.737   8.872   1.00 21.04 ? 12  DG  A N3    1 
ATOM   245 C  C4    . DG  A 1 12 ? -16.399 0.536   9.481   1.00 21.29 ? 12  DG  A C4    1 
ATOM   246 O  "O5'" . DC  B 1 1  ? -21.209 0.739   -0.665  1.00 34.19 ? 13  DC  B "O5'" 1 
ATOM   247 C  "C5'" . DC  B 1 1  ? -22.043 1.858   -0.355  1.00 31.72 ? 13  DC  B "C5'" 1 
ATOM   248 C  "C4'" . DC  B 1 1  ? -21.261 2.935   0.379   1.00 29.30 ? 13  DC  B "C4'" 1 
ATOM   249 O  "O4'" . DC  B 1 1  ? -20.694 2.390   1.597   1.00 28.02 ? 13  DC  B "O4'" 1 
ATOM   250 C  "C3'" . DC  B 1 1  ? -20.103 3.551   -0.391  1.00 29.16 ? 13  DC  B "C3'" 1 
ATOM   251 O  "O3'" . DC  B 1 1  ? -20.155 4.961   -0.201  1.00 29.65 ? 13  DC  B "O3'" 1 
ATOM   252 C  "C2'" . DC  B 1 1  ? -18.857 2.905   0.218   1.00 27.69 ? 13  DC  B "C2'" 1 
ATOM   253 C  "C1'" . DC  B 1 1  ? -19.292 2.608   1.656   1.00 26.21 ? 13  DC  B "C1'" 1 
ATOM   254 N  N1    . DC  B 1 1  ? -18.770 1.366   2.307   1.00 24.32 ? 13  DC  B N1    1 
ATOM   255 C  C2    . DC  B 1 1  ? -18.309 1.384   3.646   1.00 23.38 ? 13  DC  B C2    1 
ATOM   256 O  O2    . DC  B 1 1  ? -18.271 2.446   4.284   1.00 23.93 ? 13  DC  B O2    1 
ATOM   257 N  N3    . DC  B 1 1  ? -17.880 0.222   4.209   1.00 22.65 ? 13  DC  B N3    1 
ATOM   258 C  C4    . DC  B 1 1  ? -17.913 -0.919  3.510   1.00 22.91 ? 13  DC  B C4    1 
ATOM   259 N  N4    . DC  B 1 1  ? -17.483 -2.034  4.106   1.00 23.14 ? 13  DC  B N4    1 
ATOM   260 C  C5    . DC  B 1 1  ? -18.380 -0.964  2.159   1.00 24.41 ? 13  DC  B C5    1 
ATOM   261 C  C6    . DC  B 1 1  ? -18.807 0.180   1.608   1.00 24.56 ? 13  DC  B C6    1 
ATOM   262 P  P     . DG  B 1 2  ? -19.227 5.963   -1.039  1.00 30.41 ? 14  DG  B P     1 
ATOM   263 O  OP1   . DG  B 1 2  ? -19.991 7.214   -1.275  1.00 32.03 ? 14  DG  B OP1   1 
ATOM   264 O  OP2   . DG  B 1 2  ? -18.615 5.236   -2.171  1.00 31.79 ? 14  DG  B OP2   1 
ATOM   265 O  "O5'" . DG  B 1 2  ? -18.020 6.242   -0.028  1.00 28.11 ? 14  DG  B "O5'" 1 
ATOM   266 C  "C5'" . DG  B 1 2  ? -18.261 6.849   1.230   1.00 25.91 ? 14  DG  B "C5'" 1 
ATOM   267 C  "C4'" . DG  B 1 2  ? -17.033 6.700   2.090   1.00 23.21 ? 14  DG  B "C4'" 1 
ATOM   268 O  "O4'" . DG  B 1 2  ? -16.860 5.302   2.406   1.00 23.67 ? 14  DG  B "O4'" 1 
ATOM   269 C  "C3'" . DG  B 1 2  ? -15.751 7.128   1.395   1.00 23.68 ? 14  DG  B "C3'" 1 
ATOM   270 O  "O3'" . DG  B 1 2  ? -15.324 8.286   2.066   1.00 24.48 ? 14  DG  B "O3'" 1 
ATOM   271 C  "C2'" . DG  B 1 2  ? -14.796 5.940   1.554   1.00 23.08 ? 14  DG  B "C2'" 1 
ATOM   272 C  "C1'" . DG  B 1 2  ? -15.479 5.067   2.599   1.00 22.67 ? 14  DG  B "C1'" 1 
ATOM   273 N  N9    . DG  B 1 2  ? -15.304 3.621   2.451   1.00 21.43 ? 14  DG  B N9    1 
ATOM   274 C  C8    . DG  B 1 2  ? -15.505 2.866   1.315   1.00 21.35 ? 14  DG  B C8    1 
ATOM   275 N  N7    . DG  B 1 2  ? -15.284 1.596   1.482   1.00 21.08 ? 14  DG  B N7    1 
ATOM   276 C  C5    . DG  B 1 2  ? -14.929 1.496   2.823   1.00 19.90 ? 14  DG  B C5    1 
ATOM   277 C  C6    . DG  B 1 2  ? -14.598 0.353   3.596   1.00 19.38 ? 14  DG  B C6    1 
ATOM   278 O  O6    . DG  B 1 2  ? -14.551 -0.826  3.211   1.00 21.02 ? 14  DG  B O6    1 
ATOM   279 N  N1    . DG  B 1 2  ? -14.294 0.673   4.922   1.00 19.98 ? 14  DG  B N1    1 
ATOM   280 C  C2    . DG  B 1 2  ? -14.333 1.945   5.443   1.00 18.87 ? 14  DG  B C2    1 
ATOM   281 N  N2    . DG  B 1 2  ? -14.000 2.073   6.731   1.00 20.05 ? 14  DG  B N2    1 
ATOM   282 N  N3    . DG  B 1 2  ? -14.655 3.028   4.737   1.00 19.87 ? 14  DG  B N3    1 
ATOM   283 C  C4    . DG  B 1 2  ? -14.941 2.728   3.438   1.00 20.86 ? 14  DG  B C4    1 
ATOM   284 P  P     . DC  B 1 3  ? -13.949 9.034   1.747   1.00 22.74 ? 15  DC  B P     1 
ATOM   285 O  OP1   . DC  B 1 3  ? -14.193 10.451  2.104   1.00 24.45 ? 15  DC  B OP1   1 
ATOM   286 O  OP2   . DC  B 1 3  ? -13.462 8.675   0.391   1.00 25.07 ? 15  DC  B OP2   1 
ATOM   287 O  "O5'" . DC  B 1 3  ? -12.941 8.401   2.809   1.00 22.30 ? 15  DC  B "O5'" 1 
ATOM   288 C  "C5'" . DC  B 1 3  ? -13.180 8.528   4.212   1.00 22.32 ? 15  DC  B "C5'" 1 
ATOM   289 C  "C4'" . DC  B 1 3  ? -12.370 7.474   4.939   1.00 21.94 ? 15  DC  B "C4'" 1 
ATOM   290 O  "O4'" . DC  B 1 3  ? -12.750 6.168   4.457   1.00 21.94 ? 15  DC  B "O4'" 1 
ATOM   291 C  "C3'" . DC  B 1 3  ? -10.873 7.504   4.672   1.00 22.16 ? 15  DC  B "C3'" 1 
ATOM   292 O  "O3'" . DC  B 1 3  ? -10.293 8.383   5.595   1.00 23.32 ? 15  DC  B "O3'" 1 
ATOM   293 C  "C2'" . DC  B 1 3  ? -10.410 6.081   4.953   1.00 23.06 ? 15  DC  B "C2'" 1 
ATOM   294 C  "C1'" . DC  B 1 3  ? -11.668 5.281   4.714   1.00 21.17 ? 15  DC  B "C1'" 1 
ATOM   295 N  N1    . DC  B 1 3  ? -11.614 4.342   3.567   1.00 20.90 ? 15  DC  B N1    1 
ATOM   296 C  C2    . DC  B 1 3  ? -11.437 2.983   3.833   1.00 19.05 ? 15  DC  B C2    1 
ATOM   297 O  O2    . DC  B 1 3  ? -11.272 2.620   4.999   1.00 21.40 ? 15  DC  B O2    1 
ATOM   298 N  N3    . DC  B 1 3  ? -11.433 2.116   2.803   1.00 19.33 ? 15  DC  B N3    1 
ATOM   299 C  C4    . DC  B 1 3  ? -11.597 2.557   1.556   1.00 19.98 ? 15  DC  B C4    1 
ATOM   300 N  N4    . DC  B 1 3  ? -11.586 1.639   0.592   1.00 22.32 ? 15  DC  B N4    1 
ATOM   301 C  C5    . DC  B 1 3  ? -11.768 3.941   1.246   1.00 20.94 ? 15  DC  B C5    1 
ATOM   302 C  C6    . DC  B 1 3  ? -11.775 4.791   2.280   1.00 21.02 ? 15  DC  B C6    1 
ATOM   303 P  P     . DG  B 1 4  ? -8.760  8.807   5.474   1.00 25.53 ? 16  DG  B P     1 
ATOM   304 O  OP1   . DG  B 1 4  ? -8.629  10.084  6.212   1.00 27.67 ? 16  DG  B OP1   1 
ATOM   305 O  OP2   . DG  B 1 4  ? -8.287  8.661   4.077   1.00 26.60 ? 16  DG  B OP2   1 
ATOM   306 O  "O5'" . DG  B 1 4  ? -8.017  7.685   6.325   1.00 24.67 ? 16  DG  B "O5'" 1 
ATOM   307 C  "C5'" . DG  B 1 4  ? -8.266  7.475   7.717   1.00 23.98 ? 16  DG  B "C5'" 1 
ATOM   308 C  "C4'" . DG  B 1 4  ? -7.491  6.249   8.164   1.00 23.23 ? 16  DG  B "C4'" 1 
ATOM   309 O  "O4'" . DG  B 1 4  ? -7.931  5.106   7.386   1.00 22.43 ? 16  DG  B "O4'" 1 
ATOM   310 C  "C3'" . DG  B 1 4  ? -5.975  6.340   7.992   1.00 24.03 ? 16  DG  B "C3'" 1 
ATOM   311 O  "O3'" . DG  B 1 4  ? -5.391  5.717   9.132   1.00 25.62 ? 16  DG  B "O3'" 1 
ATOM   312 C  "C2'" . DG  B 1 4  ? -5.730  5.614   6.670   1.00 23.09 ? 16  DG  B "C2'" 1 
ATOM   313 C  "C1'" . DG  B 1 4  ? -6.840  4.569   6.660   1.00 21.58 ? 16  DG  B "C1'" 1 
ATOM   314 N  N9    . DG  B 1 4  ? -7.237  4.195   5.299   1.00 20.53 ? 16  DG  B N9    1 
ATOM   315 C  C8    . DG  B 1 4  ? -7.398  5.005   4.196   1.00 20.43 ? 16  DG  B C8    1 
ATOM   316 N  N7    . DG  B 1 4  ? -7.741  4.360   3.112   1.00 20.07 ? 16  DG  B N7    1 
ATOM   317 C  C5    . DG  B 1 4  ? -7.791  3.034   3.508   1.00 18.98 ? 16  DG  B C5    1 
ATOM   318 C  C6    . DG  B 1 4  ? -8.080  1.860   2.764   1.00 17.89 ? 16  DG  B C6    1 
ATOM   319 O  O6    . DG  B 1 4  ? -8.386  1.748   1.568   1.00 18.29 ? 16  DG  B O6    1 
ATOM   320 N  N1    . DG  B 1 4  ? -8.006  0.713   3.563   1.00 19.03 ? 16  DG  B N1    1 
ATOM   321 C  C2    . DG  B 1 4  ? -7.695  0.707   4.907   1.00 18.53 ? 16  DG  B C2    1 
ATOM   322 N  N2    . DG  B 1 4  ? -7.661  -0.480  5.534   1.00 19.49 ? 16  DG  B N2    1 
ATOM   323 N  N3    . DG  B 1 4  ? -7.418  1.795   5.604   1.00 19.79 ? 16  DG  B N3    1 
ATOM   324 C  C4    . DG  B 1 4  ? -7.479  2.918   4.849   1.00 19.66 ? 16  DG  B C4    1 
ATOM   325 P  P     . DA  B 1 5  ? -3.943  5.037   9.221   1.00 26.66 ? 17  DA  B P     1 
ATOM   326 O  OP1   . DA  B 1 5  ? -3.581  5.041   10.653  1.00 28.99 ? 17  DA  B OP1   1 
ATOM   327 O  OP2   . DA  B 1 5  ? -3.039  5.605   8.194   1.00 28.01 ? 17  DA  B OP2   1 
ATOM   328 O  "O5'" . DA  B 1 5  ? -4.237  3.529   8.805   1.00 25.00 ? 17  DA  B "O5'" 1 
ATOM   329 C  "C5'" . DA  B 1 5  ? -5.123  2.728   9.572   1.00 24.62 ? 17  DA  B "C5'" 1 
ATOM   330 C  "C4'" . DA  B 1 5  ? -4.828  1.263   9.316   1.00 23.51 ? 17  DA  B "C4'" 1 
ATOM   331 O  "O4'" . DA  B 1 5  ? -5.146  0.919   7.941   1.00 22.31 ? 17  DA  B "O4'" 1 
ATOM   332 C  "C3'" . DA  B 1 5  ? -3.382  0.816   9.515   1.00 23.80 ? 17  DA  B "C3'" 1 
ATOM   333 O  "O3'" . DA  B 1 5  ? -3.442  -0.499  10.069  1.00 26.05 ? 17  DA  B "O3'" 1 
ATOM   334 C  "C2'" . DA  B 1 5  ? -2.783  0.853   8.105   1.00 22.88 ? 17  DA  B "C2'" 1 
ATOM   335 C  "C1'" . DA  B 1 5  ? -3.979  0.497   7.244   1.00 21.85 ? 17  DA  B "C1'" 1 
ATOM   336 N  N9    . DA  B 1 5  ? -4.092  1.165   5.951   1.00 19.58 ? 17  DA  B N9    1 
ATOM   337 C  C8    . DA  B 1 5  ? -4.014  2.512   5.690   1.00 19.47 ? 17  DA  B C8    1 
ATOM   338 N  N7    . DA  B 1 5  ? -4.213  2.824   4.429   1.00 19.29 ? 17  DA  B N7    1 
ATOM   339 C  C5    . DA  B 1 5  ? -4.461  1.611   3.815   1.00 19.00 ? 17  DA  B C5    1 
ATOM   340 C  C6    . DA  B 1 5  ? -4.758  1.266   2.470   1.00 18.08 ? 17  DA  B C6    1 
ATOM   341 N  N6    . DA  B 1 5  ? -4.860  2.165   1.469   1.00 19.34 ? 17  DA  B N6    1 
ATOM   342 N  N1    . DA  B 1 5  ? -4.948  -0.050  2.200   1.00 17.85 ? 17  DA  B N1    1 
ATOM   343 C  C2    . DA  B 1 5  ? -4.854  -0.953  3.204   1.00 17.38 ? 17  DA  B C2    1 
ATOM   344 N  N3    . DA  B 1 5  ? -4.586  -0.740  4.503   1.00 18.24 ? 17  DA  B N3    1 
ATOM   345 C  C4    . DA  B 1 5  ? -4.398  0.571   4.744   1.00 18.15 ? 17  DA  B C4    1 
ATOM   346 P  P     . DA  B 1 6  ? -2.145  -1.371  10.400  1.00 27.33 ? 18  DA  B P     1 
ATOM   347 O  OP1   . DA  B 1 6  ? -2.535  -2.316  11.472  1.00 29.07 ? 18  DA  B OP1   1 
ATOM   348 O  OP2   . DA  B 1 6  ? -0.992  -0.467  10.546  1.00 29.38 ? 18  DA  B OP2   1 
ATOM   349 O  "O5'" . DA  B 1 6  ? -1.893  -2.173  9.048   1.00 25.03 ? 18  DA  B "O5'" 1 
ATOM   350 C  "C5'" . DA  B 1 6  ? -2.798  -3.152  8.613   1.00 23.90 ? 18  DA  B "C5'" 1 
ATOM   351 C  "C4'" . DA  B 1 6  ? -2.279  -3.708  7.304   1.00 22.82 ? 18  DA  B "C4'" 1 
ATOM   352 O  "O4'" . DA  B 1 6  ? -2.459  -2.713  6.274   1.00 22.38 ? 18  DA  B "O4'" 1 
ATOM   353 C  "C3'" . DA  B 1 6  ? -0.792  -4.070  7.299   1.00 23.86 ? 18  DA  B "C3'" 1 
ATOM   354 O  "O3'" . DA  B 1 6  ? -0.753  -5.479  7.099   1.00 25.28 ? 18  DA  B "O3'" 1 
ATOM   355 C  "C2'" . DA  B 1 6  ? -0.181  -3.233  6.171   1.00 23.58 ? 18  DA  B "C2'" 1 
ATOM   356 C  "C1'" . DA  B 1 6  ? -1.402  -2.863  5.329   1.00 22.42 ? 18  DA  B "C1'" 1 
ATOM   357 N  N9    . DA  B 1 6  ? -1.327  -1.614  4.567   1.00 20.35 ? 18  DA  B N9    1 
ATOM   358 C  C8    . DA  B 1 6  ? -1.030  -0.378  5.071   1.00 21.39 ? 18  DA  B C8    1 
ATOM   359 N  N7    . DA  B 1 6  ? -1.061  0.598   4.201   1.00 20.94 ? 18  DA  B N7    1 
ATOM   360 C  C5    . DA  B 1 6  ? -1.404  -0.033  3.016   1.00 19.45 ? 18  DA  B C5    1 
ATOM   361 C  C6    . DA  B 1 6  ? -1.603  0.455   1.705   1.00 18.53 ? 18  DA  B C6    1 
ATOM   362 N  N6    . DA  B 1 6  ? -1.490  1.748   1.370   1.00 18.94 ? 18  DA  B N6    1 
ATOM   363 N  N1    . DA  B 1 6  ? -1.924  -0.451  0.750   1.00 18.62 ? 18  DA  B N1    1 
ATOM   364 C  C2    . DA  B 1 6  ? -2.061  -1.737  1.089   1.00 18.95 ? 18  DA  B C2    1 
ATOM   365 N  N3    . DA  B 1 6  ? -1.905  -2.302  2.288   1.00 18.40 ? 18  DA  B N3    1 
ATOM   366 C  C4    . DA  B 1 6  ? -1.573  -1.396  3.218   1.00 19.28 ? 18  DA  B C4    1 
ATOM   367 P  P     . DT  B 1 7  ? 0.575   -6.302  6.779   1.00 27.79 ? 19  DT  B P     1 
ATOM   368 O  OP1   . DT  B 1 7  ? 0.345   -7.687  7.251   1.00 28.63 ? 19  DT  B OP1   1 
ATOM   369 O  OP2   . DT  B 1 7  ? 1.755   -5.511  7.206   1.00 29.11 ? 19  DT  B OP2   1 
ATOM   370 O  "O5'" . DT  B 1 7  ? 0.605   -6.307  5.184   1.00 25.94 ? 19  DT  B "O5'" 1 
ATOM   371 C  "C5'" . DT  B 1 7  ? -0.493  -6.832  4.442   1.00 24.64 ? 19  DT  B "C5'" 1 
ATOM   372 C  "C4'" . DT  B 1 7  ? -0.189  -6.645  2.973   1.00 24.66 ? 19  DT  B "C4'" 1 
ATOM   373 O  "O4'" . DT  B 1 7  ? -0.145  -5.231  2.659   1.00 23.67 ? 19  DT  B "O4'" 1 
ATOM   374 C  "C3'" . DT  B 1 7  ? 1.169   -7.211  2.558   1.00 25.75 ? 19  DT  B "C3'" 1 
ATOM   375 O  "O3'" . DT  B 1 7  ? 0.934   -8.193  1.578   1.00 28.38 ? 19  DT  B "O3'" 1 
ATOM   376 C  "C2'" . DT  B 1 7  ? 1.974   -6.013  2.047   1.00 24.13 ? 19  DT  B "C2'" 1 
ATOM   377 C  "C1'" . DT  B 1 7  ? 0.868   -5.044  1.676   1.00 22.84 ? 19  DT  B "C1'" 1 
ATOM   378 N  N1    . DT  B 1 7  ? 1.203   -3.602  1.724   1.00 21.47 ? 19  DT  B N1    1 
ATOM   379 C  C2    . DT  B 1 7  ? 1.014   -2.846  0.581   1.00 20.07 ? 19  DT  B C2    1 
ATOM   380 O  O2    . DT  B 1 7  ? 0.608   -3.285  -0.484  1.00 21.04 ? 19  DT  B O2    1 
ATOM   381 N  N3    . DT  B 1 7  ? 1.304   -1.518  0.738   1.00 19.89 ? 19  DT  B N3    1 
ATOM   382 C  C4    . DT  B 1 7  ? 1.755   -0.866  1.879   1.00 19.23 ? 19  DT  B C4    1 
ATOM   383 O  O4    . DT  B 1 7  ? 1.962   0.341   1.876   1.00 20.60 ? 19  DT  B O4    1 
ATOM   384 C  C5    . DT  B 1 7  ? 1.949   -1.717  3.036   1.00 20.05 ? 19  DT  B C5    1 
ATOM   385 C  C7    . DT  B 1 7  ? 2.437   -1.162  4.343   1.00 22.30 ? 19  DT  B C7    1 
ATOM   386 C  C6    . DT  B 1 7  ? 1.660   -3.019  2.896   1.00 20.92 ? 19  DT  B C6    1 
ATOM   387 P  P     . DT  B 1 8  ? 2.139   -9.024  0.939   1.00 30.84 ? 20  DT  B P     1 
ATOM   388 O  OP1   . DT  B 1 8  ? 1.599   -10.367 0.651   1.00 32.59 ? 20  DT  B OP1   1 
ATOM   389 O  OP2   . DT  B 1 8  ? 3.385   -8.891  1.743   1.00 31.45 ? 20  DT  B OP2   1 
ATOM   390 O  "O5'" . DT  B 1 8  ? 2.337   -8.230  -0.428  1.00 30.19 ? 20  DT  B "O5'" 1 
ATOM   391 C  "C5'" . DT  B 1 8  ? 1.261   -8.037  -1.325  1.00 29.89 ? 20  DT  B "C5'" 1 
ATOM   392 C  "C4'" . DT  B 1 8  ? 1.709   -7.152  -2.475  1.00 29.50 ? 20  DT  B "C4'" 1 
ATOM   393 O  "O4'" . DT  B 1 8  ? 1.979   -5.798  -2.023  1.00 27.91 ? 20  DT  B "O4'" 1 
ATOM   394 C  "C3'" . DT  B 1 8  ? 2.964   -7.626  -3.204  1.00 30.35 ? 20  DT  B "C3'" 1 
ATOM   395 O  "O3'" . DT  B 1 8  ? 2.576   -7.707  -4.583  1.00 32.34 ? 20  DT  B "O3'" 1 
ATOM   396 C  "C2'" . DT  B 1 8  ? 4.026   -6.572  -2.858  1.00 27.81 ? 20  DT  B "C2'" 1 
ATOM   397 C  "C1'" . DT  B 1 8  ? 3.168   -5.331  -2.642  1.00 26.62 ? 20  DT  B "C1'" 1 
ATOM   398 N  N1    . DT  B 1 8  ? 3.671   -4.234  -1.757  1.00 23.53 ? 20  DT  B N1    1 
ATOM   399 C  C2    . DT  B 1 8  ? 3.660   -2.946  -2.261  1.00 22.72 ? 20  DT  B C2    1 
ATOM   400 O  O2    . DT  B 1 8  ? 3.299   -2.639  -3.384  1.00 23.37 ? 20  DT  B O2    1 
ATOM   401 N  N3    . DT  B 1 8  ? 4.094   -1.990  -1.392  1.00 22.03 ? 20  DT  B N3    1 
ATOM   402 C  C4    . DT  B 1 8  ? 4.523   -2.146  -0.096  1.00 22.30 ? 20  DT  B C4    1 
ATOM   403 O  O4    . DT  B 1 8  ? 4.859   -1.158  0.554   1.00 23.66 ? 20  DT  B O4    1 
ATOM   404 C  C5    . DT  B 1 8  ? 4.522   -3.513  0.391   1.00 22.36 ? 20  DT  B C5    1 
ATOM   405 C  C7    . DT  B 1 8  ? 4.982   -3.833  1.787   1.00 24.28 ? 20  DT  B C7    1 
ATOM   406 C  C6    . DT  B 1 8  ? 4.095   -4.479  -0.452  1.00 23.24 ? 20  DT  B C6    1 
ATOM   407 P  P     . DC  B 1 9  ? 3.511   -8.231  -5.768  1.00 33.88 ? 21  DC  B P     1 
ATOM   408 O  OP1   . DC  B 1 9  ? 2.667   -8.887  -6.792  1.00 35.53 ? 21  DC  B OP1   1 
ATOM   409 O  OP2   . DC  B 1 9  ? 4.655   -8.942  -5.157  1.00 35.57 ? 21  DC  B OP2   1 
ATOM   410 O  "O5'" . DC  B 1 9  ? 4.094   -6.868  -6.365  1.00 32.40 ? 21  DC  B "O5'" 1 
ATOM   411 C  "C5'" . DC  B 1 9  ? 3.216   -5.866  -6.839  1.00 29.24 ? 21  DC  B "C5'" 1 
ATOM   412 C  "C4'" . DC  B 1 9  ? 3.980   -4.605  -7.203  1.00 26.41 ? 21  DC  B "C4'" 1 
ATOM   413 O  "O4'" . DC  B 1 9  ? 4.485   -3.900  -6.047  1.00 25.52 ? 21  DC  B "O4'" 1 
ATOM   414 C  "C3'" . DC  B 1 9  ? 5.175   -4.777  -8.137  1.00 26.09 ? 21  DC  B "C3'" 1 
ATOM   415 O  "O3'" . DC  B 1 9  ? 4.909   -3.872  -9.199  1.00 26.97 ? 21  DC  B "O3'" 1 
ATOM   416 C  "C2'" . DC  B 1 9  ? 6.397   -4.382  -7.297  1.00 25.74 ? 21  DC  B "C2'" 1 
ATOM   417 C  "C1'" . DC  B 1 9  ? 5.760   -3.355  -6.372  1.00 25.20 ? 21  DC  B "C1'" 1 
ATOM   418 N  N1    . DC  B 1 9  ? 6.329   -3.089  -5.036  1.00 24.41 ? 21  DC  B N1    1 
ATOM   419 C  C2    . DC  B 1 9  ? 6.604   -1.760  -4.671  1.00 23.88 ? 21  DC  B C2    1 
ATOM   420 O  O2    . DC  B 1 9  ? 6.433   -0.851  -5.491  1.00 26.03 ? 21  DC  B O2    1 
ATOM   421 N  N3    . DC  B 1 9  ? 7.062   -1.495  -3.423  1.00 22.61 ? 21  DC  B N3    1 
ATOM   422 C  C4    . DC  B 1 9  ? 7.243   -2.493  -2.555  1.00 23.39 ? 21  DC  B C4    1 
ATOM   423 N  N4    . DC  B 1 9  ? 7.679   -2.171  -1.327  1.00 22.85 ? 21  DC  B N4    1 
ATOM   424 C  C5    . DC  B 1 9  ? 6.955   -3.850  -2.906  1.00 23.24 ? 21  DC  B C5    1 
ATOM   425 C  C6    . DC  B 1 9  ? 6.500   -4.111  -4.143  1.00 24.36 ? 21  DC  B C6    1 
HETATM 426 O  O6    . 1TW B 1 10 ? 10.560  -1.920  -2.349  1.00 20.48 ? 22  1TW B O6    1 
HETATM 427 C  C6    . 1TW B 1 10 ? 10.480  -1.425  -3.470  1.00 20.37 ? 22  1TW B C6    1 
HETATM 428 C  C5    . 1TW B 1 10 ? 10.214  -2.062  -4.706  1.00 21.98 ? 22  1TW B C5    1 
HETATM 429 N  N7    . 1TW B 1 10 ? 9.985   -3.400  -5.028  1.00 23.94 ? 22  1TW B N7    1 
HETATM 430 C  C8    . 1TW B 1 10 ? 9.787   -3.383  -6.321  1.00 24.60 ? 22  1TW B C8    1 
HETATM 431 N  N1    . 1TW B 1 10 ? 10.659  -0.053  -3.598  1.00 21.09 ? 22  1TW B N1    1 
HETATM 432 C  C2    . 1TW B 1 10 ? 10.576  0.648   -4.772  1.00 20.40 ? 22  1TW B C2    1 
HETATM 433 N  N2    . 1TW B 1 10 ? 10.775  1.973   -4.709  1.00 20.26 ? 22  1TW B N2    1 
HETATM 434 N  N3    . 1TW B 1 10 ? 10.324  0.069   -5.943  1.00 21.74 ? 22  1TW B N3    1 
HETATM 435 C  C4    . 1TW B 1 10 ? 10.153  -1.272  -5.829  1.00 22.22 ? 22  1TW B C4    1 
HETATM 436 N  N9    . 1TW B 1 10 ? 9.903   -2.125  -6.873  1.00 24.16 ? 22  1TW B N9    1 
HETATM 437 C  "C1'" . 1TW B 1 10 ? 9.722   -1.653  -8.242  1.00 27.25 ? 22  1TW B "C1'" 1 
HETATM 438 O  "O4'" . 1TW B 1 10 ? 8.329   -1.509  -8.409  1.00 27.98 ? 22  1TW B "O4'" 1 
HETATM 439 C  "C2'" . 1TW B 1 10 ? 10.173  -2.417  -9.485  1.00 30.08 ? 22  1TW B "C2'" 1 
HETATM 440 SE SE2   . 1TW B 1 10 ? 9.626   -4.309  -9.564  1.00 34.13 ? 22  1TW B SE2   1 
HETATM 441 C  "CA'" . 1TW B 1 10 ? 11.153  -5.350  -8.874  1.00 31.36 ? 22  1TW B "CA'" 1 
HETATM 442 C  "C3'" . 1TW B 1 10 ? 9.397   -1.600  -10.511 1.00 30.33 ? 22  1TW B "C3'" 1 
HETATM 443 O  "O3'" . 1TW B 1 10 ? 10.143  -0.446  -10.794 1.00 33.99 ? 22  1TW B "O3'" 1 
HETATM 444 C  "C4'" . 1TW B 1 10 ? 8.147   -1.105  -9.786  1.00 28.98 ? 22  1TW B "C4'" 1 
HETATM 445 C  "C5'" . 1TW B 1 10 ? 6.828   -1.639  -10.303 1.00 28.60 ? 22  1TW B "C5'" 1 
HETATM 446 O  "O5'" . 1TW B 1 10 ? 6.941   -3.048  -10.423 1.00 28.09 ? 22  1TW B "O5'" 1 
HETATM 447 P  P     . 1TW B 1 10 ? 5.655   -3.966  -10.605 1.00 27.44 ? 22  1TW B P     1 
HETATM 448 O  OP1   . 1TW B 1 10 ? 4.738   -3.367  -11.615 1.00 28.87 ? 22  1TW B OP1   1 
HETATM 449 O  OP2   . 1TW B 1 10 ? 6.192   -5.335  -10.790 1.00 27.90 ? 22  1TW B OP2   1 
ATOM   450 P  P     . DC  B 1 11 ? 10.700  -0.196  -12.267 1.00 36.62 ? 23  DC  B P     1 
ATOM   451 O  OP1   . DC  B 1 11 ? 9.593   0.339   -13.094 1.00 37.82 ? 23  DC  B OP1   1 
ATOM   452 O  OP2   . DC  B 1 11 ? 11.465  -1.395  -12.682 1.00 37.24 ? 23  DC  B OP2   1 
ATOM   453 O  "O5'" . DC  B 1 11 ? 11.779  0.948   -12.016 1.00 34.24 ? 23  DC  B "O5'" 1 
ATOM   454 C  "C5'" . DC  B 1 11 ? 11.329  2.241   -11.637 1.00 32.77 ? 23  DC  B "C5'" 1 
ATOM   455 C  "C4'" . DC  B 1 11 ? 12.340  2.827   -10.682 1.00 30.22 ? 23  DC  B "C4'" 1 
ATOM   456 O  "O4'" . DC  B 1 11 ? 12.184  2.175   -9.400  1.00 28.17 ? 23  DC  B "O4'" 1 
ATOM   457 C  "C3'" . DC  B 1 11 ? 13.782  2.585   -11.119 1.00 30.04 ? 23  DC  B "C3'" 1 
ATOM   458 O  "O3'" . DC  B 1 11 ? 14.452  3.806   -11.260 1.00 30.18 ? 23  DC  B "O3'" 1 
ATOM   459 C  "C2'" . DC  B 1 11 ? 14.401  1.785   -9.991  1.00 28.92 ? 23  DC  B "C2'" 1 
ATOM   460 C  "C1'" . DC  B 1 11 ? 13.464  2.072   -8.833  1.00 27.21 ? 23  DC  B "C1'" 1 
ATOM   461 N  N1    . DC  B 1 11 ? 13.508  0.932   -7.924  1.00 24.15 ? 23  DC  B N1    1 
ATOM   462 C  C2    . DC  B 1 11 ? 13.726  1.148   -6.559  1.00 22.13 ? 23  DC  B C2    1 
ATOM   463 O  O2    . DC  B 1 11 ? 13.842  2.308   -6.147  1.00 22.25 ? 23  DC  B O2    1 
ATOM   464 N  N3    . DC  B 1 11 ? 13.780  0.067   -5.738  1.00 22.09 ? 23  DC  B N3    1 
ATOM   465 C  C4    . DC  B 1 11 ? 13.648  -1.163  -6.237  1.00 22.28 ? 23  DC  B C4    1 
ATOM   466 N  N4    . DC  B 1 11 ? 13.707  -2.193  -5.396  1.00 23.18 ? 23  DC  B N4    1 
ATOM   467 C  C5    . DC  B 1 11 ? 13.440  -1.399  -7.626  1.00 24.17 ? 23  DC  B C5    1 
ATOM   468 C  C6    . DC  B 1 11 ? 13.382  -0.332  -8.426  1.00 23.83 ? 23  DC  B C6    1 
ATOM   469 P  P     . DG  B 1 12 ? 15.945  3.923   -11.826 1.00 30.35 ? 24  DG  B P     1 
ATOM   470 O  OP1   . DG  B 1 12 ? 15.831  4.882   -12.948 1.00 31.02 ? 24  DG  B OP1   1 
ATOM   471 O  OP2   . DG  B 1 12 ? 16.571  2.594   -12.044 1.00 30.32 ? 24  DG  B OP2   1 
ATOM   472 O  "O5'" . DG  B 1 12 ? 16.723  4.621   -10.615 1.00 27.01 ? 24  DG  B "O5'" 1 
ATOM   473 C  "C5'" . DG  B 1 12 ? 16.426  5.961   -10.188 1.00 24.40 ? 24  DG  B "C5'" 1 
ATOM   474 C  "C4'" . DG  B 1 12 ? 16.971  6.171   -8.788  1.00 21.90 ? 24  DG  B "C4'" 1 
ATOM   475 O  "O4'" . DG  B 1 12 ? 16.332  5.226   -7.901  1.00 22.32 ? 24  DG  B "O4'" 1 
ATOM   476 C  "C3'" . DG  B 1 12 ? 18.456  5.852   -8.638  1.00 21.67 ? 24  DG  B "C3'" 1 
ATOM   477 O  "O3'" . DG  B 1 12 ? 19.249  6.973   -8.942  1.00 23.14 ? 24  DG  B "O3'" 1 
ATOM   478 C  "C2'" . DG  B 1 12 ? 18.595  5.491   -7.171  1.00 22.29 ? 24  DG  B "C2'" 1 
ATOM   479 C  "C1'" . DG  B 1 12 ? 17.258  4.828   -6.895  1.00 21.78 ? 24  DG  B "C1'" 1 
ATOM   480 N  N9    . DG  B 1 12 ? 17.236  3.366   -6.871  1.00 20.68 ? 24  DG  B N9    1 
ATOM   481 C  C8    . DG  B 1 12 ? 17.038  2.504   -7.929  1.00 21.28 ? 24  DG  B C8    1 
ATOM   482 N  N7    . DG  B 1 12 ? 17.014  1.252   -7.577  1.00 21.43 ? 24  DG  B N7    1 
ATOM   483 C  C5    . DG  B 1 12 ? 17.199  1.276   -6.204  1.00 19.91 ? 24  DG  B C5    1 
ATOM   484 C  C6    . DG  B 1 12 ? 17.257  0.218   -5.258  1.00 20.13 ? 24  DG  B C6    1 
ATOM   485 O  O6    . DG  B 1 12 ? 17.148  -0.991  -5.478  1.00 21.85 ? 24  DG  B O6    1 
ATOM   486 N  N1    . DG  B 1 12 ? 17.452  0.681   -3.953  1.00 20.25 ? 24  DG  B N1    1 
ATOM   487 C  C2    . DG  B 1 12 ? 17.584  2.008   -3.619  1.00 20.35 ? 24  DG  B C2    1 
ATOM   488 N  N2    . DG  B 1 12 ? 17.771  2.296   -2.335  1.00 21.92 ? 24  DG  B N2    1 
ATOM   489 N  N3    . DG  B 1 12 ? 17.524  3.004   -4.490  1.00 20.05 ? 24  DG  B N3    1 
ATOM   490 C  C4    . DG  B 1 12 ? 17.331  2.569   -5.754  1.00 20.85 ? 24  DG  B C4    1 
HETATM 491 MG MG    . MG  C 2 .  ? 12.578  -5.035  -0.342  1.00 24.70 ? 101 MG  A MG    1 
HETATM 492 O  O     . HOH D 3 .  ? -2.587  4.188   -10.076 1.00 23.42 ? 201 HOH A O     1 
HETATM 493 O  O     . HOH D 3 .  ? 20.458  -3.240  -0.376  1.00 30.88 ? 202 HOH A O     1 
HETATM 494 O  O     . HOH D 3 .  ? -2.948  4.911   -1.143  1.00 30.50 ? 203 HOH A O     1 
HETATM 495 O  O     . HOH D 3 .  ? -5.408  -3.321  5.546   1.00 21.62 ? 204 HOH A O     1 
HETATM 496 O  O     . HOH D 3 .  ? 2.286   -1.312  -7.864  1.00 26.64 ? 205 HOH A O     1 
HETATM 497 O  O     . HOH D 3 .  ? -1.406  6.842   -10.365 1.00 23.05 ? 206 HOH A O     1 
HETATM 498 O  O     . HOH D 3 .  ? -3.238  -4.858  2.012   1.00 21.62 ? 207 HOH A O     1 
HETATM 499 O  O     . HOH D 3 .  ? -1.031  5.726   -6.477  1.00 27.25 ? 208 HOH A O     1 
HETATM 500 O  O     . HOH D 3 .  ? -3.886  -5.593  4.593   1.00 24.66 ? 209 HOH A O     1 
HETATM 501 O  O     . HOH D 3 .  ? -4.389  1.683   -7.425  1.00 27.68 ? 210 HOH A O     1 
HETATM 502 O  O     . HOH D 3 .  ? -6.360  -10.282 8.834   1.00 41.24 ? 211 HOH A O     1 
HETATM 503 O  O     . HOH D 3 .  ? -9.763  -0.908  -2.580  1.00 25.51 ? 212 HOH A O     1 
HETATM 504 O  O     . HOH D 3 .  ? 0.361   5.802   -2.093  1.00 31.39 ? 213 HOH A O     1 
HETATM 505 O  O     . HOH D 3 .  ? 2.364   8.013   -12.373 1.00 30.17 ? 214 HOH A O     1 
HETATM 506 O  O     . HOH D 3 .  ? 4.848   3.374   2.106   1.00 39.80 ? 215 HOH A O     1 
HETATM 507 O  O     . HOH D 3 .  ? -6.525  -2.998  7.973   1.00 32.55 ? 216 HOH A O     1 
HETATM 508 O  O     . HOH D 3 .  ? -4.030  -7.758  6.104   1.00 34.34 ? 217 HOH A O     1 
HETATM 509 O  O     . HOH D 3 .  ? 8.059   5.034   -5.961  1.00 30.16 ? 218 HOH A O     1 
HETATM 510 O  O     . HOH D 3 .  ? 19.657  -4.154  -2.778  1.00 36.10 ? 219 HOH A O     1 
HETATM 511 O  O     . HOH D 3 .  ? -6.942  0.468   -7.218  1.00 31.44 ? 220 HOH A O     1 
HETATM 512 O  O     . HOH D 3 .  ? 14.011  -1.166  4.665   1.00 28.17 ? 221 HOH A O     1 
HETATM 513 O  O     . HOH D 3 .  ? -1.776  1.369   -13.320 1.00 24.26 ? 222 HOH A O     1 
HETATM 514 O  O     . HOH D 3 .  ? -8.357  -12.700 4.373   1.00 41.24 ? 223 HOH A O     1 
HETATM 515 O  O     . HOH D 3 .  ? -9.252  -2.336  7.412   1.00 27.32 ? 224 HOH A O     1 
HETATM 516 O  O     . HOH D 3 .  ? -3.447  5.334   -7.804  1.00 33.71 ? 225 HOH A O     1 
HETATM 517 O  O     . HOH D 3 .  ? -15.834 -5.598  4.424   1.00 45.26 ? 226 HOH A O     1 
HETATM 518 O  O     . HOH D 3 .  ? 11.527  -0.153  5.091   1.00 40.36 ? 227 HOH A O     1 
HETATM 519 O  O     . HOH D 3 .  ? 13.277  -3.561  0.973   1.00 23.44 ? 228 HOH A O     1 
HETATM 520 O  O     . HOH D 3 .  ? 13.365  -4.098  -1.969  1.00 22.56 ? 229 HOH A O     1 
HETATM 521 O  O     . HOH D 3 .  ? 10.158  -1.251  2.837   1.00 37.34 ? 230 HOH A O     1 
HETATM 522 O  O     . HOH D 3 .  ? 14.834  -5.357  -3.929  1.00 29.04 ? 231 HOH A O     1 
HETATM 523 O  O     . HOH D 3 .  ? -6.719  3.277   -2.338  1.00 33.29 ? 232 HOH A O     1 
HETATM 524 O  O     . HOH D 3 .  ? 4.529   4.922   -11.487 1.00 37.69 ? 233 HOH A O     1 
HETATM 525 O  O     . HOH D 3 .  ? -15.172 -2.138  14.094  1.00 36.75 ? 234 HOH A O     1 
HETATM 526 O  O     . HOH D 3 .  ? 1.017   4.905   0.411   1.00 31.69 ? 235 HOH A O     1 
HETATM 527 O  O     . HOH D 3 .  ? -6.106  -4.964  9.781   1.00 32.39 ? 236 HOH A O     1 
HETATM 528 O  O     . HOH D 3 .  ? 2.790   0.821   -11.852 1.00 35.08 ? 237 HOH A O     1 
HETATM 529 O  O     . HOH D 3 .  ? 0.674   2.623   -13.238 1.00 34.76 ? 238 HOH A O     1 
HETATM 530 O  O     . HOH D 3 .  ? -11.474 -4.727  -0.352  1.00 46.23 ? 239 HOH A O     1 
HETATM 531 O  O     . HOH D 3 .  ? -16.347 -4.416  10.147  1.00 38.22 ? 240 HOH A O     1 
HETATM 532 O  O     . HOH D 3 .  ? 5.026   8.784   -9.211  1.00 45.63 ? 241 HOH A O     1 
HETATM 533 O  O     . HOH D 3 .  ? -12.112 -1.929  -1.353  1.00 36.93 ? 242 HOH A O     1 
HETATM 534 O  O     . HOH D 3 .  ? -9.899  -10.191 2.130   1.00 40.09 ? 243 HOH A O     1 
HETATM 535 O  O     . HOH D 3 .  ? 2.960   10.938  -7.170  1.00 43.74 ? 244 HOH A O     1 
HETATM 536 O  O     . HOH D 3 .  ? 3.789   5.169   0.583   1.00 42.50 ? 245 HOH A O     1 
HETATM 537 O  O     . HOH D 3 .  ? 6.518   10.782  -8.076  1.00 48.12 ? 246 HOH A O     1 
HETATM 538 O  O     . HOH D 3 .  ? 4.984   7.576   1.607   1.00 44.30 ? 247 HOH A O     1 
HETATM 539 O  O     . HOH D 3 .  ? -2.255  -6.328  -0.212  1.00 28.86 ? 248 HOH A O     1 
HETATM 540 O  O     . HOH D 3 .  ? 18.088  -7.136  -2.291  1.00 32.49 ? 249 HOH A O     1 
HETATM 541 O  O     . HOH E 3 .  ? 18.197  9.292   -10.364 1.00 28.72 ? 101 HOH B O     1 
HETATM 542 O  O     . HOH E 3 .  ? 10.859  -4.074  -0.736  1.00 24.13 ? 102 HOH B O     1 
HETATM 543 O  O     . HOH E 3 .  ? 10.273  -5.888  -3.679  1.00 25.34 ? 103 HOH B O     1 
HETATM 544 O  O     . HOH E 3 .  ? 2.339   -2.279  -10.436 1.00 30.74 ? 104 HOH B O     1 
HETATM 545 O  O     . HOH E 3 .  ? 3.474   -4.767  5.160   1.00 30.29 ? 105 HOH B O     1 
HETATM 546 O  O     . HOH E 3 .  ? 2.478   -3.155  8.302   1.00 38.12 ? 106 HOH B O     1 
HETATM 547 O  O     . HOH E 3 .  ? 1.510   -2.458  -5.499  1.00 22.98 ? 107 HOH B O     1 
HETATM 548 O  O     . HOH E 3 .  ? 4.487   0.458   -6.996  1.00 27.21 ? 108 HOH B O     1 
HETATM 549 O  O     . HOH E 3 .  ? 8.400   -4.438  0.396   1.00 25.13 ? 109 HOH B O     1 
HETATM 550 O  O     . HOH E 3 .  ? 6.777   -7.502  -4.809  1.00 39.34 ? 110 HOH B O     1 
HETATM 551 O  O     . HOH E 3 .  ? 2.800   2.211   3.521   1.00 36.36 ? 111 HOH B O     1 
HETATM 552 O  O     . HOH E 3 .  ? -1.068  -4.626  -2.209  1.00 25.38 ? 112 HOH B O     1 
HETATM 553 O  O     . HOH E 3 .  ? -0.037  -4.661  -4.942  1.00 31.15 ? 113 HOH B O     1 
HETATM 554 O  O     . HOH E 3 .  ? -22.533 7.151   -0.627  1.00 45.19 ? 114 HOH B O     1 
HETATM 555 O  O     . HOH E 3 .  ? -8.491  3.539   -0.452  1.00 35.06 ? 115 HOH B O     1 
HETATM 556 O  O     . HOH E 3 .  ? 11.613  -6.026  1.185   1.00 25.16 ? 116 HOH B O     1 
HETATM 557 O  O     . HOH E 3 .  ? -3.419  5.233   3.489   1.00 32.25 ? 117 HOH B O     1 
HETATM 558 O  O     . HOH E 3 .  ? -14.913 -2.312  0.909   1.00 36.49 ? 118 HOH B O     1 
HETATM 559 O  O     . HOH E 3 .  ? -5.109  -3.689  11.983  1.00 39.54 ? 119 HOH B O     1 
HETATM 560 O  O     . HOH E 3 .  ? 5.357   -2.040  -13.777 1.00 38.86 ? 120 HOH B O     1 
HETATM 561 O  O     . HOH E 3 .  ? -11.265 3.081   -2.088  1.00 39.55 ? 121 HOH B O     1 
HETATM 562 O  O     . HOH E 3 .  ? -4.659  5.127   1.003   1.00 34.47 ? 122 HOH B O     1 
HETATM 563 O  O     . HOH E 3 .  ? -0.776  4.277   2.610   1.00 30.84 ? 123 HOH B O     1 
HETATM 564 O  O     . HOH E 3 .  ? 17.063  -0.356  -9.829  1.00 38.81 ? 124 HOH B O     1 
HETATM 565 O  O     . HOH E 3 .  ? 0.782   -0.437  8.148   1.00 35.59 ? 125 HOH B O     1 
HETATM 566 O  O     . HOH E 3 .  ? 4.739   -7.185  4.015   1.00 48.79 ? 126 HOH B O     1 
HETATM 567 O  O     . HOH E 3 .  ? 11.407  -6.966  -5.797  1.00 41.35 ? 127 HOH B O     1 
HETATM 568 O  O     . HOH E 3 .  ? -15.988 4.204   -1.753  1.00 41.61 ? 128 HOH B O     1 
HETATM 569 O  O     . HOH E 3 .  ? 7.665   -7.288  -9.477  1.00 34.91 ? 129 HOH B O     1 
HETATM 570 O  O     . HOH E 3 .  ? 0.006   2.843   5.103   1.00 34.83 ? 130 HOH B O     1 
HETATM 571 O  O     . HOH E 3 .  ? 5.930   -0.765  2.993   1.00 35.80 ? 131 HOH B O     1 
HETATM 572 O  O     . HOH E 3 .  ? 5.746   -9.323  -9.863  1.00 46.95 ? 132 HOH B O     1 
HETATM 573 O  O     . HOH E 3 .  ? 9.497   1.761   -7.969  1.00 35.76 ? 133 HOH B O     1 
HETATM 574 O  O     . HOH E 3 .  ? 5.395   -7.544  0.826   1.00 61.47 ? 134 HOH B O     1 
HETATM 575 O  O     . HOH E 3 .  ? 6.225   -1.943  5.295   1.00 48.55 ? 135 HOH B O     1 
HETATM 576 O  O     . HOH E 3 .  ? 17.601  -2.919  -7.371  1.00 43.56 ? 136 HOH B O     1 
HETATM 577 O  O     . HOH E 3 .  ? 15.255  -4.674  -8.205  1.00 42.22 ? 137 HOH B O     1 
HETATM 578 O  O     . HOH E 3 .  ? -18.841 -4.515  2.378   1.00 39.98 ? 138 HOH B O     1 
HETATM 579 O  O     . HOH E 3 .  ? 13.433  -4.959  -6.440  1.00 37.92 ? 139 HOH B O     1 
HETATM 580 O  O     . HOH E 3 .  ? -0.867  4.193   7.608   1.00 42.21 ? 140 HOH B O     1 
# 
loop_
_atom_site_anisotrop.id 
_atom_site_anisotrop.type_symbol 
_atom_site_anisotrop.pdbx_label_atom_id 
_atom_site_anisotrop.pdbx_label_alt_id 
_atom_site_anisotrop.pdbx_label_comp_id 
_atom_site_anisotrop.pdbx_label_asym_id 
_atom_site_anisotrop.pdbx_label_seq_id 
_atom_site_anisotrop.pdbx_PDB_ins_code 
_atom_site_anisotrop.U[1][1] 
_atom_site_anisotrop.U[2][2] 
_atom_site_anisotrop.U[3][3] 
_atom_site_anisotrop.U[1][2] 
_atom_site_anisotrop.U[1][3] 
_atom_site_anisotrop.U[2][3] 
_atom_site_anisotrop.pdbx_auth_seq_id 
_atom_site_anisotrop.pdbx_auth_comp_id 
_atom_site_anisotrop.pdbx_auth_asym_id 
_atom_site_anisotrop.pdbx_auth_atom_id 
1   O  "O5'" . DC  A 1  ? 0.4204 0.3565 0.3264 -0.0173 -0.0069 0.0110  1   DC  A "O5'" 
2   C  "C5'" . DC  A 1  ? 0.3567 0.3016 0.3159 -0.0147 -0.0069 -0.0023 1   DC  A "C5'" 
3   C  "C4'" . DC  A 1  ? 0.3290 0.3142 0.3174 -0.0038 -0.0019 0.0075  1   DC  A "C4'" 
4   O  "O4'" . DC  A 1  ? 0.2846 0.2948 0.3045 0.0093  0.0085  -0.0031 1   DC  A "O4'" 
5   C  "C3'" . DC  A 1  ? 0.3324 0.3174 0.3174 -0.0084 -0.0016 -0.0036 1   DC  A "C3'" 
6   O  "O3'" . DC  A 1  ? 0.3668 0.3408 0.3443 -0.0090 0.0005  -0.0199 1   DC  A "O3'" 
7   C  "C2'" . DC  A 1  ? 0.3122 0.3022 0.3081 -0.0020 0.0059  0.0111  1   DC  A "C2'" 
8   C  "C1'" . DC  A 1  ? 0.2710 0.2730 0.2930 -0.0021 -0.0035 0.0085  1   DC  A "C1'" 
9   N  N1    . DC  A 1  ? 0.2581 0.2422 0.2772 -0.0040 0.0095  0.0139  1   DC  A N1    
10  C  C2    . DC  A 1  ? 0.2394 0.2388 0.2774 -0.0025 -0.0030 0.0223  1   DC  A C2    
11  O  O2    . DC  A 1  ? 0.2909 0.2506 0.2929 -0.0072 -0.0009 0.0221  1   DC  A O2    
12  N  N3    . DC  A 1  ? 0.2326 0.2449 0.2718 0.0098  0.0146  0.0085  1   DC  A N3    
13  C  C4    . DC  A 1  ? 0.2386 0.2568 0.2806 0.0014  0.0045  0.0056  1   DC  A C4    
14  N  N4    . DC  A 1  ? 0.2566 0.2939 0.2904 0.0088  0.0012  -0.0019 1   DC  A N4    
15  C  C5    . DC  A 1  ? 0.2400 0.2582 0.2803 0.0041  0.0017  0.0057  1   DC  A C5    
16  C  C6    . DC  A 1  ? 0.2311 0.2535 0.2800 -0.0080 -0.0004 0.0104  1   DC  A C6    
17  P  P     . DG  A 2  ? 0.3947 0.3732 0.3611 -0.0002 -0.0023 -0.0337 2   DG  A P     
18  O  OP1   . DG  A 2  ? 0.4051 0.4018 0.3902 -0.0061 -0.0051 -0.0345 2   DG  A OP1   
19  O  OP2   . DG  A 2  ? 0.3866 0.3688 0.3791 -0.0053 0.0217  -0.0351 2   DG  A OP2   
20  O  "O5'" . DG  A 2  ? 0.3987 0.3696 0.3800 -0.0080 0.0134  -0.0152 2   DG  A "O5'" 
21  C  "C5'" . DG  A 2  ? 0.3832 0.3611 0.3617 0.0023  0.0117  -0.0086 2   DG  A "C5'" 
22  C  "C4'" . DG  A 2  ? 0.3564 0.3479 0.3257 0.0102  0.0280  -0.0279 2   DG  A "C4'" 
23  O  "O4'" . DG  A 2  ? 0.3306 0.3489 0.3441 -0.0141 0.0163  -0.0330 2   DG  A "O4'" 
24  C  "C3'" . DG  A 2  ? 0.3451 0.3259 0.3255 0.0094  0.0293  -0.0179 2   DG  A "C3'" 
25  O  "O3'" . DG  A 2  ? 0.3891 0.3399 0.3542 0.0207  0.0404  -0.0208 2   DG  A "O3'" 
26  C  "C2'" . DG  A 2  ? 0.3426 0.3283 0.3142 0.0067  0.0344  -0.0160 2   DG  A "C2'" 
27  C  "C1'" . DG  A 2  ? 0.3239 0.3103 0.3076 -0.0027 0.0161  -0.0269 2   DG  A "C1'" 
28  N  N9    . DG  A 2  ? 0.2714 0.2766 0.2871 -0.0107 0.0143  -0.0101 2   DG  A N9    
29  C  C8    . DG  A 2  ? 0.2503 0.2695 0.2963 -0.0119 0.0110  -0.0133 2   DG  A C8    
30  N  N7    . DG  A 2  ? 0.2280 0.2659 0.2793 0.0048  -0.0038 -0.0049 2   DG  A N7    
31  C  C5    . DG  A 2  ? 0.2076 0.2440 0.2765 -0.0042 0.0078  -0.0096 2   DG  A C5    
32  C  C6    . DG  A 2  ? 0.2081 0.2470 0.2843 -0.0014 -0.0064 -0.0153 2   DG  A C6    
33  O  O6    . DG  A 2  ? 0.2283 0.2479 0.3113 -0.0107 -0.0111 -0.0182 2   DG  A O6    
34  N  N1    . DG  A 2  ? 0.1910 0.2496 0.2801 0.0056  0.0098  -0.0143 2   DG  A N1    
35  C  C2    . DG  A 2  ? 0.1954 0.2672 0.2748 0.0012  0.0082  -0.0194 2   DG  A C2    
36  N  N2    . DG  A 2  ? 0.2219 0.2852 0.2747 -0.0016 0.0211  -0.0166 2   DG  A N2    
37  N  N3    . DG  A 2  ? 0.2125 0.2589 0.2741 -0.0128 0.0087  -0.0302 2   DG  A N3    
38  C  C4    . DG  A 2  ? 0.2365 0.2676 0.2869 -0.0091 -0.0016 -0.0186 2   DG  A C4    
39  P  P     . DC  A 3  ? 0.4113 0.3181 0.3557 0.0284  0.0479  -0.0305 3   DC  A P     
40  O  OP1   . DC  A 3  ? 0.4198 0.3501 0.4011 0.0141  0.0240  -0.0184 3   DC  A OP1   
41  O  OP2   . DC  A 3  ? 0.4217 0.3560 0.4173 0.0083  0.0381  -0.0105 3   DC  A OP2   
42  O  "O5'" . DC  A 3  ? 0.3531 0.3463 0.3448 0.0005  0.0433  -0.0329 3   DC  A "O5'" 
43  C  "C5'" . DC  A 3  ? 0.3022 0.2950 0.3272 -0.0159 -0.0083 -0.0272 3   DC  A "C5'" 
44  C  "C4'" . DC  A 3  ? 0.2806 0.2922 0.3349 -0.0039 -0.0160 -0.0334 3   DC  A "C4'" 
45  O  "O4'" . DC  A 3  ? 0.2455 0.2950 0.3337 -0.0114 -0.0181 -0.0340 3   DC  A "O4'" 
46  C  "C3'" . DC  A 3  ? 0.2837 0.3318 0.3612 0.0015  -0.0356 -0.0400 3   DC  A "C3'" 
47  O  "O3'" . DC  A 3  ? 0.3246 0.3570 0.4033 0.0105  -0.0549 -0.0334 3   DC  A "O3'" 
48  C  "C2'" . DC  A 3  ? 0.2851 0.3166 0.3684 0.0025  -0.0266 -0.0407 3   DC  A "C2'" 
49  C  "C1'" . DC  A 3  ? 0.2553 0.2876 0.3144 -0.0131 -0.0296 -0.0399 3   DC  A "C1'" 
50  N  N1    . DC  A 3  ? 0.2612 0.2851 0.3013 -0.0132 -0.0090 -0.0384 3   DC  A N1    
51  C  C2    . DC  A 3  ? 0.2088 0.2885 0.2829 -0.0118 0.0021  -0.0351 3   DC  A C2    
52  O  O2    . DC  A 3  ? 0.2218 0.2838 0.3118 -0.0172 -0.0008 -0.0184 3   DC  A O2    
53  N  N3    . DC  A 3  ? 0.2219 0.2854 0.2841 -0.0070 -0.0009 -0.0383 3   DC  A N3    
54  C  C4    . DC  A 3  ? 0.2270 0.2855 0.2863 -0.0330 -0.0048 -0.0491 3   DC  A C4    
55  N  N4    . DC  A 3  ? 0.2489 0.2873 0.3205 -0.0136 0.0033  -0.0413 3   DC  A N4    
56  C  C5    . DC  A 3  ? 0.2877 0.2891 0.2937 -0.0316 -0.0071 -0.0493 3   DC  A C5    
57  C  C6    . DC  A 3  ? 0.2641 0.2898 0.2920 -0.0246 -0.0126 -0.0404 3   DC  A C6    
58  P  P     . DG  A 4  ? 0.3575 0.4106 0.4200 0.0324  -0.0641 -0.0376 4   DG  A P     
59  O  OP1   . DG  A 4  ? 0.3838 0.4298 0.4472 0.0201  -0.0725 -0.0191 4   DG  A OP1   
60  O  OP2   . DG  A 4  ? 0.3763 0.4475 0.4366 0.0448  -0.0391 -0.0303 4   DG  A OP2   
61  O  "O5'" . DG  A 4  ? 0.2871 0.3838 0.3973 0.0139  -0.0402 -0.0403 4   DG  A "O5'" 
62  C  "C5'" . DG  A 4  ? 0.2762 0.3763 0.3913 0.0012  -0.0457 -0.0367 4   DG  A "C5'" 
63  C  "C4'" . DG  A 4  ? 0.2812 0.3797 0.3778 0.0035  -0.0345 -0.0376 4   DG  A "C4'" 
64  O  "O4'" . DG  A 4  ? 0.2528 0.3736 0.3598 -0.0088 -0.0163 -0.0412 4   DG  A "O4'" 
65  C  "C3'" . DG  A 4  ? 0.2918 0.3917 0.3961 0.0100  -0.0346 -0.0318 4   DG  A "C3'" 
66  O  "O3'" . DG  A 4  ? 0.3495 0.4449 0.4056 0.0219  -0.0400 -0.0170 4   DG  A "O3'" 
67  C  "C2'" . DG  A 4  ? 0.2676 0.3728 0.3775 0.0074  -0.0227 -0.0434 4   DG  A "C2'" 
68  C  "C1'" . DG  A 4  ? 0.2504 0.3535 0.3549 -0.0036 -0.0233 -0.0399 4   DG  A "C1'" 
69  N  N9    . DG  A 4  ? 0.2198 0.3473 0.3291 -0.0140 -0.0122 -0.0366 4   DG  A N9    
70  C  C8    . DG  A 4  ? 0.2056 0.3344 0.3218 0.0000  -0.0160 -0.0275 4   DG  A C8    
71  N  N7    . DG  A 4  ? 0.2146 0.3273 0.3067 -0.0009 -0.0042 -0.0473 4   DG  A N7    
72  C  C5    . DG  A 4  ? 0.1909 0.3458 0.2890 0.0029  -0.0160 -0.0361 4   DG  A C5    
73  C  C6    . DG  A 4  ? 0.1819 0.3433 0.2956 0.0122  -0.0056 -0.0250 4   DG  A C6    
74  O  O6    . DG  A 4  ? 0.2022 0.3310 0.3129 0.0070  -0.0093 -0.0320 4   DG  A O6    
75  N  N1    . DG  A 4  ? 0.1966 0.3402 0.2972 0.0212  -0.0086 -0.0342 4   DG  A N1    
76  C  C2    . DG  A 4  ? 0.2078 0.3347 0.2948 0.0187  0.0001  -0.0299 4   DG  A C2    
77  N  N2    . DG  A 4  ? 0.2212 0.3510 0.2804 0.0274  0.0027  -0.0179 4   DG  A N2    
78  N  N3    . DG  A 4  ? 0.2037 0.3336 0.3001 -0.0045 0.0096  -0.0260 4   DG  A N3    
79  C  C4    . DG  A 4  ? 0.1952 0.3351 0.3113 -0.0088 -0.0054 -0.0316 4   DG  A C4    
80  P  P     . DA  A 5  ? 0.3570 0.4552 0.4081 0.0314  -0.0627 -0.0078 5   DA  A P     
81  O  OP1   . DA  A 5  ? 0.3817 0.4689 0.4205 0.0199  -0.0475 0.0034  5   DA  A OP1   
82  O  OP2   . DA  A 5  ? 0.3683 0.4694 0.4188 0.0381  -0.0437 -0.0027 5   DA  A OP2   
83  O  "O5'" . DA  A 5  ? 0.3288 0.4364 0.3895 0.0067  -0.0409 -0.0018 5   DA  A "O5'" 
84  C  "C5'" . DA  A 5  ? 0.3075 0.4008 0.3672 -0.0309 -0.0430 0.0056  5   DA  A "C5'" 
85  C  "C4'" . DA  A 5  ? 0.2763 0.3778 0.3584 -0.0306 -0.0355 0.0184  5   DA  A "C4'" 
86  O  "O4'" . DA  A 5  ? 0.2602 0.3643 0.3694 -0.0331 -0.0261 0.0192  5   DA  A "O4'" 
87  C  "C3'" . DA  A 5  ? 0.2701 0.3717 0.3377 -0.0311 -0.0347 0.0227  5   DA  A "C3'" 
88  O  "O3'" . DA  A 5  ? 0.2824 0.3610 0.3256 -0.0248 -0.0138 0.0224  5   DA  A "O3'" 
89  C  "C2'" . DA  A 5  ? 0.2641 0.3528 0.3419 -0.0162 -0.0279 0.0268  5   DA  A "C2'" 
90  C  "C1'" . DA  A 5  ? 0.2430 0.3378 0.3333 -0.0229 -0.0240 0.0250  5   DA  A "C1'" 
91  N  N9    . DA  A 5  ? 0.2475 0.3211 0.3183 -0.0054 -0.0014 0.0031  5   DA  A N9    
92  C  C8    . DA  A 5  ? 0.2445 0.3084 0.3164 -0.0161 0.0002  0.0012  5   DA  A C8    
93  N  N7    . DA  A 5  ? 0.2184 0.2997 0.3056 0.0024  -0.0028 -0.0082 5   DA  A N7    
94  C  C5    . DA  A 5  ? 0.2001 0.2992 0.2889 -0.0093 0.0058  -0.0005 5   DA  A C5    
95  C  C6    . DA  A 5  ? 0.1910 0.2921 0.2841 -0.0062 0.0016  -0.0073 5   DA  A C6    
96  N  N6    . DA  A 5  ? 0.1757 0.3444 0.2942 -0.0113 0.0036  -0.0047 5   DA  A N6    
97  N  N1    . DA  A 5  ? 0.2089 0.3062 0.2853 0.0004  0.0032  -0.0135 5   DA  A N1    
98  C  C2    . DA  A 5  ? 0.1966 0.3104 0.2838 0.0243  0.0085  0.0138  5   DA  A C2    
99  N  N3    . DA  A 5  ? 0.2184 0.2955 0.2870 0.0022  0.0186  -0.0043 5   DA  A N3    
100 C  C4    . DA  A 5  ? 0.2189 0.3001 0.2956 -0.0063 0.0027  -0.0049 5   DA  A C4    
101 P  P     . DA  A 6  ? 0.2863 0.3567 0.3096 -0.0324 -0.0168 0.0261  6   DA  A P     
102 O  OP1   . DA  A 6  ? 0.2732 0.3638 0.3016 -0.0325 -0.0373 0.0162  6   DA  A OP1   
103 O  OP2   . DA  A 6  ? 0.2784 0.3357 0.3288 -0.0197 -0.0418 0.0198  6   DA  A OP2   
104 O  "O5'" . DA  A 6  ? 0.2516 0.3317 0.2848 -0.0208 -0.0091 0.0110  6   DA  A "O5'" 
105 C  "C5'" . DA  A 6  ? 0.2630 0.3130 0.2460 -0.0372 0.0044  0.0083  6   DA  A "C5'" 
106 C  "C4'" . DA  A 6  ? 0.2462 0.3179 0.2569 -0.0247 0.0037  0.0111  6   DA  A "C4'" 
107 O  "O4'" . DA  A 6  ? 0.2327 0.3213 0.2407 -0.0156 0.0185  -0.0059 6   DA  A "O4'" 
108 C  "C3'" . DA  A 6  ? 0.2411 0.3280 0.2321 -0.0260 -0.0040 -0.0090 6   DA  A "C3'" 
109 O  "O3'" . DA  A 6  ? 0.2646 0.3113 0.2316 -0.0183 0.0079  -0.0029 6   DA  A "O3'" 
110 C  "C2'" . DA  A 6  ? 0.2328 0.3291 0.2213 -0.0179 -0.0066 -0.0073 6   DA  A "C2'" 
111 C  "C1'" . DA  A 6  ? 0.2151 0.3054 0.2268 -0.0171 0.0085  0.0007  6   DA  A "C1'" 
112 N  N9    . DA  A 6  ? 0.2315 0.2723 0.2440 -0.0017 0.0025  0.0027  6   DA  A N9    
113 C  C8    . DA  A 6  ? 0.2049 0.2797 0.2370 -0.0164 0.0069  -0.0147 6   DA  A C8    
114 N  N7    . DA  A 6  ? 0.2085 0.2726 0.2341 -0.0057 0.0140  0.0035  6   DA  A N7    
115 C  C5    . DA  A 6  ? 0.2047 0.2657 0.2383 0.0038  0.0095  0.0028  6   DA  A C5    
116 C  C6    . DA  A 6  ? 0.2024 0.2599 0.2290 0.0177  0.0124  -0.0103 6   DA  A C6    
117 N  N6    . DA  A 6  ? 0.2119 0.3030 0.2233 0.0136  0.0114  -0.0118 6   DA  A N6    
118 N  N1    . DA  A 6  ? 0.2043 0.2681 0.2526 0.0312  0.0061  -0.0076 6   DA  A N1    
119 C  C2    . DA  A 6  ? 0.2289 0.2839 0.2406 0.0171  -0.0119 -0.0019 6   DA  A C2    
120 N  N3    . DA  A 6  ? 0.2381 0.2738 0.2503 0.0104  -0.0010 -0.0025 6   DA  A N3    
121 C  C4    . DA  A 6  ? 0.2145 0.2706 0.2315 0.0072  0.0126  0.0042  6   DA  A C4    
122 P  P     . DT  A 7  ? 0.2782 0.3174 0.2569 -0.0219 -0.0003 0.0001  7   DT  A P     
123 O  OP1   . DT  A 7  ? 0.2863 0.3044 0.2534 -0.0222 0.0006  0.0030  7   DT  A OP1   
124 O  OP2   . DT  A 7  ? 0.2827 0.3260 0.2737 -0.0209 -0.0126 0.0181  7   DT  A OP2   
125 O  "O5'" . DT  A 7  ? 0.2874 0.2936 0.2648 -0.0109 0.0020  0.0117  7   DT  A "O5'" 
126 C  "C5'" . DT  A 7  ? 0.2973 0.2848 0.2389 -0.0083 0.0273  0.0048  7   DT  A "C5'" 
127 C  "C4'" . DT  A 7  ? 0.2960 0.2878 0.2380 -0.0115 0.0320  -0.0072 7   DT  A "C4'" 
128 O  "O4'" . DT  A 7  ? 0.2737 0.2954 0.2196 0.0053  0.0357  -0.0127 7   DT  A "O4'" 
129 C  "C3'" . DT  A 7  ? 0.3060 0.2839 0.2450 -0.0243 0.0147  -0.0128 7   DT  A "C3'" 
130 O  "O3'" . DT  A 7  ? 0.3548 0.2952 0.2729 -0.0250 0.0098  -0.0099 7   DT  A "O3'" 
131 C  "C2'" . DT  A 7  ? 0.2722 0.2852 0.2331 -0.0276 0.0027  -0.0174 7   DT  A "C2'" 
132 C  "C1'" . DT  A 7  ? 0.2548 0.2687 0.2239 -0.0071 0.0181  0.0049  7   DT  A "C1'" 
133 N  N1    . DT  A 7  ? 0.2320 0.2563 0.2273 0.0034  0.0048  0.0077  7   DT  A N1    
134 C  C2    . DT  A 7  ? 0.2140 0.2449 0.2278 0.0178  0.0102  0.0096  7   DT  A C2    
135 O  O2    . DT  A 7  ? 0.2354 0.2592 0.2412 0.0158  -0.0019 0.0103  7   DT  A O2    
136 N  N3    . DT  A 7  ? 0.2104 0.2794 0.2342 0.0084  0.0117  0.0027  7   DT  A N3    
137 C  C4    . DT  A 7  ? 0.2026 0.2680 0.2299 0.0167  0.0138  -0.0041 7   DT  A C4    
138 O  O4    . DT  A 7  ? 0.2071 0.2973 0.2335 0.0098  -0.0026 -0.0105 7   DT  A O4    
139 C  C5    . DT  A 7  ? 0.2086 0.2638 0.2315 0.0144  0.0102  -0.0023 7   DT  A C5    
140 C  C7    . DT  A 7  ? 0.2305 0.2730 0.2224 0.0257  0.0041  -0.0002 7   DT  A C7    
141 C  C6    . DT  A 7  ? 0.2166 0.2418 0.2444 0.0119  0.0091  0.0011  7   DT  A C6    
142 P  P     . DT  A 8  ? 0.3966 0.3215 0.3175 -0.0438 -0.0074 0.0036  8   DT  A P     
143 O  OP1   . DT  A 8  ? 0.4095 0.3435 0.3566 -0.0311 0.0147  -0.0121 8   DT  A OP1   
144 O  OP2   . DT  A 8  ? 0.3842 0.3514 0.3606 -0.0379 0.0064  0.0147  8   DT  A OP2   
145 O  "O5'" . DT  A 8  ? 0.3787 0.2985 0.3176 -0.0241 0.0066  0.0095  8   DT  A "O5'" 
146 C  "C5'" . DT  A 8  ? 0.3368 0.2994 0.2947 -0.0201 0.0072  -0.0229 8   DT  A "C5'" 
147 C  "C4'" . DT  A 8  ? 0.3164 0.2797 0.3009 -0.0272 0.0250  -0.0179 8   DT  A "C4'" 
148 O  "O4'" . DT  A 8  ? 0.2823 0.2755 0.2825 -0.0104 0.0301  -0.0253 8   DT  A "O4'" 
149 C  "C3'" . DT  A 8  ? 0.3253 0.2961 0.3019 -0.0221 0.0270  -0.0120 8   DT  A "C3'" 
150 O  "O3'" . DT  A 8  ? 0.3730 0.3020 0.3248 -0.0229 0.0178  -0.0019 8   DT  A "O3'" 
151 C  "C2'" . DT  A 8  ? 0.3089 0.2832 0.3018 -0.0203 0.0100  -0.0146 8   DT  A "C2'" 
152 C  "C1'" . DT  A 8  ? 0.2765 0.2823 0.2649 -0.0025 0.0215  -0.0142 8   DT  A "C1'" 
153 N  N1    . DT  A 8  ? 0.2532 0.2629 0.2378 0.0064  0.0031  0.0046  8   DT  A N1    
154 C  C2    . DT  A 8  ? 0.2143 0.2553 0.2370 0.0091  -0.0075 0.0062  8   DT  A C2    
155 O  O2    . DT  A 8  ? 0.2561 0.2748 0.2622 0.0212  0.0202  0.0200  8   DT  A O2    
156 N  N3    . DT  A 8  ? 0.2180 0.2555 0.2564 0.0116  0.0108  0.0259  8   DT  A N3    
157 C  C4    . DT  A 8  ? 0.2108 0.2673 0.2330 0.0059  0.0018  0.0086  8   DT  A C4    
158 O  O4    . DT  A 8  ? 0.2160 0.2585 0.2569 0.0019  0.0040  0.0099  8   DT  A O4    
159 C  C5    . DT  A 8  ? 0.2250 0.2697 0.2156 0.0075  0.0039  0.0249  8   DT  A C5    
160 C  C7    . DT  A 8  ? 0.2671 0.2977 0.2373 0.0202  -0.0260 0.0350  8   DT  A C7    
161 C  C6    . DT  A 8  ? 0.2602 0.2769 0.2338 0.0031  0.0041  0.0184  8   DT  A C6    
162 P  P     . DC  A 9  ? 0.3953 0.3095 0.3342 -0.0347 0.0169  -0.0010 9   DC  A P     
163 O  OP1   . DC  A 9  ? 0.4338 0.3236 0.3605 -0.0279 0.0146  0.0010  9   DC  A OP1   
164 O  OP2   . DC  A 9  ? 0.4054 0.2988 0.3807 -0.0413 0.0069  -0.0053 9   DC  A OP2   
165 O  "O5'" . DC  A 9  ? 0.3723 0.2845 0.3194 -0.0321 0.0259  0.0029  9   DC  A "O5'" 
166 C  "C5'" . DC  A 9  ? 0.3549 0.2694 0.3065 0.0027  0.0326  0.0014  9   DC  A "C5'" 
167 C  "C4'" . DC  A 9  ? 0.3302 0.2667 0.2964 0.0159  0.0255  0.0196  9   DC  A "C4'" 
168 O  "O4'" . DC  A 9  ? 0.3042 0.2588 0.2884 0.0076  0.0275  0.0171  9   DC  A "O4'" 
169 C  "C3'" . DC  A 9  ? 0.3327 0.2733 0.2901 0.0284  0.0238  0.0325  9   DC  A "C3'" 
170 O  "O3'" . DC  A 9  ? 0.3652 0.2767 0.2953 0.0404  0.0218  0.0294  9   DC  A "O3'" 
171 C  "C2'" . DC  A 9  ? 0.3198 0.2473 0.2866 0.0163  0.0203  0.0181  9   DC  A "C2'" 
172 C  "C1'" . DC  A 9  ? 0.2908 0.2541 0.2694 0.0221  0.0273  0.0199  9   DC  A "C1'" 
173 N  N1    . DC  A 9  ? 0.2810 0.2479 0.2340 0.0039  0.0164  0.0200  9   DC  A N1    
174 C  C2    . DC  A 9  ? 0.2635 0.2536 0.2158 0.0084  0.0186  0.0110  9   DC  A C2    
175 O  O2    . DC  A 9  ? 0.2681 0.2477 0.2259 0.0285  0.0062  0.0002  9   DC  A O2    
176 N  N3    . DC  A 9  ? 0.2601 0.2566 0.2303 0.0198  0.0158  0.0101  9   DC  A N3    
177 C  C4    . DC  A 9  ? 0.2376 0.2551 0.2430 0.0122  0.0071  0.0120  9   DC  A C4    
178 N  N4    . DC  A 9  ? 0.2418 0.2709 0.2511 0.0303  0.0091  0.0263  9   DC  A N4    
179 C  C5    . DC  A 9  ? 0.2561 0.2417 0.2645 0.0142  0.0085  0.0141  9   DC  A C5    
180 C  C6    . DC  A 9  ? 0.2659 0.2647 0.2286 -0.0010 0.0100  0.0267  9   DC  A C6    
181 O  O6    . 1TW A 10 ? 0.2533 0.2809 0.2628 0.0205  0.0236  0.0153  10  1TW A O6    
182 C  C6    . 1TW A 10 ? 0.2486 0.2623 0.2567 0.0228  0.0274  0.0134  10  1TW A C6    
183 C  C5    . 1TW A 10 ? 0.2618 0.2772 0.2891 0.0321  0.0345  0.0169  10  1TW A C5    
184 N  N7    . 1TW A 10 ? 0.2898 0.2872 0.3050 0.0191  0.0199  0.0146  10  1TW A N7    
185 C  C8    . 1TW A 10 ? 0.3116 0.2933 0.3099 0.0163  0.0349  0.0298  10  1TW A C8    
186 N  N1    . 1TW A 10 ? 0.2385 0.2655 0.2495 0.0153  0.0272  0.0162  10  1TW A N1    
187 C  C2    . 1TW A 10 ? 0.2422 0.2466 0.2414 0.0187  0.0334  0.0134  10  1TW A C2    
188 N  N2    . 1TW A 10 ? 0.2627 0.2692 0.2447 0.0183  0.0323  0.0081  10  1TW A N2    
189 N  N3    . 1TW A 10 ? 0.2562 0.2790 0.2723 0.0298  0.0320  0.0250  10  1TW A N3    
190 C  C4    . 1TW A 10 ? 0.2685 0.2774 0.2965 0.0274  0.0280  0.0214  10  1TW A C4    
191 N  N9    . 1TW A 10 ? 0.3164 0.2851 0.3231 0.0162  0.0254  0.0264  10  1TW A N9    
192 C  "C1'" . 1TW A 10 ? 0.3579 0.3225 0.3380 0.0152  0.0386  0.0511  10  1TW A "C1'" 
193 O  "O4'" . 1TW A 10 ? 0.3628 0.3265 0.3312 0.0233  0.0365  0.0529  10  1TW A "O4'" 
194 C  "C2'" . 1TW A 10 ? 0.4035 0.3435 0.3766 0.0085  0.0461  0.0680  10  1TW A "C2'" 
195 SE SE2   . 1TW A 10 ? 0.4861 0.3709 0.4916 -0.0172 0.0686  0.0530  10  1TW A SE2   
196 C  "CA'" . 1TW A 10 ? 0.4737 0.3860 0.4750 -0.0058 0.0674  0.0579  10  1TW A "CA'" 
197 C  "C3'" . 1TW A 10 ? 0.4138 0.3481 0.3642 0.0217  0.0443  0.0519  10  1TW A "C3'" 
198 O  "O3'" . 1TW A 10 ? 0.4633 0.3661 0.3730 0.0436  0.0493  0.0465  10  1TW A "O3'" 
199 C  "C4'" . 1TW A 10 ? 0.3850 0.3260 0.3335 0.0397  0.0334  0.0490  10  1TW A "C4'" 
200 C  "C5'" . 1TW A 10 ? 0.3826 0.3064 0.3126 0.0324  0.0254  0.0337  10  1TW A "C5'" 
201 O  "O5'" . 1TW A 10 ? 0.3845 0.2913 0.3147 0.0374  0.0264  0.0350  10  1TW A "O5'" 
202 P  P     . 1TW A 10 ? 0.3818 0.2897 0.3214 0.0362  0.0270  0.0368  10  1TW A P     
203 O  OP1   . 1TW A 10 ? 0.3656 0.3063 0.3262 0.0293  0.0143  0.0367  10  1TW A OP1   
204 O  OP2   . 1TW A 10 ? 0.3683 0.3361 0.3135 0.0299  0.0245  0.0310  10  1TW A OP2   
205 P  P     . DC  A 11 ? 0.4838 0.3929 0.3912 0.0526  0.0423  0.0558  11  DC  A P     
206 O  OP1   . DC  A 11 ? 0.4938 0.4129 0.4070 0.0565  0.0339  0.0683  11  DC  A OP1   
207 O  OP2   . DC  A 11 ? 0.4963 0.4035 0.4125 0.0414  0.0548  0.0613  11  DC  A OP2   
208 O  "O5'" . DC  A 11 ? 0.4618 0.3783 0.3454 0.0527  0.0386  0.0599  11  DC  A "O5'" 
209 C  "C5'" . DC  A 11 ? 0.4228 0.3863 0.3056 0.0713  0.0201  0.0502  11  DC  A "C5'" 
210 C  "C4'" . DC  A 11 ? 0.3895 0.3804 0.3015 0.0704  0.0206  0.0518  11  DC  A "C4'" 
211 O  "O4'" . DC  A 11 ? 0.3544 0.3836 0.2934 0.0664  0.0392  0.0560  11  DC  A "O4'" 
212 C  "C3'" . DC  A 11 ? 0.3904 0.3987 0.3243 0.0738  0.0281  0.0561  11  DC  A "C3'" 
213 O  "O3'" . DC  A 11 ? 0.4277 0.4190 0.3891 0.0831  0.0242  0.0424  11  DC  A "O3'" 
214 C  "C2'" . DC  A 11 ? 0.3723 0.3775 0.2960 0.0621  0.0344  0.0608  11  DC  A "C2'" 
215 C  "C1'" . DC  A 11 ? 0.3339 0.3581 0.2921 0.0509  0.0322  0.0494  11  DC  A "C1'" 
216 N  N1    . DC  A 11 ? 0.3048 0.3158 0.2934 0.0366  0.0354  0.0494  11  DC  A N1    
217 C  C2    . DC  A 11 ? 0.2836 0.2933 0.2842 0.0187  0.0270  0.0442  11  DC  A C2    
218 O  O2    . DC  A 11 ? 0.3052 0.2930 0.3000 0.0286  0.0272  0.0577  11  DC  A O2    
219 N  N3    . DC  A 11 ? 0.2645 0.2990 0.2897 0.0189  0.0288  0.0472  11  DC  A N3    
220 C  C4    . DC  A 11 ? 0.2681 0.3128 0.3105 0.0140  0.0238  0.0322  11  DC  A C4    
221 N  N4    . DC  A 11 ? 0.2715 0.3306 0.3106 0.0127  0.0396  0.0197  11  DC  A N4    
222 C  C5    . DC  A 11 ? 0.2708 0.3271 0.3161 0.0332  0.0246  0.0326  11  DC  A C5    
223 C  C6    . DC  A 11 ? 0.2944 0.3301 0.2978 0.0320  0.0324  0.0245  11  DC  A C6    
224 P  P     . DG  A 12 ? 0.4801 0.4298 0.4257 0.0998  0.0225  0.0190  12  DG  A P     
225 O  OP1   . DG  A 12 ? 0.4732 0.4790 0.4588 0.0899  0.0122  0.0077  12  DG  A OP1   
226 O  OP2   . DG  A 12 ? 0.4857 0.4651 0.4527 0.0912  0.0476  0.0216  12  DG  A OP2   
227 O  "O5'" . DG  A 12 ? 0.4522 0.4238 0.4202 0.0750  0.0258  0.0229  12  DG  A "O5'" 
228 C  "C5'" . DG  A 12 ? 0.3701 0.3942 0.3664 0.0446  0.0319  0.0050  12  DG  A "C5'" 
229 C  "C4'" . DG  A 12 ? 0.3316 0.3424 0.3220 0.0181  0.0327  -0.0097 12  DG  A "C4'" 
230 O  "O4'" . DG  A 12 ? 0.3323 0.3673 0.3069 -0.0096 0.0589  -0.0069 12  DG  A "O4'" 
231 C  "C3'" . DG  A 12 ? 0.3139 0.3233 0.3218 0.0106  0.0268  -0.0149 12  DG  A "C3'" 
232 O  "O3'" . DG  A 12 ? 0.3397 0.3471 0.3421 0.0135  0.0160  -0.0344 12  DG  A "O3'" 
233 C  "C2'" . DG  A 12 ? 0.3209 0.3225 0.2811 -0.0024 0.0307  -0.0204 12  DG  A "C2'" 
234 C  "C1'" . DG  A 12 ? 0.3095 0.3167 0.2876 0.0043  0.0256  -0.0154 12  DG  A "C1'" 
235 N  N9    . DG  A 12 ? 0.2938 0.2921 0.2791 0.0052  0.0259  -0.0063 12  DG  A N9    
236 C  C8    . DG  A 12 ? 0.2937 0.2879 0.2794 -0.0077 0.0188  -0.0126 12  DG  A C8    
237 N  N7    . DG  A 12 ? 0.2831 0.2886 0.2614 0.0076  0.0212  -0.0056 12  DG  A N7    
238 C  C5    . DG  A 12 ? 0.2639 0.2656 0.2763 0.0019  0.0235  -0.0080 12  DG  A C5    
239 C  C6    . DG  A 12 ? 0.2434 0.2498 0.2681 -0.0109 0.0279  -0.0248 12  DG  A C6    
240 O  O6    . DG  A 12 ? 0.2939 0.2829 0.2701 -0.0141 0.0255  -0.0424 12  DG  A O6    
241 N  N1    . DG  A 12 ? 0.2409 0.2459 0.2699 0.0000  0.0383  -0.0275 12  DG  A N1    
242 C  C2    . DG  A 12 ? 0.2571 0.2520 0.2681 -0.0100 0.0255  -0.0169 12  DG  A C2    
243 N  N2    . DG  A 12 ? 0.2411 0.2707 0.2835 -0.0057 0.0384  -0.0093 12  DG  A N2    
244 N  N3    . DG  A 12 ? 0.2569 0.2634 0.2790 -0.0039 0.0113  -0.0210 12  DG  A N3    
245 C  C4    . DG  A 12 ? 0.2696 0.2677 0.2714 -0.0103 0.0190  -0.0145 12  DG  A C4    
246 O  "O5'" . DC  B 1  ? 0.4466 0.4264 0.4258 -0.0157 -0.0377 -0.0267 13  DC  B "O5'" 
247 C  "C5'" . DC  B 1  ? 0.4134 0.3995 0.3919 -0.0351 -0.0432 -0.0192 13  DC  B "C5'" 
248 C  "C4'" . DC  B 1  ? 0.3739 0.3788 0.3602 -0.0369 -0.0326 -0.0058 13  DC  B "C4'" 
249 O  "O4'" . DC  B 1  ? 0.3476 0.3577 0.3593 -0.0331 -0.0206 -0.0100 13  DC  B "O4'" 
250 C  "C3'" . DC  B 1  ? 0.3726 0.3813 0.3540 -0.0218 -0.0314 0.0041  13  DC  B "C3'" 
251 O  "O3'" . DC  B 1  ? 0.3659 0.3906 0.3698 -0.0069 -0.0445 0.0025  13  DC  B "O3'" 
252 C  "C2'" . DC  B 1  ? 0.3604 0.3675 0.3240 -0.0225 -0.0172 0.0103  13  DC  B "C2'" 
253 C  "C1'" . DC  B 1  ? 0.3421 0.3377 0.3159 -0.0278 -0.0230 -0.0051 13  DC  B "C1'" 
254 N  N1    . DC  B 1  ? 0.3181 0.3114 0.2945 -0.0298 -0.0111 -0.0198 13  DC  B N1    
255 C  C2    . DC  B 1  ? 0.2908 0.3079 0.2897 -0.0209 0.0015  -0.0196 13  DC  B C2    
256 O  O2    . DC  B 1  ? 0.3030 0.3277 0.2783 -0.0165 0.0068  -0.0288 13  DC  B O2    
257 N  N3    . DC  B 1  ? 0.2766 0.3064 0.2774 -0.0265 0.0264  -0.0148 13  DC  B N3    
258 C  C4    . DC  B 1  ? 0.2663 0.3047 0.2993 -0.0374 0.0074  -0.0124 13  DC  B C4    
259 N  N4    . DC  B 1  ? 0.2742 0.3056 0.2994 -0.0281 0.0290  -0.0108 13  DC  B N4    
260 C  C5    . DC  B 1  ? 0.3054 0.3119 0.3101 -0.0402 -0.0004 -0.0061 13  DC  B C5    
261 C  C6    . DC  B 1  ? 0.3122 0.3055 0.3156 -0.0328 -0.0115 -0.0146 13  DC  B C6    
262 P  P     . DG  B 2  ? 0.3923 0.3747 0.3883 -0.0025 -0.0400 0.0148  14  DG  B P     
263 O  OP1   . DG  B 2  ? 0.4160 0.3888 0.4122 -0.0029 -0.0403 0.0068  14  DG  B OP1   
264 O  OP2   . DG  B 2  ? 0.4225 0.3851 0.4002 -0.0141 -0.0340 -0.0032 14  DG  B OP2   
265 O  "O5'" . DG  B 2  ? 0.3682 0.3424 0.3572 -0.0015 -0.0198 0.0030  14  DG  B "O5'" 
266 C  "C5'" . DG  B 2  ? 0.3360 0.3140 0.3341 0.0028  -0.0185 0.0172  14  DG  B "C5'" 
267 C  "C4'" . DG  B 2  ? 0.3025 0.2732 0.3062 -0.0008 0.0029  0.0123  14  DG  B "C4'" 
268 O  "O4'" . DG  B 2  ? 0.3082 0.2808 0.3102 0.0091  0.0021  0.0079  14  DG  B "O4'" 
269 C  "C3'" . DG  B 2  ? 0.3004 0.2797 0.3193 -0.0023 0.0001  0.0087  14  DG  B "C3'" 
270 O  "O3'" . DG  B 2  ? 0.3102 0.2902 0.3295 -0.0100 0.0160  0.0084  14  DG  B "O3'" 
271 C  "C2'" . DG  B 2  ? 0.2967 0.2666 0.3135 -0.0063 -0.0013 0.0180  14  DG  B "C2'" 
272 C  "C1'" . DG  B 2  ? 0.2948 0.2708 0.2955 -0.0077 -0.0033 0.0061  14  DG  B "C1'" 
273 N  N9    . DG  B 2  ? 0.2843 0.2689 0.2608 -0.0052 -0.0048 0.0015  14  DG  B N9    
274 C  C8    . DG  B 2  ? 0.2856 0.2561 0.2693 -0.0156 0.0021  -0.0018 14  DG  B C8    
275 N  N7    . DG  B 2  ? 0.2754 0.2597 0.2657 0.0065  -0.0055 0.0119  14  DG  B N7    
276 C  C5    . DG  B 2  ? 0.2522 0.2437 0.2603 -0.0093 0.0025  0.0084  14  DG  B C5    
277 C  C6    . DG  B 2  ? 0.2235 0.2369 0.2758 0.0011  0.0079  0.0129  14  DG  B C6    
278 O  O6    . DG  B 2  ? 0.2509 0.2375 0.3103 -0.0158 0.0013  0.0149  14  DG  B O6    
279 N  N1    . DG  B 2  ? 0.2334 0.2463 0.2790 -0.0121 0.0157  0.0123  14  DG  B N1    
280 C  C2    . DG  B 2  ? 0.2132 0.2479 0.2557 -0.0042 0.0260  0.0119  14  DG  B C2    
281 N  N2    . DG  B 2  ? 0.2381 0.2672 0.2561 0.0048  0.0356  0.0080  14  DG  B N2    
282 N  N3    . DG  B 2  ? 0.2455 0.2546 0.2548 -0.0011 0.0212  0.0147  14  DG  B N3    
283 C  C4    . DG  B 2  ? 0.2774 0.2463 0.2687 -0.0073 0.0058  0.0062  14  DG  B C4    
284 P  P     . DC  B 3  ? 0.2908 0.2755 0.2977 0.0053  0.0242  0.0183  15  DC  B P     
285 O  OP1   . DC  B 3  ? 0.3161 0.2794 0.3334 0.0057  0.0195  0.0203  15  DC  B OP1   
286 O  OP2   . DC  B 3  ? 0.3177 0.3264 0.3084 0.0138  0.0343  0.0148  15  DC  B OP2   
287 O  "O5'" . DC  B 3  ? 0.2785 0.3049 0.2638 -0.0019 0.0435  0.0284  15  DC  B "O5'" 
288 C  "C5'" . DC  B 3  ? 0.2910 0.2985 0.2582 0.0120  0.0056  0.0246  15  DC  B "C5'" 
289 C  "C4'" . DC  B 3  ? 0.2745 0.2790 0.2800 0.0200  0.0110  0.0131  15  DC  B "C4'" 
290 O  "O4'" . DC  B 3  ? 0.2675 0.2772 0.2889 0.0238  0.0038  0.0061  15  DC  B "O4'" 
291 C  "C3'" . DC  B 3  ? 0.2681 0.2783 0.2953 0.0156  -0.0097 0.0087  15  DC  B "C3'" 
292 O  "O3'" . DC  B 3  ? 0.2895 0.2832 0.3132 -0.0003 -0.0031 -0.0025 15  DC  B "O3'" 
293 C  "C2'" . DC  B 3  ? 0.2829 0.2801 0.3131 0.0098  -0.0063 0.0001  15  DC  B "C2'" 
294 C  "C1'" . DC  B 3  ? 0.2701 0.2585 0.2756 0.0254  -0.0002 0.0084  15  DC  B "C1'" 
295 N  N1    . DC  B 3  ? 0.2675 0.2672 0.2593 0.0300  0.0105  0.0107  15  DC  B N1    
296 C  C2    . DC  B 3  ? 0.2155 0.2596 0.2485 0.0359  0.0368  0.0141  15  DC  B C2    
297 O  O2    . DC  B 3  ? 0.2632 0.2851 0.2647 0.0347  0.0173  0.0168  15  DC  B O2    
298 N  N3    . DC  B 3  ? 0.2306 0.2543 0.2495 0.0143  0.0240  0.0124  15  DC  B N3    
299 C  C4    . DC  B 3  ? 0.2426 0.2607 0.2556 0.0289  0.0384  0.0162  15  DC  B C4    
300 N  N4    . DC  B 3  ? 0.2816 0.2881 0.2780 0.0023  0.0384  -0.0026 15  DC  B N4    
301 C  C5    . DC  B 3  ? 0.2618 0.2603 0.2734 0.0137  0.0379  0.0060  15  DC  B C5    
302 C  C6    . DC  B 3  ? 0.2762 0.2714 0.2508 0.0181  0.0191  0.0141  15  DC  B C6    
303 P  P     . DG  B 4  ? 0.3049 0.3070 0.3578 -0.0086 -0.0040 -0.0013 16  DG  B P     
304 O  OP1   . DG  B 4  ? 0.3416 0.3221 0.3873 0.0061  0.0138  -0.0237 16  DG  B OP1   
305 O  OP2   . DG  B 4  ? 0.3309 0.3239 0.3559 -0.0097 0.0132  0.0094  16  DG  B OP2   
306 O  "O5'" . DG  B 4  ? 0.2966 0.3184 0.3224 0.0033  0.0109  0.0034  16  DG  B "O5'" 
307 C  "C5'" . DG  B 4  ? 0.2920 0.3123 0.3067 0.0098  0.0049  0.0035  16  DG  B "C5'" 
308 C  "C4'" . DG  B 4  ? 0.2752 0.3206 0.2868 0.0046  -0.0063 -0.0133 16  DG  B "C4'" 
309 O  "O4'" . DG  B 4  ? 0.2686 0.3064 0.2770 0.0069  0.0087  -0.0146 16  DG  B "O4'" 
310 C  "C3'" . DG  B 4  ? 0.2791 0.3461 0.2878 0.0162  -0.0061 -0.0199 16  DG  B "C3'" 
311 O  "O3'" . DG  B 4  ? 0.2935 0.3801 0.2997 0.0166  -0.0246 -0.0181 16  DG  B "O3'" 
312 C  "C2'" . DG  B 4  ? 0.2699 0.3220 0.2852 0.0044  -0.0058 -0.0208 16  DG  B "C2'" 
313 C  "C1'" . DG  B 4  ? 0.2544 0.3015 0.2640 0.0058  -0.0093 -0.0267 16  DG  B "C1'" 
314 N  N9    . DG  B 4  ? 0.2442 0.2820 0.2536 0.0027  -0.0048 -0.0133 16  DG  B N9    
315 C  C8    . DG  B 4  ? 0.2338 0.2874 0.2550 0.0027  -0.0094 -0.0087 16  DG  B C8    
316 N  N7    . DG  B 4  ? 0.2275 0.2555 0.2793 -0.0031 -0.0032 -0.0131 16  DG  B N7    
317 C  C5    . DG  B 4  ? 0.2169 0.2581 0.2458 0.0106  -0.0063 0.0001  16  DG  B C5    
318 C  C6    . DG  B 4  ? 0.1851 0.2624 0.2319 0.0145  0.0036  -0.0039 16  DG  B C6    
319 O  O6    . DG  B 4  ? 0.2112 0.2506 0.2331 0.0082  -0.0014 -0.0111 16  DG  B O6    
320 N  N1    . DG  B 4  ? 0.2064 0.2809 0.2355 0.0185  0.0078  0.0152  16  DG  B N1    
321 C  C2    . DG  B 4  ? 0.2184 0.2518 0.2338 0.0076  0.0073  0.0015  16  DG  B C2    
322 N  N2    . DG  B 4  ? 0.2549 0.2492 0.2362 0.0240  0.0183  0.0054  16  DG  B N2    
323 N  N3    . DG  B 4  ? 0.2438 0.2684 0.2398 0.0009  0.0031  -0.0051 16  DG  B N3    
324 C  C4    . DG  B 4  ? 0.2362 0.2651 0.2456 0.0061  -0.0043 -0.0048 16  DG  B C4    
325 P  P     . DA  B 5  ? 0.2994 0.3968 0.3167 0.0132  -0.0274 -0.0301 17  DA  B P     
326 O  OP1   . DA  B 5  ? 0.3386 0.4361 0.3266 0.0041  -0.0200 -0.0282 17  DA  B OP1   
327 O  OP2   . DA  B 5  ? 0.3074 0.4154 0.3413 0.0027  -0.0186 -0.0325 17  DA  B OP2   
328 O  "O5'" . DA  B 5  ? 0.2808 0.3706 0.2983 0.0214  -0.0149 -0.0177 17  DA  B "O5'" 
329 C  "C5'" . DA  B 5  ? 0.3002 0.3511 0.2839 0.0210  -0.0173 -0.0184 17  DA  B "C5'" 
330 C  "C4'" . DA  B 5  ? 0.2824 0.3541 0.2568 0.0431  -0.0074 -0.0191 17  DA  B "C4'" 
331 O  "O4'" . DA  B 5  ? 0.2703 0.3483 0.2289 0.0396  -0.0030 0.0003  17  DA  B "O4'" 
332 C  "C3'" . DA  B 5  ? 0.2918 0.3553 0.2567 0.0525  -0.0094 -0.0057 17  DA  B "C3'" 
333 O  "O3'" . DA  B 5  ? 0.3378 0.3742 0.2776 0.0617  -0.0049 -0.0017 17  DA  B "O3'" 
334 C  "C2'" . DA  B 5  ? 0.2801 0.3498 0.2394 0.0384  -0.0217 -0.0063 17  DA  B "C2'" 
335 C  "C1'" . DA  B 5  ? 0.2533 0.3338 0.2429 0.0408  -0.0071 0.0021  17  DA  B "C1'" 
336 N  N9    . DA  B 5  ? 0.2185 0.2929 0.2324 0.0273  -0.0085 0.0057  17  DA  B N9    
337 C  C8    . DA  B 5  ? 0.2109 0.2874 0.2414 0.0228  0.0014  0.0119  17  DA  B C8    
338 N  N7    . DA  B 5  ? 0.2266 0.2755 0.2309 0.0218  0.0075  0.0011  17  DA  B N7    
339 C  C5    . DA  B 5  ? 0.2112 0.2781 0.2325 0.0159  0.0037  0.0084  17  DA  B C5    
340 C  C6    . DA  B 5  ? 0.2153 0.2568 0.2146 0.0190  0.0088  0.0336  17  DA  B C6    
341 N  N6    . DA  B 5  ? 0.2233 0.3058 0.2054 0.0386  0.0074  0.0425  17  DA  B N6    
342 N  N1    . DA  B 5  ? 0.2083 0.2589 0.2108 0.0202  -0.0035 0.0201  17  DA  B N1    
343 C  C2    . DA  B 5  ? 0.2005 0.2527 0.2068 0.0121  -0.0043 0.0228  17  DA  B C2    
344 N  N3    . DA  B 5  ? 0.2253 0.2584 0.2092 0.0206  -0.0092 0.0060  17  DA  B N3    
345 C  C4    . DA  B 5  ? 0.2020 0.2687 0.2185 0.0111  0.0000  0.0020  17  DA  B C4    
346 P  P     . DA  B 6  ? 0.3611 0.3900 0.2869 0.0671  -0.0269 0.0013  18  DA  B P     
347 O  OP1   . DA  B 6  ? 0.3862 0.4087 0.3096 0.0761  -0.0311 0.0154  18  DA  B OP1   
348 O  OP2   . DA  B 6  ? 0.3712 0.4069 0.3383 0.0586  -0.0439 0.0038  18  DA  B OP2   
349 O  "O5'" . DA  B 6  ? 0.3130 0.3630 0.2750 0.0660  -0.0076 0.0037  18  DA  B "O5'" 
350 C  "C5'" . DA  B 6  ? 0.3226 0.3350 0.2503 0.0499  0.0167  0.0163  18  DA  B "C5'" 
351 C  "C4'" . DA  B 6  ? 0.2908 0.3212 0.2549 0.0445  0.0226  0.0333  18  DA  B "C4'" 
352 O  "O4'" . DA  B 6  ? 0.2662 0.3106 0.2733 0.0497  0.0029  0.0410  18  DA  B "O4'" 
353 C  "C3'" . DA  B 6  ? 0.3036 0.3281 0.2746 0.0472  0.0164  0.0309  18  DA  B "C3'" 
354 O  "O3'" . DA  B 6  ? 0.3281 0.3365 0.2957 0.0581  0.0147  0.0240  18  DA  B "O3'" 
355 C  "C2'" . DA  B 6  ? 0.2917 0.3342 0.2699 0.0520  -0.0006 0.0378  18  DA  B "C2'" 
356 C  "C1'" . DA  B 6  ? 0.2662 0.3144 0.2711 0.0508  0.0076  0.0260  18  DA  B "C1'" 
357 N  N9    . DA  B 6  ? 0.2545 0.2967 0.2220 0.0453  0.0003  0.0054  18  DA  B N9    
358 C  C8    . DA  B 6  ? 0.2501 0.3053 0.2572 0.0315  0.0003  -0.0022 18  DA  B C8    
359 N  N7    . DA  B 6  ? 0.2415 0.3234 0.2307 0.0260  0.0147  -0.0064 18  DA  B N7    
360 C  C5    . DA  B 6  ? 0.2210 0.2866 0.2314 0.0314  0.0127  -0.0073 18  DA  B C5    
361 C  C6    . DA  B 6  ? 0.1997 0.2749 0.2294 0.0286  0.0188  -0.0114 18  DA  B C6    
362 N  N6    . DA  B 6  ? 0.1949 0.2895 0.2351 0.0326  0.0325  0.0024  18  DA  B N6    
363 N  N1    . DA  B 6  ? 0.2048 0.2533 0.2492 0.0279  0.0178  -0.0098 18  DA  B N1    
364 C  C2    . DA  B 6  ? 0.2064 0.2589 0.2547 0.0367  0.0112  0.0069  18  DA  B C2    
365 N  N3    . DA  B 6  ? 0.2105 0.2489 0.2394 0.0330  0.0066  0.0013  18  DA  B N3    
366 C  C4    . DA  B 6  ? 0.2282 0.2797 0.2244 0.0340  -0.0052 -0.0043 18  DA  B C4    
367 P  P     . DT  B 7  ? 0.3641 0.3615 0.3300 0.0685  0.0105  0.0206  19  DT  B P     
368 O  OP1   . DT  B 7  ? 0.3785 0.3726 0.3368 0.0540  0.0059  0.0099  19  DT  B OP1   
369 O  OP2   . DT  B 7  ? 0.3729 0.3927 0.3401 0.0573  0.0027  0.0027  19  DT  B OP2   
370 O  "O5'" . DT  B 7  ? 0.3337 0.3455 0.3064 0.0472  0.0177  -0.0007 19  DT  B "O5'" 
371 C  "C5'" . DT  B 7  ? 0.3371 0.3080 0.2909 0.0364  0.0296  0.0075  19  DT  B "C5'" 
372 C  "C4'" . DT  B 7  ? 0.3259 0.3030 0.3081 0.0385  0.0455  0.0154  19  DT  B "C4'" 
373 O  "O4'" . DT  B 7  ? 0.2817 0.2918 0.3257 0.0380  0.0347  0.0171  19  DT  B "O4'" 
374 C  "C3'" . DT  B 7  ? 0.3402 0.3134 0.3247 0.0382  0.0484  0.0130  19  DT  B "C3'" 
375 O  "O3'" . DT  B 7  ? 0.4100 0.3287 0.3394 0.0201  0.0531  0.0115  19  DT  B "O3'" 
376 C  "C2'" . DT  B 7  ? 0.3140 0.2906 0.3118 0.0510  0.0417  0.0076  19  DT  B "C2'" 
377 C  "C1'" . DT  B 7  ? 0.2891 0.2901 0.2884 0.0396  0.0373  0.0084  19  DT  B "C1'" 
378 N  N1    . DT  B 7  ? 0.2526 0.2860 0.2769 0.0398  0.0238  -0.0098 19  DT  B N1    
379 C  C2    . DT  B 7  ? 0.2203 0.2802 0.2619 0.0255  0.0041  -0.0167 19  DT  B C2    
380 O  O2    . DT  B 7  ? 0.2669 0.2586 0.2736 0.0303  0.0143  -0.0288 19  DT  B O2    
381 N  N3    . DT  B 7  ? 0.2082 0.2792 0.2682 0.0196  0.0088  -0.0173 19  DT  B N3    
382 C  C4    . DT  B 7  ? 0.1985 0.2738 0.2581 0.0130  0.0078  -0.0086 19  DT  B C4    
383 O  O4    . DT  B 7  ? 0.2279 0.2856 0.2692 0.0341  0.0137  -0.0133 19  DT  B O4    
384 C  C5    . DT  B 7  ? 0.2222 0.2872 0.2521 0.0182  0.0129  -0.0081 19  DT  B C5    
385 C  C7    . DT  B 7  ? 0.2613 0.3125 0.2735 0.0138  -0.0102 -0.0003 19  DT  B C7    
386 C  C6    . DT  B 7  ? 0.2340 0.2870 0.2739 0.0380  0.0115  -0.0112 19  DT  B C6    
387 P  P     . DT  B 8  ? 0.4549 0.3440 0.3727 0.0182  0.0570  -0.0133 20  DT  B P     
388 O  OP1   . DT  B 8  ? 0.4657 0.3607 0.4115 -0.0061 0.0618  -0.0033 20  DT  B OP1   
389 O  OP2   . DT  B 8  ? 0.4547 0.3543 0.3858 0.0251  0.0521  0.0030  20  DT  B OP2   
390 O  "O5'" . DT  B 8  ? 0.4407 0.3375 0.3688 0.0197  0.0675  -0.0118 20  DT  B "O5'" 
391 C  "C5'" . DT  B 8  ? 0.4350 0.3360 0.3648 0.0198  0.0676  -0.0311 20  DT  B "C5'" 
392 C  "C4'" . DT  B 8  ? 0.4350 0.3318 0.3536 0.0294  0.0575  -0.0302 20  DT  B "C4'" 
393 O  "O4'" . DT  B 8  ? 0.3837 0.3268 0.3500 0.0492  0.0632  -0.0394 20  DT  B "O4'" 
394 C  "C3'" . DT  B 8  ? 0.4306 0.3513 0.3713 0.0289  0.0521  -0.0225 20  DT  B "C3'" 
395 O  "O3'" . DT  B 8  ? 0.4730 0.3808 0.3750 0.0141  0.0604  -0.0279 20  DT  B "O3'" 
396 C  "C2'" . DT  B 8  ? 0.3929 0.3192 0.3443 0.0552  0.0546  -0.0257 20  DT  B "C2'" 
397 C  "C1'" . DT  B 8  ? 0.3549 0.3247 0.3315 0.0480  0.0467  -0.0283 20  DT  B "C1'" 
398 N  N1    . DT  B 8  ? 0.2725 0.3115 0.3099 0.0664  0.0267  -0.0181 20  DT  B N1    
399 C  C2    . DT  B 8  ? 0.2474 0.3026 0.3131 0.0531  0.0217  -0.0239 20  DT  B C2    
400 O  O2    . DT  B 8  ? 0.2746 0.3048 0.3084 0.0484  0.0435  -0.0217 20  DT  B O2    
401 N  N3    . DT  B 8  ? 0.2213 0.3063 0.3093 0.0393  0.0117  -0.0165 20  DT  B N3    
402 C  C4    . DT  B 8  ? 0.2100 0.3155 0.3216 0.0375  -0.0038 -0.0136 20  DT  B C4    
403 O  O4    . DT  B 8  ? 0.2231 0.3370 0.3389 0.0238  0.0037  -0.0131 20  DT  B O4    
404 C  C5    . DT  B 8  ? 0.2210 0.3220 0.3064 0.0562  0.0043  -0.0119 20  DT  B C5    
405 C  C7    . DT  B 8  ? 0.2489 0.3521 0.3214 0.0627  0.0017  -0.0010 20  DT  B C7    
406 C  C6    . DT  B 8  ? 0.2423 0.3295 0.3110 0.0575  0.0249  -0.0234 20  DT  B C6    
407 P  P     . DC  B 9  ? 0.5051 0.3941 0.3877 0.0129  0.0596  -0.0299 21  DC  B P     
408 O  OP1   . DC  B 9  ? 0.5128 0.4244 0.4126 -0.0040 0.0484  -0.0186 21  DC  B OP1   
409 O  OP2   . DC  B 9  ? 0.4959 0.4467 0.4085 0.0320  0.0628  -0.0314 21  DC  B OP2   
410 O  "O5'" . DC  B 9  ? 0.4554 0.3887 0.3868 0.0242  0.0581  -0.0080 21  DC  B "O5'" 
411 C  "C5'" . DC  B 9  ? 0.3875 0.3736 0.3497 0.0000  0.0404  -0.0133 21  DC  B "C5'" 
412 C  "C4'" . DC  B 9  ? 0.3417 0.3581 0.3035 0.0054  0.0214  -0.0187 21  DC  B "C4'" 
413 O  "O4'" . DC  B 9  ? 0.3179 0.3710 0.2806 0.0194  0.0354  -0.0318 21  DC  B "O4'" 
414 C  "C3'" . DC  B 9  ? 0.3300 0.3574 0.3038 -0.0045 0.0177  -0.0167 21  DC  B "C3'" 
415 O  "O3'" . DC  B 9  ? 0.3448 0.3676 0.3123 -0.0197 -0.0122 -0.0141 21  DC  B "O3'" 
416 C  "C2'" . DC  B 9  ? 0.3275 0.3594 0.2909 0.0168  0.0224  -0.0249 21  DC  B "C2'" 
417 C  "C1'" . DC  B 9  ? 0.3048 0.3686 0.2841 0.0203  0.0245  -0.0230 21  DC  B "C1'" 
418 N  N1    . DC  B 9  ? 0.2941 0.3545 0.2789 0.0343  0.0240  -0.0256 21  DC  B N1    
419 C  C2    . DC  B 9  ? 0.2637 0.3540 0.2895 0.0275  0.0153  -0.0173 21  DC  B C2    
420 O  O2    . DC  B 9  ? 0.3006 0.3759 0.3124 0.0095  0.0231  -0.0044 21  DC  B O2    
421 N  N3    . DC  B 9  ? 0.2248 0.3559 0.2783 0.0215  0.0360  -0.0259 21  DC  B N3    
422 C  C4    . DC  B 9  ? 0.2334 0.3529 0.3022 0.0355  0.0223  -0.0264 21  DC  B C4    
423 N  N4    . DC  B 9  ? 0.2076 0.3644 0.2958 0.0263  0.0402  -0.0339 21  DC  B N4    
424 C  C5    . DC  B 9  ? 0.2284 0.3555 0.2991 0.0371  0.0191  -0.0325 21  DC  B C5    
425 C  C6    . DC  B 9  ? 0.2839 0.3588 0.2826 0.0415  0.0311  -0.0198 21  DC  B C6    
426 O  O6    . 1TW B 10 ? 0.2234 0.2619 0.2925 0.0194  0.0098  -0.0258 22  1TW B O6    
427 C  C6    . 1TW B 10 ? 0.2111 0.2822 0.2804 0.0188  0.0023  -0.0299 22  1TW B C6    
428 C  C5    . 1TW B 10 ? 0.2387 0.3061 0.2903 0.0005  0.0018  -0.0350 22  1TW B C5    
429 N  N7    . 1TW B 10 ? 0.2862 0.3192 0.3041 0.0062  0.0082  -0.0371 22  1TW B N7    
430 C  C8    . 1TW B 10 ? 0.3114 0.3244 0.2986 0.0068  -0.0021 -0.0416 22  1TW B C8    
431 N  N1    . 1TW B 10 ? 0.2062 0.2984 0.2966 -0.0008 0.0127  -0.0124 22  1TW B N1    
432 C  C2    . 1TW B 10 ? 0.2075 0.2847 0.2827 -0.0032 0.0066  -0.0247 22  1TW B C2    
433 N  N2    . 1TW B 10 ? 0.1929 0.2775 0.2992 -0.0089 0.0125  -0.0294 22  1TW B N2    
434 N  N3    . 1TW B 10 ? 0.2318 0.3064 0.2878 -0.0235 -0.0036 -0.0350 22  1TW B N3    
435 C  C4    . 1TW B 10 ? 0.2501 0.3058 0.2881 -0.0095 -0.0006 -0.0342 22  1TW B C4    
436 N  N9    . 1TW B 10 ? 0.2978 0.3288 0.2912 -0.0223 0.0115  -0.0442 22  1TW B N9    
437 C  "C1'" . 1TW B 10 ? 0.3405 0.3723 0.3226 -0.0277 -0.0071 -0.0357 22  1TW B "C1'" 
438 O  "O4'" . 1TW B 10 ? 0.3527 0.3853 0.3249 -0.0361 -0.0176 -0.0385 22  1TW B "O4'" 
439 C  "C2'" . 1TW B 10 ? 0.3789 0.4115 0.3522 -0.0345 0.0096  -0.0492 22  1TW B "C2'" 
440 SE SE2   . 1TW B 10 ? 0.4351 0.4456 0.4159 -0.0212 0.0220  -0.0920 22  1TW B SE2   
441 C  "CA'" . 1TW B 10 ? 0.4032 0.4061 0.3822 -0.0325 0.0340  -0.0921 22  1TW B "CA'" 
442 C  "C3'" . 1TW B 10 ? 0.3842 0.4174 0.3505 -0.0563 0.0078  -0.0332 22  1TW B "C3'" 
443 O  "O3'" . 1TW B 10 ? 0.4366 0.4509 0.4039 -0.0994 0.0096  -0.0272 22  1TW B "O3'" 
444 C  "C4'" . 1TW B 10 ? 0.3670 0.4054 0.3285 -0.0588 -0.0031 -0.0278 22  1TW B "C4'" 
445 C  "C5'" . 1TW B 10 ? 0.3671 0.3902 0.3294 -0.0529 -0.0118 -0.0328 22  1TW B "C5'" 
446 O  "O5'" . 1TW B 10 ? 0.3712 0.3814 0.3147 -0.0554 -0.0017 -0.0386 22  1TW B "O5'" 
447 P  P     . 1TW B 10 ? 0.3388 0.3816 0.3219 -0.0305 -0.0252 -0.0187 22  1TW B P     
448 O  OP1   . 1TW B 10 ? 0.3581 0.3977 0.3408 -0.0298 -0.0257 -0.0140 22  1TW B OP1   
449 O  OP2   . 1TW B 10 ? 0.3519 0.3772 0.3308 -0.0310 0.0002  -0.0420 22  1TW B OP2   
450 P  P     . DC  B 11 ? 0.4929 0.4682 0.4300 -0.1048 0.0104  -0.0043 23  DC  B P     
451 O  OP1   . DC  B 11 ? 0.5058 0.4912 0.4399 -0.1003 0.0056  0.0085  23  DC  B OP1   
452 O  OP2   . DC  B 11 ? 0.5027 0.4464 0.4655 -0.1112 0.0313  -0.0155 23  DC  B OP2   
453 O  "O5'" . DC  B 11 ? 0.4653 0.4411 0.3946 -0.0922 -0.0027 -0.0103 23  DC  B "O5'" 
454 C  "C5'" . DC  B 11 ? 0.4192 0.4410 0.3848 -0.0776 -0.0155 0.0013  23  DC  B "C5'" 
455 C  "C4'" . DC  B 11 ? 0.3622 0.4203 0.3657 -0.0599 -0.0102 0.0090  23  DC  B "C4'" 
456 O  "O4'" . DC  B 11 ? 0.3099 0.3959 0.3645 -0.0384 0.0025  0.0110  23  DC  B "O4'" 
457 C  "C3'" . DC  B 11 ? 0.3577 0.4172 0.3664 -0.0543 -0.0094 0.0104  23  DC  B "C3'" 
458 O  "O3'" . DC  B 11 ? 0.3438 0.4239 0.3787 -0.0724 -0.0120 0.0193  23  DC  B "O3'" 
459 C  "C2'" . DC  B 11 ? 0.3255 0.4154 0.3579 -0.0511 0.0016  0.0075  23  DC  B "C2'" 
460 C  "C1'" . DC  B 11 ? 0.3315 0.3845 0.3178 -0.0312 -0.0197 -0.0006 23  DC  B "C1'" 
461 N  N1    . DC  B 11 ? 0.2820 0.3457 0.2896 -0.0236 -0.0155 -0.0133 23  DC  B N1    
462 C  C2    . DC  B 11 ? 0.2550 0.3165 0.2691 -0.0077 -0.0181 -0.0164 23  DC  B C2    
463 O  O2    . DC  B 11 ? 0.2516 0.3150 0.2789 -0.0170 -0.0108 -0.0091 23  DC  B O2    
464 N  N3    . DC  B 11 ? 0.2581 0.3086 0.2724 -0.0164 -0.0213 -0.0268 23  DC  B N3    
465 C  C4    . DC  B 11 ? 0.2714 0.3060 0.2690 -0.0062 -0.0223 -0.0174 23  DC  B C4    
466 N  N4    . DC  B 11 ? 0.2843 0.3136 0.2825 -0.0057 -0.0287 -0.0045 23  DC  B N4    
467 C  C5    . DC  B 11 ? 0.2926 0.3437 0.2818 -0.0121 -0.0341 -0.0076 23  DC  B C5    
468 C  C6    . DC  B 11 ? 0.2835 0.3412 0.2806 -0.0133 -0.0236 -0.0071 23  DC  B C6    
469 P  P     . DG  B 12 ? 0.3539 0.4351 0.3639 -0.0901 -0.0098 0.0367  24  DG  B P     
470 O  OP1   . DG  B 12 ? 0.3754 0.4404 0.3627 -0.0818 -0.0291 0.0404  24  DG  B OP1   
471 O  OP2   . DG  B 12 ? 0.3405 0.4404 0.3709 -0.0981 -0.0030 0.0091  24  DG  B OP2   
472 O  "O5'" . DG  B 12 ? 0.2949 0.4001 0.3312 -0.0566 0.0006  0.0212  24  DG  B "O5'" 
473 C  "C5'" . DG  B 12 ? 0.2552 0.3657 0.3060 -0.0541 -0.0232 0.0328  24  DG  B "C5'" 
474 C  "C4'" . DG  B 12 ? 0.2175 0.3092 0.3052 -0.0420 -0.0252 0.0267  24  DG  B "C4'" 
475 O  "O4'" . DG  B 12 ? 0.2278 0.3105 0.3096 -0.0240 -0.0114 0.0318  24  DG  B "O4'" 
476 C  "C3'" . DG  B 12 ? 0.2207 0.2860 0.3163 -0.0233 -0.0290 0.0295  24  DG  B "C3'" 
477 O  "O3'" . DG  B 12 ? 0.2253 0.3045 0.3491 -0.0289 -0.0271 0.0398  24  DG  B "O3'" 
478 C  "C2'" . DG  B 12 ? 0.2390 0.2901 0.3177 -0.0312 -0.0156 0.0179  24  DG  B "C2'" 
479 C  "C1'" . DG  B 12 ? 0.2394 0.2831 0.3048 -0.0241 -0.0163 0.0247  24  DG  B "C1'" 
480 N  N9    . DG  B 12 ? 0.2446 0.2656 0.2754 -0.0261 -0.0093 0.0122  24  DG  B N9    
481 C  C8    . DG  B 12 ? 0.2536 0.2570 0.2977 -0.0220 -0.0159 -0.0015 24  DG  B C8    
482 N  N7    . DG  B 12 ? 0.2586 0.2735 0.2818 -0.0200 -0.0032 0.0063  24  DG  B N7    
483 C  C5    . DG  B 12 ? 0.2269 0.2537 0.2759 -0.0170 -0.0111 0.0057  24  DG  B C5    
484 C  C6    . DG  B 12 ? 0.2365 0.2490 0.2793 -0.0035 -0.0061 0.0058  24  DG  B C6    
485 O  O6    . DG  B 12 ? 0.2755 0.2486 0.3061 -0.0094 -0.0097 0.0343  24  DG  B O6    
486 N  N1    . DG  B 12 ? 0.2271 0.2598 0.2822 -0.0206 0.0063  0.0021  24  DG  B N1    
487 C  C2    . DG  B 12 ? 0.2193 0.2651 0.2887 0.0044  0.0086  0.0078  24  DG  B C2    
488 N  N2    . DG  B 12 ? 0.2504 0.2924 0.2899 -0.0006 0.0120  0.0062  24  DG  B N2    
489 N  N3    . DG  B 12 ? 0.2307 0.2472 0.2836 -0.0081 0.0118  0.0040  24  DG  B N3    
490 C  C4    . DG  B 12 ? 0.2420 0.2603 0.2896 -0.0113 -0.0048 0.0089  24  DG  B C4    
491 MG MG    . MG  C .  ? 0.2387 0.2971 0.4028 -0.0084 -0.0098 0.0248  101 MG  A MG    
492 O  O     . HOH D .  ? 0.2909 0.3281 0.2705 -0.0778 -0.0323 0.0381  201 HOH A O     
493 O  O     . HOH D .  ? 0.3917 0.3036 0.4780 0.0033  0.0237  -0.0089 202 HOH A O     
494 O  O     . HOH D .  ? 0.4968 0.3363 0.3255 -0.0443 -0.0062 0.0179  203 HOH A O     
495 O  O     . HOH D .  ? 0.3020 0.2782 0.2412 0.0340  -0.0047 0.0108  204 HOH A O     
496 O  O     . HOH D .  ? 0.3422 0.3817 0.2880 0.0430  0.0159  -0.0481 205 HOH A O     
497 O  O     . HOH D .  ? 0.2698 0.3049 0.3007 -0.0538 -0.0193 0.0468  206 HOH A O     
498 O  O     . HOH D .  ? 0.2857 0.2986 0.2370 0.0168  0.0101  -0.0050 207 HOH A O     
499 O  O     . HOH D .  ? 0.2960 0.3591 0.3802 0.0242  0.0070  0.0665  208 HOH A O     
500 O  O     . HOH D .  ? 0.3088 0.3394 0.2887 0.0264  0.0271  0.0269  209 HOH A O     
501 O  O     . HOH D .  ? 0.3583 0.4137 0.2793 0.0948  -0.0621 0.0159  210 HOH A O     
502 O  O     . HOH D .  ? 0.5868 0.5415 0.4386 0.0904  0.0649  0.0941  211 HOH A O     
503 O  O     . HOH D .  ? 0.2965 0.4092 0.2634 -0.0208 -0.0340 0.0169  212 HOH A O     
504 O  O     . HOH D .  ? 0.4387 0.2906 0.4633 0.0691  -0.0397 -0.0254 213 HOH A O     
505 O  O     . HOH D .  ? 0.3864 0.4003 0.3595 -0.0150 -0.0241 -0.0203 214 HOH A O     
506 O  O     . HOH D .  ? 0.5573 0.5456 0.4093 0.1063  -0.0402 -0.1255 215 HOH A O     
507 O  O     . HOH D .  ? 0.4740 0.4998 0.2628 0.1735  0.0306  0.0414  216 HOH A O     
508 O  O     . HOH D .  ? 0.3695 0.3961 0.5391 0.0299  -0.0286 0.1103  217 HOH A O     
509 O  O     . HOH D .  ? 0.2673 0.4851 0.3933 -0.0006 -0.0154 0.0462  218 HOH A O     
510 O  O     . HOH D .  ? 0.3928 0.5074 0.4711 0.1078  -0.0188 0.0272  219 HOH A O     
511 O  O     . HOH D .  ? 0.3014 0.6096 0.2835 -0.0187 -0.0085 0.0734  220 HOH A O     
512 O  O     . HOH D .  ? 0.4268 0.2944 0.3491 0.0220  0.0752  -0.0472 221 HOH A O     
513 O  O     . HOH D .  ? 0.3285 0.3644 0.2286 0.0141  0.0079  0.0350  222 HOH A O     
514 O  O     . HOH D .  ? 0.5129 0.3728 0.6809 -0.0129 -0.1515 0.1156  223 HOH A O     
515 O  O     . HOH D .  ? 0.3514 0.3641 0.3226 0.0256  0.0162  0.0224  224 HOH A O     
516 O  O     . HOH D .  ? 0.3064 0.6084 0.3657 0.0423  -0.0270 -0.0957 225 HOH A O     
517 O  O     . HOH D .  ? 0.4684 0.4248 0.8265 -0.0637 -0.0586 -0.1155 226 HOH A O     
518 O  O     . HOH D .  ? 0.5188 0.4158 0.5987 0.0852  0.1076  -0.1081 227 HOH A O     
519 O  O     . HOH D .  ? 0.3150 0.2499 0.3256 -0.0063 0.0209  -0.0223 228 HOH A O     
520 O  O     . HOH D .  ? 0.2628 0.2501 0.3440 0.0073  0.0265  0.0105  229 HOH A O     
521 O  O     . HOH D .  ? 0.5976 0.4242 0.3968 -0.1145 -0.0574 0.0270  230 HOH A O     
522 O  O     . HOH D .  ? 0.3337 0.3320 0.4375 -0.0189 0.0398  -0.0129 231 HOH A O     
523 O  O     . HOH D .  ? 0.3977 0.3998 0.4672 0.1509  0.0148  0.1364  232 HOH A O     
524 O  O     . HOH D .  ? 0.5307 0.5340 0.3674 -0.1030 0.0822  -0.0595 233 HOH A O     
525 O  O     . HOH D .  ? 0.4728 0.5131 0.4104 0.0982  0.0356  0.1290  234 HOH A O     
526 O  O     . HOH D .  ? 0.4052 0.3707 0.4282 0.0250  0.0406  -0.0526 235 HOH A O     
527 O  O     . HOH D .  ? 0.4951 0.3655 0.3698 0.0508  -0.0166 0.0723  236 HOH A O     
528 O  O     . HOH D .  ? 0.4312 0.4769 0.4247 0.0762  0.0109  -0.0256 237 HOH A O     
529 O  O     . HOH D .  ? 0.4310 0.5687 0.3207 0.0441  0.0701  -0.0917 238 HOH A O     
530 O  O     . HOH D .  ? 0.6289 0.5634 0.5639 0.0179  0.0593  -0.1957 239 HOH A O     
531 O  O     . HOH D .  ? 0.5233 0.3905 0.5384 -0.0755 0.0926  0.0384  240 HOH A O     
532 O  O     . HOH D .  ? 0.6650 0.5788 0.4898 -0.1628 -0.0054 0.0473  241 HOH A O     
533 O  O     . HOH D .  ? 0.3992 0.5987 0.4051 -0.1042 -0.0336 0.0174  242 HOH A O     
534 O  O     . HOH D .  ? 0.5785 0.3814 0.5633 -0.0576 -0.1079 0.0957  243 HOH A O     
535 O  O     . HOH D .  ? 0.4980 0.5580 0.6060 -0.0108 -0.0761 0.1289  244 HOH A O     
536 O  O     . HOH D .  ? 0.7481 0.5845 0.2823 -0.0727 0.0961  -0.0049 245 HOH A O     
537 O  O     . HOH D .  ? 0.5195 0.6514 0.6575 -0.0332 -0.0965 -0.1121 246 HOH A O     
538 O  O     . HOH D .  ? 0.8403 0.4816 0.3610 -0.0685 0.0755  -0.1340 247 HOH A O     
539 O  O     . HOH D .  ? 0.4000 0.3356 0.3608 0.0404  0.0636  -0.0176 248 HOH A O     
540 O  O     . HOH D .  ? 0.5020 0.3530 0.3794 0.0551  0.0622  0.0050  249 HOH A O     
541 O  O     . HOH E .  ? 0.3167 0.3107 0.4636 0.0064  -0.0364 0.0426  101 HOH B O     
542 O  O     . HOH E .  ? 0.2100 0.3264 0.3800 0.0061  0.0312  0.0395  102 HOH B O     
543 O  O     . HOH E .  ? 0.3366 0.2754 0.3504 0.0261  -0.0429 -0.0392 103 HOH B O     
544 O  O     . HOH E .  ? 0.4414 0.4689 0.2577 0.0288  -0.0278 -0.0899 104 HOH B O     
545 O  O     . HOH E .  ? 0.3416 0.4397 0.3693 0.0808  -0.0668 0.0690  105 HOH B O     
546 O  O     . HOH E .  ? 0.3398 0.6117 0.4969 0.1130  -0.0435 0.0186  106 HOH B O     
547 O  O     . HOH E .  ? 0.3079 0.3147 0.2506 0.0288  -0.0163 -0.0221 107 HOH B O     
548 O  O     . HOH E .  ? 0.3318 0.4084 0.2935 0.0590  0.0194  -0.0699 108 HOH B O     
549 O  O     . HOH E .  ? 0.2072 0.3808 0.3668 0.0302  0.0154  -0.0110 109 HOH B O     
550 O  O     . HOH E .  ? 0.5025 0.5964 0.3958 0.1846  -0.0970 -0.1551 110 HOH B O     
551 O  O     . HOH E .  ? 0.6107 0.4254 0.3453 -0.1201 -0.0871 -0.0195 111 HOH B O     
552 O  O     . HOH E .  ? 0.3385 0.3406 0.2848 0.0363  -0.0254 0.0013  112 HOH B O     
553 O  O     . HOH E .  ? 0.4187 0.3720 0.3927 -0.0248 0.0472  0.0228  113 HOH B O     
554 O  O     . HOH E .  ? 0.6481 0.4817 0.5871 0.0097  -0.2388 -0.0461 114 HOH B O     
555 O  O     . HOH E .  ? 0.4526 0.4407 0.4388 0.1031  0.0858  0.1528  115 HOH B O     
556 O  O     . HOH E .  ? 0.2254 0.2721 0.4584 -0.0309 0.0515  0.0319  116 HOH B O     
557 O  O     . HOH E .  ? 0.4853 0.3598 0.3801 -0.0141 0.0136  0.0447  117 HOH B O     
558 O  O     . HOH E .  ? 0.5884 0.4339 0.3640 0.0243  0.0208  -0.0197 118 HOH B O     
559 O  O     . HOH E .  ? 0.5842 0.5275 0.3907 0.0123  0.0228  0.0484  119 HOH B O     
560 O  O     . HOH E .  ? 0.4670 0.4916 0.5177 0.0153  0.0223  -0.0360 120 HOH B O     
561 O  O     . HOH E .  ? 0.6877 0.4988 0.3162 0.1525  -0.0368 -0.0044 121 HOH B O     
562 O  O     . HOH E .  ? 0.5324 0.4446 0.3326 0.0390  0.0776  -0.0590 122 HOH B O     
563 O  O     . HOH E .  ? 0.4896 0.3857 0.2964 -0.0469 0.0286  -0.0754 123 HOH B O     
564 O  O     . HOH E .  ? 0.4939 0.4806 0.5001 -0.0520 0.0082  -0.1711 124 HOH B O     
565 O  O     . HOH E .  ? 0.4729 0.5350 0.3442 0.0214  -0.1159 -0.0386 125 HOH B O     
566 O  O     . HOH E .  ? 0.5086 0.7994 0.5455 0.2936  0.1267  0.1671  126 HOH B O     
567 O  O     . HOH E .  ? 0.5080 0.4536 0.6095 -0.0455 0.0747  -0.1481 127 HOH B O     
568 O  O     . HOH E .  ? 0.6293 0.5412 0.4101 0.0174  -0.0396 0.1354  128 HOH B O     
569 O  O     . HOH E .  ? 0.4152 0.5202 0.3907 -0.0851 0.0649  -0.1547 129 HOH B O     
570 O  O     . HOH E .  ? 0.4305 0.4025 0.4902 -0.1329 -0.0894 -0.0318 130 HOH B O     
571 O  O     . HOH E .  ? 0.4237 0.5256 0.4107 -0.0117 -0.0466 0.0150  131 HOH B O     
572 O  O     . HOH E .  ? 0.7575 0.4077 0.6184 0.0763  0.1832  -0.0532 132 HOH B O     
573 O  O     . HOH E .  ? 0.4596 0.4946 0.4045 0.0302  -0.0795 -0.1684 133 HOH B O     
574 O  O     . HOH E .  ? 0.7764 0.2222 1.3370 0.0919  -0.3267 0.2184  134 HOH B O     
575 O  O     . HOH E .  ? 0.6420 0.5924 0.6101 0.1318  -0.0994 0.0798  135 HOH B O     
576 O  O     . HOH E .  ? 0.5687 0.4476 0.6387 -0.1065 0.1432  -0.1482 136 HOH B O     
577 O  O     . HOH E .  ? 0.6298 0.5467 0.4275 0.1064  0.1199  0.0157  137 HOH B O     
578 O  O     . HOH E .  ? 0.5898 0.3844 0.5445 0.0813  0.0087  -0.0845 138 HOH B O     
579 O  O     . HOH E .  ? 0.5350 0.3256 0.5801 -0.0227 -0.1578 -0.0833 139 HOH B O     
580 O  O     . HOH E .  ? 0.4391 0.6672 0.4974 0.0490  0.0069  -0.1284 140 HOH B O     
# 
loop_
_pdbx_poly_seq_scheme.asym_id 
_pdbx_poly_seq_scheme.entity_id 
_pdbx_poly_seq_scheme.seq_id 
_pdbx_poly_seq_scheme.mon_id 
_pdbx_poly_seq_scheme.ndb_seq_num 
_pdbx_poly_seq_scheme.pdb_seq_num 
_pdbx_poly_seq_scheme.auth_seq_num 
_pdbx_poly_seq_scheme.pdb_mon_id 
_pdbx_poly_seq_scheme.auth_mon_id 
_pdbx_poly_seq_scheme.pdb_strand_id 
_pdbx_poly_seq_scheme.pdb_ins_code 
_pdbx_poly_seq_scheme.hetero 
A 1 1  DC  1  1  1  DC  DC  A . n 
A 1 2  DG  2  2  2  DG  DG  A . n 
A 1 3  DC  3  3  3  DC  DC  A . n 
A 1 4  DG  4  4  4  DG  DG  A . n 
A 1 5  DA  5  5  5  DA  DA  A . n 
A 1 6  DA  6  6  6  DA  DA  A . n 
A 1 7  DT  7  7  7  DT  DT  A . n 
A 1 8  DT  8  8  8  DT  DT  A . n 
A 1 9  DC  9  9  9  DC  DC  A . n 
A 1 10 1TW 10 10 10 1TW 2SG A . n 
A 1 11 DC  11 11 11 DC  DC  A . n 
A 1 12 DG  12 12 12 DG  DG  A . n 
B 1 1  DC  1  13 13 DC  DC  B . n 
B 1 2  DG  2  14 14 DG  DG  B . n 
B 1 3  DC  3  15 15 DC  DC  B . n 
B 1 4  DG  4  16 16 DG  DG  B . n 
B 1 5  DA  5  17 17 DA  DA  B . n 
B 1 6  DA  6  18 18 DA  DA  B . n 
B 1 7  DT  7  19 19 DT  DT  B . n 
B 1 8  DT  8  20 20 DT  DT  B . n 
B 1 9  DC  9  21 21 DC  DC  B . n 
B 1 10 1TW 10 22 22 1TW 2SG B . n 
B 1 11 DC  11 23 23 DC  DC  B . n 
B 1 12 DG  12 24 24 DG  DG  B . n 
# 
loop_
_pdbx_nonpoly_scheme.asym_id 
_pdbx_nonpoly_scheme.entity_id 
_pdbx_nonpoly_scheme.mon_id 
_pdbx_nonpoly_scheme.ndb_seq_num 
_pdbx_nonpoly_scheme.pdb_seq_num 
_pdbx_nonpoly_scheme.auth_seq_num 
_pdbx_nonpoly_scheme.pdb_mon_id 
_pdbx_nonpoly_scheme.auth_mon_id 
_pdbx_nonpoly_scheme.pdb_strand_id 
_pdbx_nonpoly_scheme.pdb_ins_code 
C 2 MG  1  101 1   MG  MG  A . 
D 3 HOH 1  201 5   HOH HOH A . 
D 3 HOH 2  202 7   HOH HOH A . 
D 3 HOH 3  203 8   HOH HOH A . 
D 3 HOH 4  204 9   HOH HOH A . 
D 3 HOH 5  205 11  HOH HOH A . 
D 3 HOH 6  206 13  HOH HOH A . 
D 3 HOH 7  207 14  HOH HOH A . 
D 3 HOH 8  208 15  HOH HOH A . 
D 3 HOH 9  209 16  HOH HOH A . 
D 3 HOH 10 210 18  HOH HOH A . 
D 3 HOH 11 211 20  HOH HOH A . 
D 3 HOH 12 212 21  HOH HOH A . 
D 3 HOH 13 213 24  HOH HOH A . 
D 3 HOH 14 214 25  HOH HOH A . 
D 3 HOH 15 215 26  HOH HOH A . 
D 3 HOH 16 216 29  HOH HOH A . 
D 3 HOH 17 217 30  HOH HOH A . 
D 3 HOH 18 218 32  HOH HOH A . 
D 3 HOH 19 219 33  HOH HOH A . 
D 3 HOH 20 220 35  HOH HOH A . 
D 3 HOH 21 221 36  HOH HOH A . 
D 3 HOH 22 222 37  HOH HOH A . 
D 3 HOH 23 223 38  HOH HOH A . 
D 3 HOH 24 224 39  HOH HOH A . 
D 3 HOH 25 225 41  HOH HOH A . 
D 3 HOH 26 226 42  HOH HOH A . 
D 3 HOH 27 227 45  HOH HOH A . 
D 3 HOH 28 228 47  HOH HOH A . 
D 3 HOH 29 229 48  HOH HOH A . 
D 3 HOH 30 230 49  HOH HOH A . 
D 3 HOH 31 231 53  HOH HOH A . 
D 3 HOH 32 232 54  HOH HOH A . 
D 3 HOH 33 233 58  HOH HOH A . 
D 3 HOH 34 234 65  HOH HOH A . 
D 3 HOH 35 235 70  HOH HOH A . 
D 3 HOH 36 236 78  HOH HOH A . 
D 3 HOH 37 237 79  HOH HOH A . 
D 3 HOH 38 238 81  HOH HOH A . 
D 3 HOH 39 239 88  HOH HOH A . 
D 3 HOH 40 240 90  HOH HOH A . 
D 3 HOH 41 241 91  HOH HOH A . 
D 3 HOH 42 242 93  HOH HOH A . 
D 3 HOH 43 243 99  HOH HOH A . 
D 3 HOH 44 244 100 HOH HOH A . 
D 3 HOH 45 245 102 HOH HOH A . 
D 3 HOH 46 246 106 HOH HOH A . 
D 3 HOH 47 247 109 HOH HOH A . 
D 3 HOH 48 248 110 HOH HOH A . 
D 3 HOH 49 249 111 HOH HOH A . 
E 3 HOH 1  101 3   HOH HOH B . 
E 3 HOH 2  102 4   HOH HOH B . 
E 3 HOH 3  103 6   HOH HOH B . 
E 3 HOH 4  104 10  HOH HOH B . 
E 3 HOH 5  105 12  HOH HOH B . 
E 3 HOH 6  106 17  HOH HOH B . 
E 3 HOH 7  107 19  HOH HOH B . 
E 3 HOH 8  108 22  HOH HOH B . 
E 3 HOH 9  109 23  HOH HOH B . 
E 3 HOH 10 110 27  HOH HOH B . 
E 3 HOH 11 111 28  HOH HOH B . 
E 3 HOH 12 112 31  HOH HOH B . 
E 3 HOH 13 113 34  HOH HOH B . 
E 3 HOH 14 114 40  HOH HOH B . 
E 3 HOH 15 115 43  HOH HOH B . 
E 3 HOH 16 116 50  HOH HOH B . 
E 3 HOH 17 117 51  HOH HOH B . 
E 3 HOH 18 118 55  HOH HOH B . 
E 3 HOH 19 119 56  HOH HOH B . 
E 3 HOH 20 120 57  HOH HOH B . 
E 3 HOH 21 121 60  HOH HOH B . 
E 3 HOH 22 122 61  HOH HOH B . 
E 3 HOH 23 123 62  HOH HOH B . 
E 3 HOH 24 124 63  HOH HOH B . 
E 3 HOH 25 125 66  HOH HOH B . 
E 3 HOH 26 126 69  HOH HOH B . 
E 3 HOH 27 127 77  HOH HOH B . 
E 3 HOH 28 128 82  HOH HOH B . 
E 3 HOH 29 129 83  HOH HOH B . 
E 3 HOH 30 130 84  HOH HOH B . 
E 3 HOH 31 131 85  HOH HOH B . 
E 3 HOH 32 132 86  HOH HOH B . 
E 3 HOH 33 133 87  HOH HOH B . 
E 3 HOH 34 134 92  HOH HOH B . 
E 3 HOH 35 135 94  HOH HOH B . 
E 3 HOH 36 136 95  HOH HOH B . 
E 3 HOH 37 137 96  HOH HOH B . 
E 3 HOH 38 138 103 HOH HOH B . 
E 3 HOH 39 139 104 HOH HOH B . 
E 3 HOH 40 140 105 HOH HOH B . 
# 
_pdbx_struct_assembly.id                   1 
_pdbx_struct_assembly.details              author_and_software_defined_assembly 
_pdbx_struct_assembly.method_details       PISA 
_pdbx_struct_assembly.oligomeric_details   dimeric 
_pdbx_struct_assembly.oligomeric_count     2 
# 
_pdbx_struct_assembly_gen.assembly_id       1 
_pdbx_struct_assembly_gen.oper_expression   1 
_pdbx_struct_assembly_gen.asym_id_list      A,B,C,D,E 
# 
loop_
_pdbx_struct_assembly_prop.biol_id 
_pdbx_struct_assembly_prop.type 
_pdbx_struct_assembly_prop.value 
_pdbx_struct_assembly_prop.details 
1 'ABSA (A^2)' 2450 ? 
1 MORE         2    ? 
1 'SSA (A^2)'  4340 ? 
# 
_pdbx_struct_oper_list.id                   1 
_pdbx_struct_oper_list.type                 'identity operation' 
_pdbx_struct_oper_list.name                 1_555 
_pdbx_struct_oper_list.symmetry_operation   x,y,z 
_pdbx_struct_oper_list.matrix[1][1]         1.0000000000 
_pdbx_struct_oper_list.matrix[1][2]         0.0000000000 
_pdbx_struct_oper_list.matrix[1][3]         0.0000000000 
_pdbx_struct_oper_list.vector[1]            0.0000000000 
_pdbx_struct_oper_list.matrix[2][1]         0.0000000000 
_pdbx_struct_oper_list.matrix[2][2]         1.0000000000 
_pdbx_struct_oper_list.matrix[2][3]         0.0000000000 
_pdbx_struct_oper_list.vector[2]            0.0000000000 
_pdbx_struct_oper_list.matrix[3][1]         0.0000000000 
_pdbx_struct_oper_list.matrix[3][2]         0.0000000000 
_pdbx_struct_oper_list.matrix[3][3]         1.0000000000 
_pdbx_struct_oper_list.vector[3]            0.0000000000 
# 
loop_
_pdbx_struct_conn_angle.id 
_pdbx_struct_conn_angle.ptnr1_label_atom_id 
_pdbx_struct_conn_angle.ptnr1_label_alt_id 
_pdbx_struct_conn_angle.ptnr1_label_asym_id 
_pdbx_struct_conn_angle.ptnr1_label_comp_id 
_pdbx_struct_conn_angle.ptnr1_label_seq_id 
_pdbx_struct_conn_angle.ptnr1_auth_atom_id 
_pdbx_struct_conn_angle.ptnr1_auth_asym_id 
_pdbx_struct_conn_angle.ptnr1_auth_comp_id 
_pdbx_struct_conn_angle.ptnr1_auth_seq_id 
_pdbx_struct_conn_angle.ptnr1_PDB_ins_code 
_pdbx_struct_conn_angle.ptnr1_symmetry 
_pdbx_struct_conn_angle.ptnr2_label_atom_id 
_pdbx_struct_conn_angle.ptnr2_label_alt_id 
_pdbx_struct_conn_angle.ptnr2_label_asym_id 
_pdbx_struct_conn_angle.ptnr2_label_comp_id 
_pdbx_struct_conn_angle.ptnr2_label_seq_id 
_pdbx_struct_conn_angle.ptnr2_auth_atom_id 
_pdbx_struct_conn_angle.ptnr2_auth_asym_id 
_pdbx_struct_conn_angle.ptnr2_auth_comp_id 
_pdbx_struct_conn_angle.ptnr2_auth_seq_id 
_pdbx_struct_conn_angle.ptnr2_PDB_ins_code 
_pdbx_struct_conn_angle.ptnr2_symmetry 
_pdbx_struct_conn_angle.ptnr3_label_atom_id 
_pdbx_struct_conn_angle.ptnr3_label_alt_id 
_pdbx_struct_conn_angle.ptnr3_label_asym_id 
_pdbx_struct_conn_angle.ptnr3_label_comp_id 
_pdbx_struct_conn_angle.ptnr3_label_seq_id 
_pdbx_struct_conn_angle.ptnr3_auth_atom_id 
_pdbx_struct_conn_angle.ptnr3_auth_asym_id 
_pdbx_struct_conn_angle.ptnr3_auth_comp_id 
_pdbx_struct_conn_angle.ptnr3_auth_seq_id 
_pdbx_struct_conn_angle.ptnr3_PDB_ins_code 
_pdbx_struct_conn_angle.ptnr3_symmetry 
_pdbx_struct_conn_angle.value 
_pdbx_struct_conn_angle.value_esd 
1 O ? D HOH . ? A HOH 228 ? 1_555 MG ? C MG . ? A MG 101 ? 1_555 O ? D HOH . ? A HOH 229 ? 1_555 92.8  ? 
2 O ? D HOH . ? A HOH 228 ? 1_555 MG ? C MG . ? A MG 101 ? 1_555 O ? E HOH . ? B HOH 102 ? 1_555 94.1  ? 
3 O ? D HOH . ? A HOH 229 ? 1_555 MG ? C MG . ? A MG 101 ? 1_555 O ? E HOH . ? B HOH 102 ? 1_555 87.3  ? 
4 O ? D HOH . ? A HOH 228 ? 1_555 MG ? C MG . ? A MG 101 ? 1_555 O ? E HOH . ? B HOH 116 ? 1_555 91.7  ? 
5 O ? D HOH . ? A HOH 229 ? 1_555 MG ? C MG . ? A MG 101 ? 1_555 O ? E HOH . ? B HOH 116 ? 1_555 174.1 ? 
6 O ? E HOH . ? B HOH 102 ? 1_555 MG ? C MG . ? A MG 101 ? 1_555 O ? E HOH . ? B HOH 116 ? 1_555 88.6  ? 
# 
loop_
_pdbx_audit_revision_history.ordinal 
_pdbx_audit_revision_history.data_content_type 
_pdbx_audit_revision_history.major_revision 
_pdbx_audit_revision_history.minor_revision 
_pdbx_audit_revision_history.revision_date 
1 'Structure model' 1 0 2013-07-17 
2 'Structure model' 1 1 2023-09-20 
# 
_pdbx_audit_revision_details.ordinal             1 
_pdbx_audit_revision_details.revision_ordinal    1 
_pdbx_audit_revision_details.data_content_type   'Structure model' 
_pdbx_audit_revision_details.provider            repository 
_pdbx_audit_revision_details.type                'Initial release' 
_pdbx_audit_revision_details.description         ? 
_pdbx_audit_revision_details.details             ? 
# 
loop_
_pdbx_audit_revision_group.ordinal 
_pdbx_audit_revision_group.revision_ordinal 
_pdbx_audit_revision_group.data_content_type 
_pdbx_audit_revision_group.group 
1 2 'Structure model' 'Data collection'        
2 2 'Structure model' 'Database references'    
3 2 'Structure model' 'Derived calculations'   
4 2 'Structure model' 'Refinement description' 
# 
loop_
_pdbx_audit_revision_category.ordinal 
_pdbx_audit_revision_category.revision_ordinal 
_pdbx_audit_revision_category.data_content_type 
_pdbx_audit_revision_category.category 
1 2 'Structure model' chem_comp_atom                
2 2 'Structure model' chem_comp_bond                
3 2 'Structure model' database_2                    
4 2 'Structure model' pdbx_initial_refinement_model 
5 2 'Structure model' pdbx_struct_conn_angle        
6 2 'Structure model' struct_conn                   
7 2 'Structure model' struct_conn_type              
8 2 'Structure model' struct_site                   
# 
loop_
_pdbx_audit_revision_item.ordinal 
_pdbx_audit_revision_item.revision_ordinal 
_pdbx_audit_revision_item.data_content_type 
_pdbx_audit_revision_item.item 
1  2 'Structure model' '_database_2.pdbx_DOI'                        
2  2 'Structure model' '_database_2.pdbx_database_accession'         
3  2 'Structure model' '_pdbx_struct_conn_angle.ptnr1_auth_asym_id'  
4  2 'Structure model' '_pdbx_struct_conn_angle.ptnr1_auth_seq_id'   
5  2 'Structure model' '_pdbx_struct_conn_angle.ptnr1_label_asym_id' 
6  2 'Structure model' '_pdbx_struct_conn_angle.ptnr3_auth_asym_id'  
7  2 'Structure model' '_pdbx_struct_conn_angle.ptnr3_auth_seq_id'   
8  2 'Structure model' '_pdbx_struct_conn_angle.ptnr3_label_asym_id' 
9  2 'Structure model' '_pdbx_struct_conn_angle.value'               
10 2 'Structure model' '_struct_conn.conn_type_id'                   
11 2 'Structure model' '_struct_conn.id'                             
12 2 'Structure model' '_struct_conn.pdbx_dist_value'                
13 2 'Structure model' '_struct_conn.pdbx_leaving_atom_flag'         
14 2 'Structure model' '_struct_conn.ptnr1_auth_asym_id'             
15 2 'Structure model' '_struct_conn.ptnr1_auth_comp_id'             
16 2 'Structure model' '_struct_conn.ptnr1_auth_seq_id'              
17 2 'Structure model' '_struct_conn.ptnr1_label_asym_id'            
18 2 'Structure model' '_struct_conn.ptnr1_label_atom_id'            
19 2 'Structure model' '_struct_conn.ptnr1_label_comp_id'            
20 2 'Structure model' '_struct_conn.ptnr1_label_seq_id'             
21 2 'Structure model' '_struct_conn.ptnr2_auth_asym_id'             
22 2 'Structure model' '_struct_conn.ptnr2_auth_comp_id'             
23 2 'Structure model' '_struct_conn.ptnr2_auth_seq_id'              
24 2 'Structure model' '_struct_conn.ptnr2_label_asym_id'            
25 2 'Structure model' '_struct_conn.ptnr2_label_atom_id'            
26 2 'Structure model' '_struct_conn.ptnr2_label_comp_id'            
27 2 'Structure model' '_struct_conn.ptnr2_label_seq_id'             
28 2 'Structure model' '_struct_conn_type.id'                        
29 2 'Structure model' '_struct_site.pdbx_auth_asym_id'              
30 2 'Structure model' '_struct_site.pdbx_auth_comp_id'              
31 2 'Structure model' '_struct_site.pdbx_auth_seq_id'               
# 
loop_
_software.name 
_software.classification 
_software.version 
_software.citation_id 
_software.pdbx_ordinal 
HKL-2000 'data collection' .        ? 1 
PHASER   phasing           .        ? 2 
REFMAC   refinement        5.5.0109 ? 3 
HKL-2000 'data reduction'  .        ? 4 
HKL-2000 'data scaling'    .        ? 5 
# 
loop_
_pdbx_validate_rmsd_angle.id 
_pdbx_validate_rmsd_angle.PDB_model_num 
_pdbx_validate_rmsd_angle.auth_atom_id_1 
_pdbx_validate_rmsd_angle.auth_asym_id_1 
_pdbx_validate_rmsd_angle.auth_comp_id_1 
_pdbx_validate_rmsd_angle.auth_seq_id_1 
_pdbx_validate_rmsd_angle.PDB_ins_code_1 
_pdbx_validate_rmsd_angle.label_alt_id_1 
_pdbx_validate_rmsd_angle.auth_atom_id_2 
_pdbx_validate_rmsd_angle.auth_asym_id_2 
_pdbx_validate_rmsd_angle.auth_comp_id_2 
_pdbx_validate_rmsd_angle.auth_seq_id_2 
_pdbx_validate_rmsd_angle.PDB_ins_code_2 
_pdbx_validate_rmsd_angle.label_alt_id_2 
_pdbx_validate_rmsd_angle.auth_atom_id_3 
_pdbx_validate_rmsd_angle.auth_asym_id_3 
_pdbx_validate_rmsd_angle.auth_comp_id_3 
_pdbx_validate_rmsd_angle.auth_seq_id_3 
_pdbx_validate_rmsd_angle.PDB_ins_code_3 
_pdbx_validate_rmsd_angle.label_alt_id_3 
_pdbx_validate_rmsd_angle.angle_value 
_pdbx_validate_rmsd_angle.angle_target_value 
_pdbx_validate_rmsd_angle.angle_deviation 
_pdbx_validate_rmsd_angle.angle_standard_deviation 
_pdbx_validate_rmsd_angle.linker_flag 
1 1 "O4'" A DA 5  ? ? "C1'" A DA 5  ? ? N9 A DA 5  ? ? 103.70 108.00 -4.30 0.70 N 
2 1 "O4'" A DC 9  ? ? "C1'" A DC 9  ? ? N1 A DC 9  ? ? 101.77 108.00 -6.23 0.70 N 
3 1 "O4'" A DC 11 ? ? "C1'" A DC 11 ? ? N1 A DC 11 ? ? 102.54 108.00 -5.46 0.70 N 
4 1 "O4'" A DG 12 ? ? "C1'" A DG 12 ? ? N9 A DG 12 ? ? 103.45 108.00 -4.55 0.70 N 
5 1 "O4'" B DC 13 ? ? "C1'" B DC 13 ? ? N1 B DC 13 ? ? 103.58 108.00 -4.42 0.70 N 
6 1 "O4'" B DG 16 ? ? "C1'" B DG 16 ? ? N9 B DG 16 ? ? 111.32 108.30 3.02  0.30 N 
7 1 "C3'" B DG 16 ? ? "O3'" B DG 16 ? ? P  B DA 17 ? ? 126.93 119.70 7.23  1.20 Y 
8 1 "O4'" B DA 17 ? ? "C1'" B DA 17 ? ? N9 B DA 17 ? ? 103.56 108.00 -4.44 0.70 N 
9 1 "O4'" B DC 21 ? ? "C1'" B DC 21 ? ? N1 B DC 21 ? ? 102.00 108.00 -6.00 0.70 N 
# 
loop_
_chem_comp_atom.comp_id 
_chem_comp_atom.atom_id 
_chem_comp_atom.type_symbol 
_chem_comp_atom.pdbx_aromatic_flag 
_chem_comp_atom.pdbx_stereo_config 
_chem_comp_atom.pdbx_ordinal 
1TW O6     O  N N 1   
1TW C6     C  N N 2   
1TW C5     C  Y N 3   
1TW N7     N  Y N 4   
1TW C8     C  Y N 5   
1TW N1     N  N N 6   
1TW C2     C  N N 7   
1TW N2     N  N N 8   
1TW N3     N  N N 9   
1TW C4     C  Y N 10  
1TW N9     N  Y N 11  
1TW "C1'"  C  N R 12  
1TW "O4'"  O  N N 13  
1TW "C2'"  C  N S 14  
1TW SE2    SE N N 15  
1TW "CA'"  C  N N 16  
1TW "C3'"  C  N R 17  
1TW "O3'"  O  N N 18  
1TW "C4'"  C  N R 19  
1TW "C5'"  C  N N 20  
1TW "O5'"  O  N N 21  
1TW P      P  N N 22  
1TW OP1    O  N N 23  
1TW OP2    O  N N 24  
1TW H1     H  N N 25  
1TW H2     H  N N 26  
1TW H3     H  N N 27  
1TW H4     H  N N 28  
1TW H5     H  N N 29  
1TW H6     H  N N 30  
1TW H7     H  N N 31  
1TW H8     H  N N 32  
1TW H9     H  N N 33  
1TW H10    H  N N 34  
1TW H11    H  N N 35  
1TW H12    H  N N 36  
1TW H13    H  N N 37  
1TW H14    H  N N 38  
1TW H16    H  N N 39  
1TW OP3    O  N N 40  
1TW H15    H  N N 41  
DA  OP3    O  N N 42  
DA  P      P  N N 43  
DA  OP1    O  N N 44  
DA  OP2    O  N N 45  
DA  "O5'"  O  N N 46  
DA  "C5'"  C  N N 47  
DA  "C4'"  C  N R 48  
DA  "O4'"  O  N N 49  
DA  "C3'"  C  N S 50  
DA  "O3'"  O  N N 51  
DA  "C2'"  C  N N 52  
DA  "C1'"  C  N R 53  
DA  N9     N  Y N 54  
DA  C8     C  Y N 55  
DA  N7     N  Y N 56  
DA  C5     C  Y N 57  
DA  C6     C  Y N 58  
DA  N6     N  N N 59  
DA  N1     N  Y N 60  
DA  C2     C  Y N 61  
DA  N3     N  Y N 62  
DA  C4     C  Y N 63  
DA  HOP3   H  N N 64  
DA  HOP2   H  N N 65  
DA  "H5'"  H  N N 66  
DA  "H5''" H  N N 67  
DA  "H4'"  H  N N 68  
DA  "H3'"  H  N N 69  
DA  "HO3'" H  N N 70  
DA  "H2'"  H  N N 71  
DA  "H2''" H  N N 72  
DA  "H1'"  H  N N 73  
DA  H8     H  N N 74  
DA  H61    H  N N 75  
DA  H62    H  N N 76  
DA  H2     H  N N 77  
DC  OP3    O  N N 78  
DC  P      P  N N 79  
DC  OP1    O  N N 80  
DC  OP2    O  N N 81  
DC  "O5'"  O  N N 82  
DC  "C5'"  C  N N 83  
DC  "C4'"  C  N R 84  
DC  "O4'"  O  N N 85  
DC  "C3'"  C  N S 86  
DC  "O3'"  O  N N 87  
DC  "C2'"  C  N N 88  
DC  "C1'"  C  N R 89  
DC  N1     N  N N 90  
DC  C2     C  N N 91  
DC  O2     O  N N 92  
DC  N3     N  N N 93  
DC  C4     C  N N 94  
DC  N4     N  N N 95  
DC  C5     C  N N 96  
DC  C6     C  N N 97  
DC  HOP3   H  N N 98  
DC  HOP2   H  N N 99  
DC  "H5'"  H  N N 100 
DC  "H5''" H  N N 101 
DC  "H4'"  H  N N 102 
DC  "H3'"  H  N N 103 
DC  "HO3'" H  N N 104 
DC  "H2'"  H  N N 105 
DC  "H2''" H  N N 106 
DC  "H1'"  H  N N 107 
DC  H41    H  N N 108 
DC  H42    H  N N 109 
DC  H5     H  N N 110 
DC  H6     H  N N 111 
DG  OP3    O  N N 112 
DG  P      P  N N 113 
DG  OP1    O  N N 114 
DG  OP2    O  N N 115 
DG  "O5'"  O  N N 116 
DG  "C5'"  C  N N 117 
DG  "C4'"  C  N R 118 
DG  "O4'"  O  N N 119 
DG  "C3'"  C  N S 120 
DG  "O3'"  O  N N 121 
DG  "C2'"  C  N N 122 
DG  "C1'"  C  N R 123 
DG  N9     N  Y N 124 
DG  C8     C  Y N 125 
DG  N7     N  Y N 126 
DG  C5     C  Y N 127 
DG  C6     C  N N 128 
DG  O6     O  N N 129 
DG  N1     N  N N 130 
DG  C2     C  N N 131 
DG  N2     N  N N 132 
DG  N3     N  N N 133 
DG  C4     C  Y N 134 
DG  HOP3   H  N N 135 
DG  HOP2   H  N N 136 
DG  "H5'"  H  N N 137 
DG  "H5''" H  N N 138 
DG  "H4'"  H  N N 139 
DG  "H3'"  H  N N 140 
DG  "HO3'" H  N N 141 
DG  "H2'"  H  N N 142 
DG  "H2''" H  N N 143 
DG  "H1'"  H  N N 144 
DG  H8     H  N N 145 
DG  H1     H  N N 146 
DG  H21    H  N N 147 
DG  H22    H  N N 148 
DT  OP3    O  N N 149 
DT  P      P  N N 150 
DT  OP1    O  N N 151 
DT  OP2    O  N N 152 
DT  "O5'"  O  N N 153 
DT  "C5'"  C  N N 154 
DT  "C4'"  C  N R 155 
DT  "O4'"  O  N N 156 
DT  "C3'"  C  N S 157 
DT  "O3'"  O  N N 158 
DT  "C2'"  C  N N 159 
DT  "C1'"  C  N R 160 
DT  N1     N  N N 161 
DT  C2     C  N N 162 
DT  O2     O  N N 163 
DT  N3     N  N N 164 
DT  C4     C  N N 165 
DT  O4     O  N N 166 
DT  C5     C  N N 167 
DT  C7     C  N N 168 
DT  C6     C  N N 169 
DT  HOP3   H  N N 170 
DT  HOP2   H  N N 171 
DT  "H5'"  H  N N 172 
DT  "H5''" H  N N 173 
DT  "H4'"  H  N N 174 
DT  "H3'"  H  N N 175 
DT  "HO3'" H  N N 176 
DT  "H2'"  H  N N 177 
DT  "H2''" H  N N 178 
DT  "H1'"  H  N N 179 
DT  H3     H  N N 180 
DT  H71    H  N N 181 
DT  H72    H  N N 182 
DT  H73    H  N N 183 
DT  H6     H  N N 184 
HOH O      O  N N 185 
HOH H1     H  N N 186 
HOH H2     H  N N 187 
MG  MG     MG N N 188 
# 
loop_
_chem_comp_bond.comp_id 
_chem_comp_bond.atom_id_1 
_chem_comp_bond.atom_id_2 
_chem_comp_bond.value_order 
_chem_comp_bond.pdbx_aromatic_flag 
_chem_comp_bond.pdbx_stereo_config 
_chem_comp_bond.pdbx_ordinal 
1TW "O3'" "C3'"  sing N N 1   
1TW "CA'" SE2    sing N N 2   
1TW "C2'" "C3'"  sing N N 3   
1TW "C2'" SE2    sing N N 4   
1TW "C2'" "C1'"  sing N N 5   
1TW "C3'" "C4'"  sing N N 6   
1TW "C1'" N9     sing N N 7   
1TW "C1'" "O4'"  sing N N 8   
1TW N2    C2     sing N N 9   
1TW N3    C2     doub N N 10  
1TW N3    C4     sing N N 11  
1TW N9    C4     sing Y N 12  
1TW N9    C8     sing Y N 13  
1TW C2    N1     sing N N 14  
1TW C4    C5     doub Y N 15  
1TW "C4'" "O4'"  sing N N 16  
1TW "C4'" "C5'"  sing N N 17  
1TW C8    N7     doub Y N 18  
1TW N1    C6     sing N N 19  
1TW C5    N7     sing Y N 20  
1TW C5    C6     sing N N 21  
1TW C6    O6     doub N N 22  
1TW "O5'" "C5'"  sing N N 23  
1TW "O5'" P      sing N N 24  
1TW OP1   P      doub N N 25  
1TW P     OP2    sing N N 26  
1TW C8    H1     sing N N 27  
1TW N1    H2     sing N N 28  
1TW N2    H3     sing N N 29  
1TW N2    H4     sing N N 30  
1TW "C1'" H5     sing N N 31  
1TW "C2'" H6     sing N N 32  
1TW "CA'" H7     sing N N 33  
1TW "CA'" H8     sing N N 34  
1TW "CA'" H9     sing N N 35  
1TW "C3'" H10    sing N N 36  
1TW "O3'" H11    sing N N 37  
1TW "C4'" H12    sing N N 38  
1TW "C5'" H13    sing N N 39  
1TW "C5'" H14    sing N N 40  
1TW OP2   H16    sing N N 41  
1TW P     OP3    sing N N 42  
1TW OP3   H15    sing N N 43  
DA  OP3   P      sing N N 44  
DA  OP3   HOP3   sing N N 45  
DA  P     OP1    doub N N 46  
DA  P     OP2    sing N N 47  
DA  P     "O5'"  sing N N 48  
DA  OP2   HOP2   sing N N 49  
DA  "O5'" "C5'"  sing N N 50  
DA  "C5'" "C4'"  sing N N 51  
DA  "C5'" "H5'"  sing N N 52  
DA  "C5'" "H5''" sing N N 53  
DA  "C4'" "O4'"  sing N N 54  
DA  "C4'" "C3'"  sing N N 55  
DA  "C4'" "H4'"  sing N N 56  
DA  "O4'" "C1'"  sing N N 57  
DA  "C3'" "O3'"  sing N N 58  
DA  "C3'" "C2'"  sing N N 59  
DA  "C3'" "H3'"  sing N N 60  
DA  "O3'" "HO3'" sing N N 61  
DA  "C2'" "C1'"  sing N N 62  
DA  "C2'" "H2'"  sing N N 63  
DA  "C2'" "H2''" sing N N 64  
DA  "C1'" N9     sing N N 65  
DA  "C1'" "H1'"  sing N N 66  
DA  N9    C8     sing Y N 67  
DA  N9    C4     sing Y N 68  
DA  C8    N7     doub Y N 69  
DA  C8    H8     sing N N 70  
DA  N7    C5     sing Y N 71  
DA  C5    C6     sing Y N 72  
DA  C5    C4     doub Y N 73  
DA  C6    N6     sing N N 74  
DA  C6    N1     doub Y N 75  
DA  N6    H61    sing N N 76  
DA  N6    H62    sing N N 77  
DA  N1    C2     sing Y N 78  
DA  C2    N3     doub Y N 79  
DA  C2    H2     sing N N 80  
DA  N3    C4     sing Y N 81  
DC  OP3   P      sing N N 82  
DC  OP3   HOP3   sing N N 83  
DC  P     OP1    doub N N 84  
DC  P     OP2    sing N N 85  
DC  P     "O5'"  sing N N 86  
DC  OP2   HOP2   sing N N 87  
DC  "O5'" "C5'"  sing N N 88  
DC  "C5'" "C4'"  sing N N 89  
DC  "C5'" "H5'"  sing N N 90  
DC  "C5'" "H5''" sing N N 91  
DC  "C4'" "O4'"  sing N N 92  
DC  "C4'" "C3'"  sing N N 93  
DC  "C4'" "H4'"  sing N N 94  
DC  "O4'" "C1'"  sing N N 95  
DC  "C3'" "O3'"  sing N N 96  
DC  "C3'" "C2'"  sing N N 97  
DC  "C3'" "H3'"  sing N N 98  
DC  "O3'" "HO3'" sing N N 99  
DC  "C2'" "C1'"  sing N N 100 
DC  "C2'" "H2'"  sing N N 101 
DC  "C2'" "H2''" sing N N 102 
DC  "C1'" N1     sing N N 103 
DC  "C1'" "H1'"  sing N N 104 
DC  N1    C2     sing N N 105 
DC  N1    C6     sing N N 106 
DC  C2    O2     doub N N 107 
DC  C2    N3     sing N N 108 
DC  N3    C4     doub N N 109 
DC  C4    N4     sing N N 110 
DC  C4    C5     sing N N 111 
DC  N4    H41    sing N N 112 
DC  N4    H42    sing N N 113 
DC  C5    C6     doub N N 114 
DC  C5    H5     sing N N 115 
DC  C6    H6     sing N N 116 
DG  OP3   P      sing N N 117 
DG  OP3   HOP3   sing N N 118 
DG  P     OP1    doub N N 119 
DG  P     OP2    sing N N 120 
DG  P     "O5'"  sing N N 121 
DG  OP2   HOP2   sing N N 122 
DG  "O5'" "C5'"  sing N N 123 
DG  "C5'" "C4'"  sing N N 124 
DG  "C5'" "H5'"  sing N N 125 
DG  "C5'" "H5''" sing N N 126 
DG  "C4'" "O4'"  sing N N 127 
DG  "C4'" "C3'"  sing N N 128 
DG  "C4'" "H4'"  sing N N 129 
DG  "O4'" "C1'"  sing N N 130 
DG  "C3'" "O3'"  sing N N 131 
DG  "C3'" "C2'"  sing N N 132 
DG  "C3'" "H3'"  sing N N 133 
DG  "O3'" "HO3'" sing N N 134 
DG  "C2'" "C1'"  sing N N 135 
DG  "C2'" "H2'"  sing N N 136 
DG  "C2'" "H2''" sing N N 137 
DG  "C1'" N9     sing N N 138 
DG  "C1'" "H1'"  sing N N 139 
DG  N9    C8     sing Y N 140 
DG  N9    C4     sing Y N 141 
DG  C8    N7     doub Y N 142 
DG  C8    H8     sing N N 143 
DG  N7    C5     sing Y N 144 
DG  C5    C6     sing N N 145 
DG  C5    C4     doub Y N 146 
DG  C6    O6     doub N N 147 
DG  C6    N1     sing N N 148 
DG  N1    C2     sing N N 149 
DG  N1    H1     sing N N 150 
DG  C2    N2     sing N N 151 
DG  C2    N3     doub N N 152 
DG  N2    H21    sing N N 153 
DG  N2    H22    sing N N 154 
DG  N3    C4     sing N N 155 
DT  OP3   P      sing N N 156 
DT  OP3   HOP3   sing N N 157 
DT  P     OP1    doub N N 158 
DT  P     OP2    sing N N 159 
DT  P     "O5'"  sing N N 160 
DT  OP2   HOP2   sing N N 161 
DT  "O5'" "C5'"  sing N N 162 
DT  "C5'" "C4'"  sing N N 163 
DT  "C5'" "H5'"  sing N N 164 
DT  "C5'" "H5''" sing N N 165 
DT  "C4'" "O4'"  sing N N 166 
DT  "C4'" "C3'"  sing N N 167 
DT  "C4'" "H4'"  sing N N 168 
DT  "O4'" "C1'"  sing N N 169 
DT  "C3'" "O3'"  sing N N 170 
DT  "C3'" "C2'"  sing N N 171 
DT  "C3'" "H3'"  sing N N 172 
DT  "O3'" "HO3'" sing N N 173 
DT  "C2'" "C1'"  sing N N 174 
DT  "C2'" "H2'"  sing N N 175 
DT  "C2'" "H2''" sing N N 176 
DT  "C1'" N1     sing N N 177 
DT  "C1'" "H1'"  sing N N 178 
DT  N1    C2     sing N N 179 
DT  N1    C6     sing N N 180 
DT  C2    O2     doub N N 181 
DT  C2    N3     sing N N 182 
DT  N3    C4     sing N N 183 
DT  N3    H3     sing N N 184 
DT  C4    O4     doub N N 185 
DT  C4    C5     sing N N 186 
DT  C5    C7     sing N N 187 
DT  C5    C6     doub N N 188 
DT  C7    H71    sing N N 189 
DT  C7    H72    sing N N 190 
DT  C7    H73    sing N N 191 
DT  C6    H6     sing N N 192 
HOH O     H1     sing N N 193 
HOH O     H2     sing N N 194 
# 
_ndb_struct_conf_na.entry_id   4KW0 
_ndb_struct_conf_na.feature    'b-form double helix' 
# 
loop_
_ndb_struct_na_base_pair.model_number 
_ndb_struct_na_base_pair.i_label_asym_id 
_ndb_struct_na_base_pair.i_label_comp_id 
_ndb_struct_na_base_pair.i_label_seq_id 
_ndb_struct_na_base_pair.i_symmetry 
_ndb_struct_na_base_pair.j_label_asym_id 
_ndb_struct_na_base_pair.j_label_comp_id 
_ndb_struct_na_base_pair.j_label_seq_id 
_ndb_struct_na_base_pair.j_symmetry 
_ndb_struct_na_base_pair.shear 
_ndb_struct_na_base_pair.stretch 
_ndb_struct_na_base_pair.stagger 
_ndb_struct_na_base_pair.buckle 
_ndb_struct_na_base_pair.propeller 
_ndb_struct_na_base_pair.opening 
_ndb_struct_na_base_pair.pair_number 
_ndb_struct_na_base_pair.pair_name 
_ndb_struct_na_base_pair.i_auth_asym_id 
_ndb_struct_na_base_pair.i_auth_seq_id 
_ndb_struct_na_base_pair.i_PDB_ins_code 
_ndb_struct_na_base_pair.j_auth_asym_id 
_ndb_struct_na_base_pair.j_auth_seq_id 
_ndb_struct_na_base_pair.j_PDB_ins_code 
_ndb_struct_na_base_pair.hbond_type_28 
_ndb_struct_na_base_pair.hbond_type_12 
1 A DC  1  1_555 B DG  12 1_555 0.296  -0.162 0.065  7.052   -14.101 -1.518 1  A_DC1:DG24_B   A 1  ? B 24 ? 19 1 
1 A DG  2  1_555 B DC  11 1_555 -0.282 -0.212 0.212  3.135   -8.148  -2.529 2  A_DG2:DC23_B   A 2  ? B 23 ? 19 1 
1 A DC  3  1_555 B 1TW 10 1_555 0.118  -0.185 0.173  2.697   -7.736  -0.406 3  A_DC3:1TW22_B  A 3  ? B 22 ? 19 1 
1 A DG  4  1_555 B DC  9  1_555 -0.287 -0.111 0.077  13.526  -9.571  0.747  4  A_DG4:DC21_B   A 4  ? B 21 ? 19 1 
1 A DA  5  1_555 B DT  8  1_555 0.087  -0.110 0.013  4.005   -14.067 3.426  5  A_DA5:DT20_B   A 5  ? B 20 ? 20 1 
1 A DA  6  1_555 B DT  7  1_555 0.073  -0.141 0.096  1.063   -16.314 5.059  6  A_DA6:DT19_B   A 6  ? B 19 ? 20 1 
1 A DT  7  1_555 B DA  6  1_555 -0.046 -0.130 0.119  -0.450  -14.839 3.018  7  A_DT7:DA18_B   A 7  ? B 18 ? 20 1 
1 A DT  8  1_555 B DA  5  1_555 -0.054 -0.182 -0.080 -2.179  -12.186 2.803  8  A_DT8:DA17_B   A 8  ? B 17 ? 20 1 
1 A DC  9  1_555 B DG  4  1_555 0.195  -0.098 0.149  -13.925 -6.662  -1.072 9  A_DC9:DG16_B   A 9  ? B 16 ? 19 1 
1 A 1TW 10 1_555 B DC  3  1_555 -0.150 -0.131 0.316  4.176   -8.444  1.576  10 A_1TW10:DC15_B A 10 ? B 15 ? 19 1 
1 A DC  11 1_555 B DG  2  1_555 0.100  -0.158 0.193  0.587   -18.813 -2.116 11 A_DC11:DG14_B  A 11 ? B 14 ? 19 1 
1 A DG  12 1_555 B DC  1  1_555 -0.211 -0.164 0.289  3.699   -7.725  -1.534 12 A_DG12:DC13_B  A 12 ? B 13 ? 19 1 
# 
loop_
_ndb_struct_na_base_pair_step.model_number 
_ndb_struct_na_base_pair_step.i_label_asym_id_1 
_ndb_struct_na_base_pair_step.i_label_comp_id_1 
_ndb_struct_na_base_pair_step.i_label_seq_id_1 
_ndb_struct_na_base_pair_step.i_symmetry_1 
_ndb_struct_na_base_pair_step.j_label_asym_id_1 
_ndb_struct_na_base_pair_step.j_label_comp_id_1 
_ndb_struct_na_base_pair_step.j_label_seq_id_1 
_ndb_struct_na_base_pair_step.j_symmetry_1 
_ndb_struct_na_base_pair_step.i_label_asym_id_2 
_ndb_struct_na_base_pair_step.i_label_comp_id_2 
_ndb_struct_na_base_pair_step.i_label_seq_id_2 
_ndb_struct_na_base_pair_step.i_symmetry_2 
_ndb_struct_na_base_pair_step.j_label_asym_id_2 
_ndb_struct_na_base_pair_step.j_label_comp_id_2 
_ndb_struct_na_base_pair_step.j_label_seq_id_2 
_ndb_struct_na_base_pair_step.j_symmetry_2 
_ndb_struct_na_base_pair_step.shift 
_ndb_struct_na_base_pair_step.slide 
_ndb_struct_na_base_pair_step.rise 
_ndb_struct_na_base_pair_step.tilt 
_ndb_struct_na_base_pair_step.roll 
_ndb_struct_na_base_pair_step.twist 
_ndb_struct_na_base_pair_step.x_displacement 
_ndb_struct_na_base_pair_step.y_displacement 
_ndb_struct_na_base_pair_step.helical_rise 
_ndb_struct_na_base_pair_step.inclination 
_ndb_struct_na_base_pair_step.tip 
_ndb_struct_na_base_pair_step.helical_twist 
_ndb_struct_na_base_pair_step.step_number 
_ndb_struct_na_base_pair_step.step_name 
_ndb_struct_na_base_pair_step.i_auth_asym_id_1 
_ndb_struct_na_base_pair_step.i_auth_seq_id_1 
_ndb_struct_na_base_pair_step.i_PDB_ins_code_1 
_ndb_struct_na_base_pair_step.j_auth_asym_id_1 
_ndb_struct_na_base_pair_step.j_auth_seq_id_1 
_ndb_struct_na_base_pair_step.j_PDB_ins_code_1 
_ndb_struct_na_base_pair_step.i_auth_asym_id_2 
_ndb_struct_na_base_pair_step.i_auth_seq_id_2 
_ndb_struct_na_base_pair_step.i_PDB_ins_code_2 
_ndb_struct_na_base_pair_step.j_auth_asym_id_2 
_ndb_struct_na_base_pair_step.j_auth_seq_id_2 
_ndb_struct_na_base_pair_step.j_PDB_ins_code_2 
1 A DC  1  1_555 B DG  12 1_555 A DG  2  1_555 B DC  11 1_555 0.342  0.121  3.369 0.660  4.702   34.133 -0.551 -0.471 3.361 7.963 
-1.118 34.451 1  AA_DC1DG2:DC23DG24_BB    A 1  ? B 24 ? A 2  ? B 23 ? 
1 A DG  2  1_555 B DC  11 1_555 A DC  3  1_555 B 1TW 10 1_555 0.745  0.250  3.340 0.730  -3.344  41.060 0.723  -0.979 3.323 -4.758 
-1.039 41.197 2  AA_DG2DC3:1TW22DC23_BB   A 2  ? B 23 ? A 3  ? B 22 ? 
1 A DC  3  1_555 B 1TW 10 1_555 A DG  4  1_555 B DC  9  1_555 -0.303 0.241  3.099 1.829  9.900   25.137 -1.898 1.094  2.950 21.670 
-4.004 27.048 3  AA_DC3DG4:DC211TW22_BB   A 3  ? B 22 ? A 4  ? B 21 ? 
1 A DG  4  1_555 B DC  9  1_555 A DA  5  1_555 B DT  8  1_555 -0.063 -0.242 3.415 -0.903 1.469   40.687 -0.517 -0.013 3.406 2.111 
1.298  40.722 4  AA_DG4DA5:DT20DC21_BB    A 4  ? B 21 ? A 5  ? B 20 ? 
1 A DA  5  1_555 B DT  8  1_555 A DA  6  1_555 B DT  7  1_555 -0.019 -0.344 3.266 -0.890 -1.041  35.965 -0.409 -0.097 3.274 -1.686 
1.441  35.990 5  AA_DA5DA6:DT19DT20_BB    A 5  ? B 20 ? A 6  ? B 19 ? 
1 A DA  6  1_555 B DT  7  1_555 A DT  7  1_555 B DA  6  1_555 0.088  -0.587 3.248 -0.310 -2.395  31.640 -0.635 -0.218 3.281 -4.384 
0.567  31.729 6  AA_DA6DT7:DA18DT19_BB    A 6  ? B 19 ? A 7  ? B 18 ? 
1 A DT  7  1_555 B DA  6  1_555 A DT  8  1_555 B DA  5  1_555 -0.061 -0.505 3.208 1.955  -1.534  34.424 -0.618 0.400  3.218 -2.588 
-3.299 34.511 7  AA_DT7DT8:DA17DA18_BB    A 7  ? B 18 ? A 8  ? B 17 ? 
1 A DT  8  1_555 B DA  5  1_555 A DC  9  1_555 B DG  4  1_555 -0.155 -0.340 3.518 -0.602 -2.259  42.071 -0.222 0.148  3.532 -3.144 
0.838  42.133 8  AA_DT8DC9:DG16DA17_BB    A 8  ? B 17 ? A 9  ? B 16 ? 
1 A DC  9  1_555 B DG  4  1_555 A 1TW 10 1_555 B DC  3  1_555 0.575  0.538  2.963 -2.625 4.660   25.039 0.008  -1.978 2.938 10.594 
5.968  25.595 9  AA_DC91TW10:DC15DG16_BB  A 9  ? B 16 ? A 10 ? B 15 ? 
1 A 1TW 10 1_555 B DC  3  1_555 A DC  11 1_555 B DG  2  1_555 -1.289 0.616  3.418 -1.561 -11.574 44.294 1.833  1.519  3.210 
-15.043 2.029  45.732 10 AA_1TW10DC11:DG14DC15_BB A 10 ? B 15 ? A 11 ? B 14 ? 
1 A DC  11 1_555 B DG  2  1_555 A DG  12 1_555 B DC  1  1_555 -0.236 0.329  3.188 -0.884 6.448   32.784 -0.480 0.267  3.198 11.286 
1.546  33.407 11 AA_DC11DG12:DC13DG14_BB  A 11 ? B 14 ? A 12 ? B 13 ? 
# 
loop_
_pdbx_entity_nonpoly.entity_id 
_pdbx_entity_nonpoly.name 
_pdbx_entity_nonpoly.comp_id 
2 'MAGNESIUM ION' MG  
3 water           HOH 
# 
_pdbx_initial_refinement_model.id               1 
_pdbx_initial_refinement_model.entity_id_list   ? 
_pdbx_initial_refinement_model.type             'experimental model' 
_pdbx_initial_refinement_model.source_name      PDB 
_pdbx_initial_refinement_model.accession_code   1BNA 
_pdbx_initial_refinement_model.details          ? 
# 
